data_4N41
#
_entry.id   4N41
#
_cell.length_a   59.513
_cell.length_b   101.699
_cell.length_c   153.019
_cell.angle_alpha   90.00
_cell.angle_beta   93.52
_cell.angle_gamma   90.00
#
_symmetry.space_group_name_H-M   'P 1 21 1'
#
loop_
_entity.id
_entity.type
_entity.pdbx_description
1 polymer Argonaute
2 polymer "5'-D(P*TP*GP*AP*GP*GP*TP*AP*GP*TP*AP*GP*GP*TP*T*GP*TP*AP*TP*AP*GP*T)-3'"
3 polymer "5'-D(P*AP*CP*CP*TP*AP*CP*TP*AP*CP*CP*TP*CP*G)-3'"
4 polymer "5'-D(*AP*AP*CP*CP*TP*AP*CP*TP*GP*CP*CP*TP*CP*G)-3'"
5 non-polymer 'MAGNESIUM ION'
6 water water
#
loop_
_entity_poly.entity_id
_entity_poly.type
_entity_poly.pdbx_seq_one_letter_code
_entity_poly.pdbx_strand_id
1 'polypeptide(L)'
;MNHLGKTEVFLNRFALRPLNPEELRPWRLEVVLDPPPGREEVYPLLAQVARRAGGVTVRMGDGLASWSPPEVLVLEGTLA
RMGQTYAYRLYPKGRRPLDPKDPGERSVLSALARRLLQERLRRLEGVWVEGLAVYRREHARGPGWRVLGGAVLDLWVSDS
GAFLLEVDPAYRILCEMSLEAWLAQGHPLPKRVRNAYDRRTWELLRLGEEDPKELPLPGGLSLLDYHASKGRLQGREGGR
VAWVADPKDPRKPIPHLTGLLVPVLTLEDLHEEEGSLALSLPWEERRRRTREIASWIGRRLGLGTPEAVRAQAYRLSIPK
LMGRRAVSKPADALRVGFYRAQETALALLRLDGAQGWPEFLRRALLRAFGASGASLRLHTLHAHPSQGLAFREALRKAKE
EGVQAVLVLTPPMAWEDRNRLKALLLREGLPSQILNVPLREEERHRWENALLGLLAKAGLQVVALSGAYPAELAVGFDAG
GRESFRFGGAACAVGGDGGHLLWTLPEAQAGERIPQEVVWDLLEETLWAFRRKAGRLPSRVLLLRDGRVPQDEFALALEA
LAREGIAYDLVSVRKSGGGRVYPVQGRLADGLYVPLEDKTFLLLTVHRDFRGTPRPLKLVHEAGDTPLEALAHQIFHLTR
LYPASGFAFPRLPAPLHLADRLVKEVGRLGIRHLKEVDREKLFFV
;
A,B
2 'polydeoxyribonucleotide'
;(DT)(DG)(DA)(DG)(DG)(DT)(DA)(DG)(DT)(DA)(DG)(DG)(DT)(DT)(DG)(DT)(DA)(DT)(DA)(DG)
(DT)
;
C,E
3 'polydeoxyribonucleotide' (DA)(DC)(DC)(DT)(DA)(DC)(DT)(DA)(DC)(DC)(DT)(DC)(DG) D
4 'polydeoxyribonucleotide' (DA)(DA)(DC)(DC)(DT)(DA)(DC)(DT)(DA)(DC)(DC)(DT)(DC)(DG) F
#
# COMPACT_ATOMS: atom_id res chain seq x y z
N GLY A 5 35.82 19.72 -0.45
CA GLY A 5 35.51 18.65 0.48
C GLY A 5 34.38 19.02 1.43
N LYS A 6 34.58 18.75 2.72
CA LYS A 6 33.55 19.00 3.73
C LYS A 6 33.59 20.38 4.35
N THR A 7 32.42 20.81 4.79
CA THR A 7 32.28 22.04 5.52
C THR A 7 31.09 21.80 6.42
N GLU A 8 30.89 22.68 7.38
CA GLU A 8 29.73 22.58 8.23
C GLU A 8 29.02 23.91 8.12
N VAL A 9 27.70 23.87 8.18
CA VAL A 9 26.90 25.09 8.09
C VAL A 9 25.89 25.13 9.19
N PHE A 10 25.38 26.33 9.45
CA PHE A 10 24.20 26.54 10.24
C PHE A 10 23.03 26.70 9.30
N LEU A 11 21.88 26.13 9.67
CA LEU A 11 20.61 26.49 9.06
C LEU A 11 19.99 27.62 9.89
N ASN A 12 19.00 28.31 9.37
CA ASN A 12 18.32 29.27 10.19
C ASN A 12 17.29 28.71 11.14
N ARG A 13 17.36 27.50 11.44
CA ARG A 13 16.56 26.90 12.50
C ARG A 13 17.26 26.54 13.81
N PHE A 14 16.47 26.36 14.86
CA PHE A 14 16.97 26.23 16.22
C PHE A 14 16.22 25.13 16.95
N ALA A 15 16.96 24.23 17.58
CA ALA A 15 16.34 23.16 18.36
C ALA A 15 15.91 23.71 19.71
N LEU A 16 14.69 23.38 20.09
CA LEU A 16 14.16 23.68 21.40
C LEU A 16 13.85 22.36 22.08
N ARG A 17 13.20 22.40 23.24
CA ARG A 17 13.00 21.19 24.03
C ARG A 17 12.10 20.15 23.37
N PRO A 18 12.32 18.87 23.68
CA PRO A 18 11.42 17.83 23.19
C PRO A 18 10.01 18.06 23.71
N LEU A 19 9.01 17.53 23.01
CA LEU A 19 7.64 17.67 23.46
C LEU A 19 7.43 16.82 24.71
N ASN A 20 6.67 17.34 25.67
CA ASN A 20 6.35 16.57 26.85
C ASN A 20 5.18 15.62 26.52
N PRO A 21 4.94 14.61 27.37
CA PRO A 21 3.81 13.69 27.12
C PRO A 21 2.47 14.40 26.93
N GLU A 22 2.22 15.46 27.68
CA GLU A 22 0.97 16.19 27.55
C GLU A 22 0.81 16.75 26.12
N GLU A 23 1.92 17.18 25.54
CA GLU A 23 1.91 17.76 24.19
C GLU A 23 1.86 16.66 23.12
N LEU A 24 2.43 15.51 23.42
CA LEU A 24 2.38 14.36 22.51
C LEU A 24 1.01 13.70 22.58
N ARG A 25 0.19 14.16 23.52
CA ARG A 25 -1.15 13.65 23.74
C ARG A 25 -2.22 14.74 23.62
N PRO A 26 -2.53 15.15 22.38
CA PRO A 26 -3.53 16.19 22.18
C PRO A 26 -4.95 15.74 22.51
N TRP A 27 -5.72 16.70 23.01
CA TRP A 27 -7.15 16.55 23.22
C TRP A 27 -7.85 16.38 21.87
N ARG A 28 -8.49 15.24 21.68
CA ARG A 28 -9.26 14.99 20.47
C ARG A 28 -10.71 15.44 20.66
N LEU A 29 -11.30 16.00 19.61
CA LEU A 29 -12.66 16.51 19.62
C LEU A 29 -13.24 16.43 18.21
N GLU A 30 -14.02 15.39 17.93
CA GLU A 30 -14.68 15.26 16.63
C GLU A 30 -15.75 16.33 16.45
N VAL A 31 -16.04 16.67 15.20
CA VAL A 31 -16.99 17.75 14.92
C VAL A 31 -18.13 17.28 14.02
N VAL A 32 -19.32 17.83 14.27
CA VAL A 32 -20.49 17.52 13.46
C VAL A 32 -21.03 18.78 12.79
N LEU A 33 -21.17 18.74 11.47
CA LEU A 33 -21.65 19.88 10.70
C LEU A 33 -22.71 19.47 9.67
N ASP A 34 -23.70 20.34 9.47
CA ASP A 34 -24.78 20.05 8.54
C ASP A 34 -24.69 20.93 7.29
N PRO A 35 -24.45 20.32 6.11
CA PRO A 35 -24.19 18.88 5.95
C PRO A 35 -22.71 18.55 6.02
N PRO A 44 -11.97 20.64 4.71
CA PRO A 44 -12.71 21.78 4.17
C PRO A 44 -12.65 23.02 5.06
N LEU A 45 -13.98 23.71 5.81
CA LEU A 45 -13.82 24.84 6.71
C LEU A 45 -13.52 24.38 8.12
N LEU A 46 -12.92 23.21 8.23
CA LEU A 46 -12.50 22.68 9.53
C LEU A 46 -11.56 23.67 10.22
N ALA A 47 -10.75 24.34 9.40
CA ALA A 47 -9.87 25.40 9.89
C ALA A 47 -10.68 26.51 10.56
N GLN A 48 -11.76 26.92 9.91
CA GLN A 48 -12.64 27.96 10.44
C GLN A 48 -13.20 27.52 11.79
N VAL A 49 -13.53 26.23 11.88
CA VAL A 49 -14.00 25.63 13.11
C VAL A 49 -12.94 25.77 14.20
N ALA A 50 -11.71 25.39 13.86
CA ALA A 50 -10.57 25.47 14.79
C ALA A 50 -10.35 26.89 15.29
N ARG A 51 -10.55 27.87 14.42
CA ARG A 51 -10.39 29.27 14.78
C ARG A 51 -11.49 29.73 15.73
N ARG A 52 -12.74 29.45 15.34
CA ARG A 52 -13.89 29.86 16.14
C ARG A 52 -13.87 29.21 17.53
N ALA A 53 -13.33 28.00 17.59
CA ALA A 53 -13.25 27.27 18.84
C ALA A 53 -12.34 28.00 19.82
N GLY A 54 -11.31 28.65 19.28
CA GLY A 54 -10.35 29.38 20.09
C GLY A 54 -9.25 28.46 20.59
N GLY A 55 -8.32 29.00 21.37
CA GLY A 55 -7.24 28.19 21.91
C GLY A 55 -6.29 27.63 20.87
N VAL A 56 -5.44 26.71 21.30
CA VAL A 56 -4.47 26.09 20.41
C VAL A 56 -5.05 24.81 19.80
N THR A 57 -5.85 24.98 18.74
CA THR A 57 -6.56 23.86 18.12
C THR A 57 -6.42 23.83 16.60
N VAL A 58 -6.21 22.64 16.05
CA VAL A 58 -6.10 22.45 14.61
C VAL A 58 -6.93 21.24 14.12
N ARG A 59 -7.02 21.11 12.79
CA ARG A 59 -7.68 19.96 12.18
C ARG A 59 -6.88 18.68 12.38
N MET A 60 -7.55 17.60 12.77
CA MET A 60 -6.94 16.29 12.78
C MET A 60 -7.87 15.26 12.15
N GLY A 61 -7.61 14.91 10.89
CA GLY A 61 -8.50 14.06 10.14
C GLY A 61 -9.81 14.78 9.90
N ASP A 62 -10.91 14.19 10.38
CA ASP A 62 -12.21 14.85 10.32
C ASP A 62 -12.57 15.32 11.72
N GLY A 63 -11.57 15.43 12.58
CA GLY A 63 -11.76 15.90 13.94
C GLY A 63 -10.80 17.01 14.29
N LEU A 64 -10.69 17.30 15.58
CA LEU A 64 -9.90 18.43 16.05
C LEU A 64 -8.93 18.03 17.14
N ALA A 65 -7.70 18.49 17.04
CA ALA A 65 -6.74 18.26 18.12
C ALA A 65 -6.42 19.59 18.77
N SER A 66 -6.25 19.58 20.08
CA SER A 66 -6.00 20.82 20.81
C SER A 66 -5.07 20.54 21.98
N TRP A 67 -4.23 21.53 22.31
CA TRP A 67 -3.35 21.41 23.47
C TRP A 67 -3.98 22.17 24.62
N SER A 68 -5.09 22.81 24.33
CA SER A 68 -5.85 23.53 25.34
C SER A 68 -6.93 22.61 25.91
N PRO A 69 -7.06 22.59 27.23
CA PRO A 69 -8.11 21.84 27.93
C PRO A 69 -9.49 22.37 27.56
N PRO A 70 -10.50 21.50 27.51
CA PRO A 70 -11.88 21.84 27.11
C PRO A 70 -12.48 22.98 27.93
N GLU A 71 -11.90 23.28 29.08
CA GLU A 71 -12.38 24.34 29.96
C GLU A 71 -12.42 25.71 29.28
N VAL A 72 -11.56 25.90 28.27
CA VAL A 72 -11.46 27.18 27.59
C VAL A 72 -12.04 27.22 26.17
N LEU A 73 -12.50 26.08 25.67
CA LEU A 73 -13.08 26.04 24.32
C LEU A 73 -14.51 26.57 24.26
N VAL A 74 -14.88 27.02 23.07
CA VAL A 74 -16.27 27.35 22.77
C VAL A 74 -16.84 26.30 21.83
N LEU A 75 -17.32 25.20 22.42
CA LEU A 75 -17.84 24.08 21.65
C LEU A 75 -19.07 24.51 20.86
N GLU A 76 -20.11 24.89 21.59
CA GLU A 76 -21.32 25.42 20.98
C GLU A 76 -21.06 26.82 20.46
N GLY A 77 -20.87 26.93 19.15
CA GLY A 77 -20.75 28.24 18.53
C GLY A 77 -21.57 28.33 17.27
N THR A 78 -21.41 29.44 16.55
CA THR A 78 -22.15 29.67 15.32
C THR A 78 -21.19 30.03 14.19
N LEU A 79 -20.70 29.01 13.49
CA LEU A 79 -19.79 29.24 12.37
C LEU A 79 -20.51 29.92 11.22
N ALA A 80 -20.03 31.10 10.83
CA ALA A 80 -20.61 31.84 9.73
C ALA A 80 -19.69 31.81 8.50
N ARG A 81 -19.97 30.87 7.59
CA ARG A 81 -19.18 30.73 6.37
C ARG A 81 -19.56 31.80 5.33
N MET A 82 -19.04 31.64 4.12
CA MET A 82 -19.29 32.61 3.05
C MET A 82 -20.33 32.10 2.06
N GLY A 83 -20.60 30.79 2.12
CA GLY A 83 -21.59 30.18 1.27
C GLY A 83 -22.80 29.74 2.08
N GLN A 84 -22.57 28.86 3.04
CA GLN A 84 -23.65 28.32 3.86
C GLN A 84 -23.34 28.42 5.35
N THR A 85 -24.25 29.05 6.10
CA THR A 85 -24.15 29.09 7.55
C THR A 85 -24.28 27.68 8.12
N TYR A 86 -23.20 27.17 8.74
CA TYR A 86 -23.18 25.80 9.23
C TYR A 86 -23.31 25.72 10.75
N ALA A 87 -23.52 24.50 11.25
CA ALA A 87 -23.75 24.28 12.68
C ALA A 87 -22.48 23.77 13.39
N TYR A 88 -22.11 24.43 14.48
CA TYR A 88 -20.88 24.09 15.20
C TYR A 88 -21.14 23.17 16.39
N ARG A 89 -20.77 21.90 16.23
CA ARG A 89 -20.87 20.91 17.30
C ARG A 89 -19.59 20.10 17.42
N LEU A 90 -18.82 20.33 18.48
CA LEU A 90 -17.58 19.61 18.72
C LEU A 90 -17.70 18.72 19.97
N TYR A 91 -17.14 17.52 19.91
CA TYR A 91 -17.30 16.55 20.99
C TYR A 91 -16.00 15.83 21.37
N PRO A 92 -15.60 15.97 22.65
CA PRO A 92 -14.39 15.38 23.25
C PRO A 92 -14.25 13.86 23.08
N LYS A 93 -13.28 13.43 22.28
CA LYS A 93 -13.01 12.01 22.06
C LYS A 93 -11.85 11.51 22.93
N GLY A 94 -11.61 12.17 24.06
CA GLY A 94 -10.49 11.80 24.92
C GLY A 94 -9.17 12.34 24.40
N ARG A 95 -8.08 11.66 24.70
CA ARG A 95 -6.74 12.07 24.26
C ARG A 95 -6.21 11.09 23.22
N ARG A 96 -5.42 11.59 22.26
CA ARG A 96 -4.91 10.70 21.21
C ARG A 96 -3.40 10.80 21.04
N PRO A 97 -2.70 9.64 21.12
CA PRO A 97 -1.25 9.55 20.96
C PRO A 97 -0.78 9.72 19.52
N LEU A 98 0.18 10.63 19.31
CA LEU A 98 0.76 10.86 17.99
C LEU A 98 2.23 10.48 17.94
N ASP A 99 2.62 9.78 16.88
CA ASP A 99 3.99 9.33 16.72
C ASP A 99 4.70 10.27 15.75
N PRO A 100 5.67 11.06 16.27
CA PRO A 100 6.45 12.02 15.50
C PRO A 100 7.13 11.38 14.29
N LYS A 101 7.27 10.06 14.33
CA LYS A 101 7.85 9.33 13.21
C LYS A 101 6.82 9.22 12.09
N ASP A 102 5.55 9.36 12.43
CA ASP A 102 4.48 9.29 11.44
C ASP A 102 4.17 10.68 10.91
N PRO A 103 4.40 10.88 9.60
CA PRO A 103 4.24 12.15 8.88
C PRO A 103 2.93 12.89 9.14
N GLY A 104 1.79 12.22 9.02
CA GLY A 104 0.51 12.90 9.21
C GLY A 104 0.35 13.42 10.63
N GLU A 105 0.67 12.54 11.58
CA GLU A 105 0.55 12.88 13.00
C GLU A 105 1.55 13.98 13.38
N ARG A 106 2.78 13.87 12.87
CA ARG A 106 3.78 14.90 13.13
C ARG A 106 3.34 16.21 12.52
N SER A 107 2.61 16.14 11.41
CA SER A 107 2.07 17.32 10.75
C SER A 107 1.01 17.96 11.65
N VAL A 108 0.25 17.11 12.34
CA VAL A 108 -0.71 17.62 13.32
C VAL A 108 0.01 18.35 14.47
N LEU A 109 1.02 17.68 15.02
CA LEU A 109 1.81 18.26 16.11
C LEU A 109 2.44 19.60 15.70
N SER A 110 2.95 19.65 14.48
CA SER A 110 3.57 20.84 13.94
C SER A 110 2.56 21.96 13.76
N ALA A 111 1.36 21.62 13.27
CA ALA A 111 0.32 22.65 13.13
C ALA A 111 -0.03 23.23 14.50
N LEU A 112 -0.04 22.36 15.50
CA LEU A 112 -0.24 22.77 16.89
C LEU A 112 0.88 23.72 17.38
N ALA A 113 2.12 23.39 17.04
CA ALA A 113 3.27 24.21 17.38
C ALA A 113 3.12 25.61 16.79
N ARG A 114 2.75 25.63 15.51
CA ARG A 114 2.50 26.87 14.77
C ARG A 114 1.42 27.72 15.43
N ARG A 115 0.31 27.07 15.79
CA ARG A 115 -0.79 27.78 16.44
C ARG A 115 -0.34 28.35 17.78
N LEU A 116 0.46 27.58 18.51
CA LEU A 116 1.06 28.03 19.76
C LEU A 116 1.87 29.32 19.53
N LEU A 117 2.76 29.28 18.55
CA LEU A 117 3.59 30.42 18.22
C LEU A 117 2.75 31.65 17.89
N GLN A 118 1.71 31.45 17.07
CA GLN A 118 0.85 32.56 16.69
C GLN A 118 0.13 33.15 17.90
N GLU A 119 -0.33 32.28 18.80
CA GLU A 119 -1.05 32.76 19.98
C GLU A 119 -0.15 33.54 20.92
N ARG A 120 1.06 33.04 21.15
CA ARG A 120 1.95 33.76 22.04
C ARG A 120 2.50 35.02 21.39
N LEU A 121 2.56 35.05 20.06
CA LEU A 121 2.92 36.28 19.37
C LEU A 121 1.82 37.30 19.55
N ARG A 122 0.57 36.85 19.51
CA ARG A 122 -0.56 37.76 19.59
C ARG A 122 -0.65 38.42 20.95
N ARG A 123 -0.17 37.71 21.98
CA ARG A 123 -0.18 38.21 23.35
C ARG A 123 1.08 39.03 23.69
N LEU A 124 1.70 39.64 22.69
CA LEU A 124 2.87 40.50 22.94
C LEU A 124 2.47 41.98 22.85
N GLU A 125 3.09 42.80 23.68
CA GLU A 125 2.85 44.24 23.64
C GLU A 125 4.10 44.98 23.18
N GLY A 126 3.90 46.04 22.40
CA GLY A 126 5.01 46.90 22.00
C GLY A 126 5.65 46.56 20.68
N VAL A 127 5.15 45.50 20.01
CA VAL A 127 5.72 45.10 18.72
C VAL A 127 4.66 45.02 17.63
N TRP A 128 5.07 45.27 16.39
CA TRP A 128 4.18 45.10 15.26
C TRP A 128 4.11 43.63 14.83
N VAL A 129 2.94 43.03 14.93
CA VAL A 129 2.78 41.61 14.65
C VAL A 129 1.90 41.42 13.43
N GLU A 130 2.36 40.57 12.51
CA GLU A 130 1.62 40.26 11.31
C GLU A 130 1.77 38.77 11.04
N GLY A 131 0.78 38.00 11.49
CA GLY A 131 0.81 36.56 11.32
C GLY A 131 1.89 35.92 12.17
N LEU A 132 2.82 35.25 11.50
CA LEU A 132 3.96 34.69 12.18
C LEU A 132 5.18 35.61 12.01
N ALA A 133 4.94 36.90 11.76
CA ALA A 133 6.05 37.85 11.66
C ALA A 133 6.01 38.87 12.79
N VAL A 134 7.15 39.15 13.40
CA VAL A 134 7.22 40.23 14.38
C VAL A 134 8.29 41.24 13.99
N TYR A 135 8.00 42.51 14.19
CA TYR A 135 8.95 43.59 13.87
C TYR A 135 9.17 44.43 15.12
N ARG A 136 10.40 44.38 15.66
CA ARG A 136 10.69 45.05 16.92
C ARG A 136 11.43 46.38 16.71
N ARG A 137 12.55 46.37 16.01
CA ARG A 137 13.37 47.59 15.96
C ARG A 137 12.85 48.59 14.96
N GLU A 138 13.24 49.83 15.14
CA GLU A 138 13.00 50.85 14.14
C GLU A 138 14.30 51.04 13.34
N HIS A 139 14.17 50.99 12.02
CA HIS A 139 15.34 50.96 11.14
C HIS A 139 15.50 52.27 10.39
N ALA A 140 14.38 52.94 10.15
CA ALA A 140 14.37 54.20 9.41
C ALA A 140 13.02 54.89 9.55
N ARG A 141 12.99 56.21 9.40
CA ARG A 141 11.78 56.99 9.67
C ARG A 141 11.43 58.08 8.67
N GLY A 142 10.13 58.43 8.63
CA GLY A 142 9.57 59.52 7.85
C GLY A 142 9.37 60.74 8.76
N PRO A 143 8.64 61.80 8.39
CA PRO A 143 7.97 62.13 7.12
C PRO A 143 6.69 61.33 6.87
N GLY A 144 6.12 60.75 7.91
CA GLY A 144 4.84 60.08 7.76
C GLY A 144 4.91 58.57 7.67
N TRP A 145 6.12 58.03 7.83
CA TRP A 145 6.34 56.60 7.68
C TRP A 145 7.46 56.09 8.58
N ARG A 146 7.56 54.78 8.70
CA ARG A 146 8.72 54.16 9.31
C ARG A 146 8.92 52.74 8.80
N VAL A 147 10.15 52.25 8.95
CA VAL A 147 10.50 50.90 8.56
C VAL A 147 10.93 50.17 9.82
N LEU A 148 10.25 49.07 10.11
CA LEU A 148 10.59 48.29 11.28
C LEU A 148 11.35 47.06 10.84
N GLY A 149 12.24 46.60 11.71
CA GLY A 149 13.00 45.40 11.48
C GLY A 149 12.55 44.32 12.45
N GLY A 150 12.51 43.09 11.94
CA GLY A 150 12.16 41.95 12.76
C GLY A 150 12.43 40.67 12.00
N ALA A 151 11.50 39.72 12.09
CA ALA A 151 11.71 38.45 11.44
C ALA A 151 10.39 37.73 11.17
N VAL A 152 10.40 36.91 10.12
CA VAL A 152 9.34 35.97 9.88
C VAL A 152 9.71 34.73 10.65
N LEU A 153 8.76 34.20 11.41
CA LEU A 153 9.02 33.05 12.27
C LEU A 153 8.21 31.82 11.85
N ASP A 154 8.67 30.65 12.26
CA ASP A 154 7.87 29.42 12.13
C ASP A 154 8.24 28.46 13.27
N LEU A 155 7.32 27.58 13.66
CA LEU A 155 7.60 26.70 14.78
C LEU A 155 6.91 25.35 14.50
N TRP A 156 7.69 24.27 14.47
CA TRP A 156 7.10 22.97 14.19
C TRP A 156 7.74 21.87 15.03
N VAL A 157 7.48 20.61 14.67
CA VAL A 157 7.96 19.49 15.47
C VAL A 157 8.77 18.52 14.61
N SER A 158 9.90 18.04 15.15
CA SER A 158 10.81 17.17 14.40
C SER A 158 10.36 15.70 14.42
N ASP A 159 11.09 14.86 13.67
CA ASP A 159 10.88 13.42 13.71
C ASP A 159 11.20 12.87 15.09
N SER A 160 12.15 13.52 15.75
CA SER A 160 12.62 13.07 17.05
C SER A 160 11.77 13.65 18.17
N GLY A 161 10.68 14.31 17.79
CA GLY A 161 9.74 14.84 18.75
C GLY A 161 10.24 16.02 19.55
N ALA A 162 10.88 16.98 18.88
CA ALA A 162 11.29 18.20 19.55
C ALA A 162 10.84 19.43 18.76
N PHE A 163 10.72 20.57 19.44
CA PHE A 163 10.37 21.81 18.74
C PHE A 163 11.50 22.31 17.85
N LEU A 164 11.12 22.87 16.72
CA LEU A 164 12.06 23.51 15.82
C LEU A 164 11.56 24.90 15.50
N LEU A 165 12.44 25.87 15.68
CA LEU A 165 12.14 27.27 15.45
C LEU A 165 12.83 27.70 14.17
N GLU A 166 12.13 28.38 13.28
CA GLU A 166 12.76 28.97 12.12
C GLU A 166 12.66 30.49 12.24
N VAL A 167 13.73 31.18 11.87
CA VAL A 167 13.78 32.63 11.97
C VAL A 167 14.42 33.22 10.72
N ASP A 168 13.79 34.23 10.12
CA ASP A 168 14.48 34.93 9.02
C ASP A 168 14.17 36.41 9.06
N PRO A 169 15.22 37.23 9.24
CA PRO A 169 15.06 38.68 9.34
C PRO A 169 14.30 39.25 8.16
N ALA A 170 13.54 40.33 8.41
CA ALA A 170 12.78 40.98 7.37
C ALA A 170 12.41 42.38 7.84
N TYR A 171 12.29 43.29 6.89
CA TYR A 171 11.82 44.64 7.19
C TYR A 171 10.36 44.81 6.78
N ARG A 172 9.69 45.75 7.43
CA ARG A 172 8.31 46.06 7.11
C ARG A 172 8.16 47.57 6.99
N ILE A 173 7.56 47.99 5.88
CA ILE A 173 7.35 49.40 5.61
C ILE A 173 5.94 49.78 6.02
N LEU A 174 5.84 50.74 6.91
CA LEU A 174 4.56 51.15 7.47
C LEU A 174 4.33 52.64 7.31
N CYS A 175 3.11 52.98 6.89
CA CYS A 175 2.64 54.36 6.87
C CYS A 175 1.91 54.60 8.20
N GLU A 176 2.03 55.79 8.75
CA GLU A 176 1.38 56.04 10.03
C GLU A 176 0.34 57.16 9.99
N MET A 177 0.17 57.76 8.82
CA MET A 177 -0.87 58.75 8.64
C MET A 177 -1.92 58.24 7.67
N SER A 178 -3.04 58.94 7.59
CA SER A 178 -4.08 58.58 6.65
C SER A 178 -3.70 58.95 5.23
N LEU A 179 -4.47 58.46 4.27
CA LEU A 179 -4.27 58.78 2.87
C LEU A 179 -4.40 60.28 2.68
N GLU A 180 -5.33 60.87 3.42
CA GLU A 180 -5.57 62.31 3.35
C GLU A 180 -4.30 63.05 3.74
N ALA A 181 -3.81 62.76 4.94
CA ALA A 181 -2.60 63.39 5.46
C ALA A 181 -1.40 63.14 4.55
N TRP A 182 -1.36 61.96 3.94
CA TRP A 182 -0.29 61.60 3.03
C TRP A 182 -0.31 62.49 1.79
N LEU A 183 -1.48 62.63 1.17
CA LEU A 183 -1.61 63.47 -0.02
C LEU A 183 -1.53 64.94 0.33
N ALA A 184 -1.67 65.24 1.63
CA ALA A 184 -1.71 66.62 2.11
C ALA A 184 -0.31 67.17 2.33
N GLN A 185 0.69 66.28 2.27
CA GLN A 185 2.08 66.69 2.37
C GLN A 185 2.73 66.65 0.99
N GLY A 186 1.95 66.31 -0.03
CA GLY A 186 2.42 66.41 -1.40
C GLY A 186 2.58 65.10 -2.14
N HIS A 187 2.80 64.01 -1.42
CA HIS A 187 3.03 62.69 -2.02
C HIS A 187 1.99 62.30 -3.05
N PRO A 188 2.40 61.55 -4.08
CA PRO A 188 1.49 61.05 -5.12
C PRO A 188 0.55 59.97 -4.60
N LEU A 189 -0.27 59.43 -5.50
CA LEU A 189 -1.20 58.37 -5.14
C LEU A 189 -0.47 57.03 -5.11
N PRO A 190 -0.61 56.30 -3.99
CA PRO A 190 -0.10 54.93 -3.99
C PRO A 190 -1.01 54.05 -4.85
N LYS A 191 -0.46 53.03 -5.49
CA LYS A 191 -1.28 52.15 -6.33
C LYS A 191 -2.19 51.30 -5.45
N ARG A 192 -1.85 51.21 -4.16
CA ARG A 192 -2.64 50.43 -3.24
C ARG A 192 -2.82 51.12 -1.90
N VAL A 193 -3.85 50.68 -1.18
CA VAL A 193 -4.29 51.36 0.02
C VAL A 193 -5.00 50.35 0.91
N ARG A 194 -4.81 50.45 2.22
CA ARG A 194 -5.39 49.52 3.18
CA ARG A 194 -5.41 49.51 3.16
C ARG A 194 -6.34 50.22 4.14
N ASN A 195 -7.43 49.55 4.51
CA ASN A 195 -8.35 50.09 5.51
C ASN A 195 -7.62 50.44 6.81
N ALA A 196 -8.16 51.38 7.59
CA ALA A 196 -7.54 51.76 8.85
C ALA A 196 -7.96 50.84 9.99
N TYR A 197 -9.10 50.16 9.81
CA TYR A 197 -9.65 49.30 10.86
C TYR A 197 -9.21 47.85 10.71
N ASP A 198 -9.03 47.38 9.48
CA ASP A 198 -8.58 46.00 9.27
C ASP A 198 -7.40 45.90 8.29
N ARG A 199 -7.14 44.67 7.84
CA ARG A 199 -5.96 44.39 7.02
C ARG A 199 -6.29 44.35 5.53
N ARG A 200 -7.57 44.54 5.19
CA ARG A 200 -8.01 44.44 3.80
C ARG A 200 -7.33 45.49 2.93
N THR A 201 -7.09 45.14 1.67
CA THR A 201 -6.36 46.03 0.77
C THR A 201 -7.17 46.31 -0.50
N TRP A 202 -6.94 47.48 -1.09
CA TRP A 202 -7.62 47.93 -2.28
C TRP A 202 -6.62 48.51 -3.24
N GLU A 203 -7.00 48.55 -4.52
CA GLU A 203 -6.24 49.24 -5.54
C GLU A 203 -6.82 50.63 -5.73
N LEU A 204 -6.05 51.66 -5.39
CA LEU A 204 -6.51 53.03 -5.52
C LEU A 204 -6.56 53.44 -7.00
N LEU A 205 -7.77 53.62 -7.52
CA LEU A 205 -7.95 53.93 -8.92
C LEU A 205 -7.75 55.42 -9.16
N ARG A 206 -8.45 56.24 -8.40
CA ARG A 206 -8.36 57.70 -8.53
C ARG A 206 -9.05 58.41 -7.37
N LEU A 207 -9.03 59.73 -7.40
CA LEU A 207 -9.78 60.53 -6.43
C LEU A 207 -11.11 60.95 -7.06
N GLY A 208 -12.02 61.46 -6.24
CA GLY A 208 -13.33 61.86 -6.72
C GLY A 208 -13.83 63.10 -6.02
N GLU A 209 -14.27 64.08 -6.80
CA GLU A 209 -14.73 65.35 -6.24
C GLU A 209 -16.21 65.24 -5.86
N GLU A 210 -16.69 64.01 -5.77
CA GLU A 210 -18.07 63.76 -5.39
C GLU A 210 -18.22 63.99 -3.89
N ASP A 211 -19.41 64.36 -3.47
CA ASP A 211 -19.69 64.57 -2.06
C ASP A 211 -19.90 63.23 -1.36
N PRO A 212 -19.72 63.22 -0.05
CA PRO A 212 -19.83 61.97 0.71
C PRO A 212 -21.27 61.50 0.88
N LYS A 213 -22.15 62.40 1.34
CA LYS A 213 -23.52 62.02 1.64
C LYS A 213 -24.41 62.04 0.39
N GLU A 214 -23.82 62.40 -0.74
CA GLU A 214 -24.56 62.50 -1.99
C GLU A 214 -24.16 61.39 -2.97
N LEU A 223 -23.02 57.13 0.99
CA LEU A 223 -21.71 56.49 0.97
C LEU A 223 -21.01 56.65 2.31
N LEU A 224 -20.89 57.89 2.77
CA LEU A 224 -20.32 58.20 4.07
C LEU A 224 -21.09 57.46 5.15
N ASP A 225 -22.40 57.43 4.99
CA ASP A 225 -23.32 56.86 5.96
C ASP A 225 -22.98 55.38 6.26
N TYR A 226 -22.60 54.66 5.22
CA TYR A 226 -22.23 53.25 5.33
C TYR A 226 -21.13 53.04 6.37
N HIS A 227 -20.16 53.96 6.39
CA HIS A 227 -19.07 53.91 7.36
C HIS A 227 -19.52 54.52 8.68
N ALA A 228 -20.45 55.47 8.59
CA ALA A 228 -21.01 56.11 9.77
C ALA A 228 -21.63 55.07 10.69
N SER A 229 -22.23 54.04 10.08
CA SER A 229 -22.86 52.96 10.84
C SER A 229 -21.88 52.22 11.76
N LYS A 230 -20.59 52.30 11.46
CA LYS A 230 -19.56 51.66 12.29
C LYS A 230 -18.67 52.70 12.98
N GLN A 234 -15.33 56.68 13.93
CA GLN A 234 -14.71 56.46 15.23
C GLN A 234 -13.80 57.62 15.61
N GLY A 235 -12.85 57.34 16.52
CA GLY A 235 -11.91 58.33 17.03
C GLY A 235 -11.10 59.09 16.00
N ARG A 236 -11.71 59.47 14.89
CA ARG A 236 -11.00 60.10 13.78
C ARG A 236 -11.94 60.92 12.91
N GLU A 237 -11.36 61.59 11.91
CA GLU A 237 -12.13 62.37 10.95
C GLU A 237 -11.90 61.87 9.54
N GLY A 238 -12.88 62.08 8.68
CA GLY A 238 -12.82 61.61 7.30
C GLY A 238 -12.50 62.72 6.32
N GLY A 239 -11.94 62.35 5.18
CA GLY A 239 -11.59 63.32 4.15
C GLY A 239 -12.41 63.14 2.89
N ARG A 240 -11.79 63.43 1.74
CA ARG A 240 -12.47 63.38 0.45
C ARG A 240 -12.77 61.95 -0.03
N VAL A 241 -13.41 61.87 -1.20
CA VAL A 241 -13.76 60.59 -1.81
C VAL A 241 -12.61 59.98 -2.63
N ALA A 242 -12.42 58.68 -2.47
CA ALA A 242 -11.43 57.93 -3.25
C ALA A 242 -12.05 56.83 -4.10
N TRP A 243 -11.77 56.82 -5.41
CA TRP A 243 -12.19 55.69 -6.24
C TRP A 243 -11.26 54.52 -5.95
N VAL A 244 -11.83 53.39 -5.53
CA VAL A 244 -11.06 52.28 -5.04
C VAL A 244 -11.46 51.01 -5.81
N ALA A 245 -10.68 49.93 -5.73
CA ALA A 245 -11.07 48.71 -6.44
C ALA A 245 -10.64 47.45 -5.71
N ASP A 246 -11.49 46.42 -5.77
CA ASP A 246 -11.14 45.12 -5.24
C ASP A 246 -10.29 44.38 -6.27
N PRO A 247 -9.25 43.70 -5.82
CA PRO A 247 -8.35 42.99 -6.71
C PRO A 247 -9.08 42.00 -7.63
N LYS A 248 -10.05 41.29 -7.07
CA LYS A 248 -10.79 40.27 -7.80
C LYS A 248 -11.70 40.85 -8.91
N ASP A 249 -11.79 42.18 -8.96
CA ASP A 249 -12.58 42.87 -9.98
C ASP A 249 -11.69 44.11 -9.99
N PRO A 250 -10.88 44.24 -11.06
CA PRO A 250 -10.10 45.46 -11.25
C PRO A 250 -10.80 46.52 -12.10
N ARG A 251 -11.77 46.09 -12.91
CA ARG A 251 -12.50 47.01 -13.77
C ARG A 251 -13.79 47.52 -13.12
N LYS A 252 -13.97 47.23 -11.83
CA LYS A 252 -15.21 47.55 -11.13
C LYS A 252 -14.97 48.56 -10.01
N PRO A 253 -15.07 49.87 -10.33
CA PRO A 253 -14.82 50.94 -9.36
C PRO A 253 -15.79 50.95 -8.19
N ILE A 254 -15.29 51.30 -7.00
CA ILE A 254 -16.09 51.33 -5.77
C ILE A 254 -15.57 52.43 -4.84
N PRO A 255 -16.47 53.32 -4.38
CA PRO A 255 -16.14 54.53 -3.61
C PRO A 255 -15.67 54.28 -2.17
N HIS A 256 -14.80 55.16 -1.65
CA HIS A 256 -14.24 55.03 -0.31
C HIS A 256 -13.90 56.39 0.30
N LEU A 257 -13.51 56.42 1.57
CA LEU A 257 -13.17 57.67 2.26
C LEU A 257 -11.69 57.75 2.64
N THR A 258 -11.01 58.79 2.13
CA THR A 258 -9.58 59.00 2.35
C THR A 258 -9.18 59.09 3.81
N GLY A 259 -10.17 59.33 4.67
CA GLY A 259 -9.90 59.44 6.10
C GLY A 259 -9.66 58.08 6.73
N LEU A 260 -10.45 57.10 6.32
CA LEU A 260 -10.34 55.75 6.89
C LEU A 260 -9.37 54.88 6.08
N LEU A 261 -8.62 55.51 5.16
CA LEU A 261 -7.64 54.78 4.36
C LEU A 261 -6.20 55.11 4.76
N VAL A 262 -5.33 54.11 4.65
CA VAL A 262 -3.90 54.25 4.92
C VAL A 262 -3.15 53.84 3.66
N PRO A 263 -2.17 54.64 3.23
CA PRO A 263 -1.44 54.23 2.02
C PRO A 263 -0.65 52.94 2.24
N VAL A 264 -0.61 52.07 1.22
CA VAL A 264 0.30 50.93 1.22
C VAL A 264 1.59 51.38 0.54
N LEU A 265 2.65 51.52 1.32
CA LEU A 265 3.87 52.11 0.82
C LEU A 265 4.85 51.07 0.29
N THR A 266 5.42 51.36 -0.87
CA THR A 266 6.41 50.48 -1.46
C THR A 266 7.72 51.23 -1.52
N LEU A 267 8.70 50.64 -2.19
CA LEU A 267 9.99 51.28 -2.35
C LEU A 267 9.85 52.46 -3.30
N GLU A 268 8.91 52.33 -4.24
CA GLU A 268 8.64 53.37 -5.23
C GLU A 268 8.00 54.61 -4.58
N ASP A 269 7.22 54.39 -3.53
CA ASP A 269 6.56 55.47 -2.79
C ASP A 269 7.56 56.19 -1.88
N LEU A 270 8.58 55.47 -1.43
CA LEU A 270 9.63 56.07 -0.63
C LEU A 270 10.91 56.29 -1.44
N HIS A 271 10.79 56.28 -2.76
CA HIS A 271 11.94 56.45 -3.64
C HIS A 271 12.69 57.74 -3.33
N GLU A 272 11.98 58.86 -3.35
CA GLU A 272 12.58 60.15 -3.06
C GLU A 272 12.28 60.59 -1.62
N GLU A 273 13.10 60.16 -0.69
CA GLU A 273 12.99 60.58 0.70
C GLU A 273 14.37 60.91 1.29
N LEU A 277 17.13 54.47 3.13
CA LEU A 277 16.61 53.19 3.57
C LEU A 277 17.29 52.03 2.85
N ALA A 278 18.30 51.45 3.49
CA ALA A 278 19.04 50.33 2.92
C ALA A 278 18.50 48.99 3.45
N LEU A 279 17.85 48.21 2.59
CA LEU A 279 17.08 47.06 3.05
C LEU A 279 17.74 45.71 2.84
N SER A 280 18.96 45.70 2.30
CA SER A 280 19.61 44.42 2.07
C SER A 280 20.68 44.18 3.14
N LEU A 281 20.69 42.99 3.70
CA LEU A 281 21.63 42.63 4.75
C LEU A 281 22.83 41.86 4.21
N PRO A 282 24.04 42.30 4.61
CA PRO A 282 25.21 41.42 4.44
C PRO A 282 24.95 40.16 5.23
N TRP A 283 25.42 39.00 4.75
CA TRP A 283 24.98 37.76 5.35
C TRP A 283 25.45 37.60 6.80
N GLU A 284 26.59 38.19 7.16
CA GLU A 284 27.07 38.11 8.56
C GLU A 284 26.05 38.77 9.47
N GLU A 285 25.52 39.89 8.98
CA GLU A 285 24.53 40.68 9.69
C GLU A 285 23.18 39.97 9.77
N ARG A 286 22.82 39.25 8.70
CA ARG A 286 21.56 38.51 8.71
C ARG A 286 21.69 37.41 9.72
N ARG A 287 22.84 36.75 9.71
CA ARG A 287 23.10 35.66 10.64
C ARG A 287 23.05 36.15 12.11
N ARG A 288 23.68 37.28 12.37
CA ARG A 288 23.65 37.94 13.70
C ARG A 288 22.22 38.21 14.15
N ARG A 289 21.46 38.92 13.30
CA ARG A 289 20.06 39.24 13.63
C ARG A 289 19.21 37.97 13.82
N THR A 290 19.54 36.92 13.08
CA THR A 290 18.81 35.66 13.15
C THR A 290 19.02 35.05 14.52
N ARG A 291 20.28 35.03 14.95
CA ARG A 291 20.60 34.50 16.28
C ARG A 291 19.92 35.31 17.40
N GLU A 292 20.03 36.63 17.31
CA GLU A 292 19.48 37.49 18.37
C GLU A 292 17.95 37.39 18.46
N ILE A 293 17.31 37.43 17.30
CA ILE A 293 15.86 37.35 17.29
C ILE A 293 15.43 35.98 17.77
N ALA A 294 16.19 34.94 17.42
CA ALA A 294 15.90 33.60 17.93
C ALA A 294 15.97 33.55 19.46
N SER A 295 16.97 34.20 20.05
CA SER A 295 17.11 34.20 21.52
C SER A 295 15.95 34.91 22.17
N TRP A 296 15.61 36.05 21.59
CA TRP A 296 14.49 36.89 22.03
C TRP A 296 13.11 36.17 22.02
N ILE A 297 12.74 35.60 20.87
CA ILE A 297 11.48 34.88 20.81
C ILE A 297 11.62 33.65 21.70
N GLY A 298 12.82 33.11 21.77
CA GLY A 298 13.11 32.00 22.66
C GLY A 298 12.72 32.29 24.09
N ARG A 299 13.07 33.48 24.58
CA ARG A 299 12.76 33.75 25.99
C ARG A 299 11.32 34.23 26.10
N ARG A 300 10.68 34.55 24.98
CA ARG A 300 9.23 34.79 25.02
C ARG A 300 8.38 33.49 24.99
N LEU A 301 9.00 32.39 24.56
CA LEU A 301 8.28 31.17 24.23
C LEU A 301 8.28 30.20 25.41
N GLY A 302 9.37 30.20 26.17
CA GLY A 302 9.46 29.34 27.34
C GLY A 302 9.61 27.88 27.00
N LEU A 303 10.15 27.60 25.81
CA LEU A 303 10.36 26.25 25.33
C LEU A 303 11.83 25.83 25.35
N GLY A 304 12.65 26.49 26.16
CA GLY A 304 14.07 26.15 26.25
C GLY A 304 14.97 27.16 25.53
N THR A 305 16.28 26.85 25.46
CA THR A 305 17.26 27.71 24.81
C THR A 305 17.46 27.26 23.37
N PRO A 306 17.15 28.14 22.38
CA PRO A 306 17.25 27.77 20.97
C PRO A 306 18.67 27.38 20.60
N GLU A 307 18.85 26.16 20.10
CA GLU A 307 20.18 25.72 19.74
C GLU A 307 20.25 25.60 18.22
N ALA A 308 21.07 26.44 17.60
CA ALA A 308 21.14 26.52 16.15
C ALA A 308 21.48 25.17 15.53
N VAL A 309 20.75 24.73 14.51
CA VAL A 309 21.06 23.39 14.01
C VAL A 309 22.16 23.48 12.96
N ARG A 310 23.08 22.53 13.05
CA ARG A 310 24.26 22.46 12.20
C ARG A 310 24.03 21.34 11.21
N ALA A 311 24.65 21.44 10.04
CA ALA A 311 24.51 20.39 9.05
C ALA A 311 25.82 20.22 8.31
N GLN A 312 26.09 19.01 7.87
CA GLN A 312 27.28 18.76 7.07
C GLN A 312 26.98 19.22 5.63
N ALA A 313 27.83 20.07 5.08
CA ALA A 313 27.71 20.53 3.71
C ALA A 313 28.92 20.07 2.89
N TYR A 314 28.74 19.96 1.57
CA TYR A 314 29.86 19.59 0.69
C TYR A 314 30.06 20.65 -0.36
N ARG A 315 31.33 20.98 -0.63
CA ARG A 315 31.70 21.89 -1.70
C ARG A 315 31.83 21.15 -3.04
N LEU A 316 31.07 21.59 -4.02
CA LEU A 316 31.08 20.95 -5.34
C LEU A 316 32.19 21.53 -6.21
N SER A 317 32.73 20.72 -7.11
CA SER A 317 33.78 21.19 -8.00
C SER A 317 33.29 22.33 -8.89
N ILE A 318 34.19 23.25 -9.22
CA ILE A 318 33.88 24.40 -10.06
C ILE A 318 33.64 23.99 -11.52
N PRO A 319 32.54 24.46 -12.09
CA PRO A 319 32.27 24.19 -13.51
C PRO A 319 33.35 24.78 -14.40
N LYS A 320 33.77 24.05 -15.42
CA LYS A 320 34.70 24.58 -16.41
C LYS A 320 33.96 25.06 -17.65
N LEU A 321 33.68 26.36 -17.71
CA LEU A 321 32.99 26.97 -18.85
C LEU A 321 33.90 27.12 -20.05
N MET A 322 33.40 26.75 -21.23
CA MET A 322 34.20 26.73 -22.44
C MET A 322 33.59 27.56 -23.58
N GLY A 323 34.36 28.51 -24.09
CA GLY A 323 34.04 29.16 -25.35
C GLY A 323 34.80 28.38 -26.40
N ARG A 324 35.50 29.08 -27.28
CA ARG A 324 36.46 28.41 -28.17
C ARG A 324 37.61 27.90 -27.31
N ARG A 325 37.92 28.67 -26.28
CA ARG A 325 38.86 28.28 -25.23
C ARG A 325 38.16 28.49 -23.90
N ALA A 326 38.84 28.20 -22.81
CA ALA A 326 38.26 28.34 -21.48
C ALA A 326 37.84 29.76 -21.15
N VAL A 327 36.72 29.91 -20.45
CA VAL A 327 36.22 31.25 -20.07
C VAL A 327 35.76 31.24 -18.63
N SER A 328 35.68 32.41 -17.99
CA SER A 328 35.14 32.46 -16.64
C SER A 328 33.67 32.91 -16.65
N LYS A 329 33.26 33.49 -17.78
CA LYS A 329 31.90 34.00 -17.94
C LYS A 329 31.54 34.07 -19.43
N PRO A 330 30.23 33.97 -19.76
CA PRO A 330 29.82 33.92 -21.18
C PRO A 330 30.26 35.13 -21.99
N ALA A 331 30.38 36.30 -21.36
CA ALA A 331 30.82 37.49 -22.08
C ALA A 331 32.24 37.34 -22.62
N ASP A 332 33.07 36.53 -21.95
CA ASP A 332 34.43 36.27 -22.43
C ASP A 332 34.45 35.63 -23.82
N ALA A 333 33.37 34.99 -24.22
CA ALA A 333 33.32 34.35 -25.54
C ALA A 333 33.36 35.41 -26.67
N LEU A 334 32.98 36.64 -26.35
CA LEU A 334 33.00 37.75 -27.30
C LEU A 334 34.43 38.10 -27.73
N ARG A 335 35.41 37.68 -26.95
CA ARG A 335 36.82 37.94 -27.25
C ARG A 335 37.59 36.68 -27.55
N VAL A 336 37.31 35.63 -26.78
CA VAL A 336 37.98 34.35 -26.94
C VAL A 336 37.44 33.58 -28.14
N GLY A 337 36.15 33.77 -28.43
CA GLY A 337 35.51 33.05 -29.52
C GLY A 337 34.47 32.10 -28.94
N PHE A 338 33.48 31.75 -29.74
CA PHE A 338 32.37 30.91 -29.29
C PHE A 338 32.72 29.43 -29.31
N TYR A 339 32.01 28.67 -28.48
CA TYR A 339 32.19 27.23 -28.42
C TYR A 339 31.95 26.61 -29.79
N ARG A 340 30.82 26.95 -30.38
CA ARG A 340 30.51 26.49 -31.73
C ARG A 340 29.83 27.62 -32.51
N ALA A 341 30.52 28.10 -33.52
CA ALA A 341 29.94 29.12 -34.35
C ALA A 341 29.74 28.58 -35.75
N GLN A 342 28.79 29.15 -36.48
CA GLN A 342 28.60 28.86 -37.88
C GLN A 342 28.43 30.17 -38.63
N GLU A 343 28.37 30.07 -39.95
CA GLU A 343 28.05 31.20 -40.81
C GLU A 343 26.78 31.89 -40.32
N THR A 344 26.86 33.21 -40.10
CA THR A 344 25.74 33.90 -39.49
C THR A 344 25.42 35.19 -40.20
N ALA A 345 24.14 35.47 -40.35
CA ALA A 345 23.69 36.74 -40.89
C ALA A 345 22.74 37.37 -39.88
N LEU A 346 23.03 38.61 -39.51
CA LEU A 346 22.22 39.34 -38.55
C LEU A 346 21.66 40.56 -39.24
N ALA A 347 20.48 41.05 -38.84
CA ALA A 347 19.96 42.25 -39.47
C ALA A 347 19.69 43.34 -38.45
N LEU A 348 19.89 44.58 -38.87
CA LEU A 348 19.63 45.72 -38.00
C LEU A 348 18.31 46.39 -38.38
N LEU A 349 17.49 46.66 -37.37
CA LEU A 349 16.27 47.44 -37.50
C LEU A 349 16.40 48.68 -36.61
N ARG A 350 16.47 49.86 -37.20
CA ARG A 350 16.61 51.08 -36.41
C ARG A 350 15.31 51.85 -36.36
N LEU A 351 14.92 52.28 -35.17
CA LEU A 351 13.67 53.01 -35.00
C LEU A 351 13.87 54.37 -34.32
N ASP A 352 15.12 54.84 -34.29
CA ASP A 352 15.46 56.10 -33.60
C ASP A 352 15.67 57.25 -34.57
N GLY A 353 15.80 56.92 -35.85
CA GLY A 353 15.87 57.93 -36.89
C GLY A 353 17.24 57.96 -37.53
N ALA A 354 18.15 57.15 -37.01
CA ALA A 354 19.52 57.17 -37.51
C ALA A 354 19.80 55.96 -38.39
N GLN A 355 21.03 55.86 -38.89
CA GLN A 355 21.34 54.79 -39.84
C GLN A 355 22.63 54.07 -39.53
N GLY A 356 22.65 52.80 -39.95
CA GLY A 356 23.87 52.03 -39.94
C GLY A 356 24.13 51.44 -38.58
N TRP A 357 24.94 50.39 -38.58
CA TRP A 357 25.43 49.80 -37.34
C TRP A 357 26.34 50.78 -36.61
N PRO A 358 26.06 51.02 -35.31
CA PRO A 358 27.04 51.72 -34.47
C PRO A 358 28.37 51.01 -34.59
N GLU A 359 29.45 51.76 -34.75
CA GLU A 359 30.73 51.17 -35.13
C GLU A 359 31.27 50.16 -34.11
N PHE A 360 31.12 50.44 -32.82
CA PHE A 360 31.69 49.53 -31.83
C PHE A 360 30.91 48.21 -31.75
N LEU A 361 29.61 48.25 -32.06
CA LEU A 361 28.85 46.99 -32.17
C LEU A 361 29.39 46.15 -33.31
N ARG A 362 29.56 46.76 -34.48
CA ARG A 362 30.10 46.05 -35.63
C ARG A 362 31.47 45.45 -35.31
N ARG A 363 32.32 46.28 -34.71
CA ARG A 363 33.67 45.88 -34.35
C ARG A 363 33.66 44.69 -33.38
N ALA A 364 32.83 44.76 -32.35
CA ALA A 364 32.76 43.68 -31.37
C ALA A 364 32.25 42.38 -32.01
N LEU A 365 31.21 42.50 -32.84
CA LEU A 365 30.68 41.30 -33.51
C LEU A 365 31.74 40.68 -34.41
N LEU A 366 32.46 41.54 -35.14
CA LEU A 366 33.50 41.07 -36.08
C LEU A 366 34.69 40.44 -35.35
N ARG A 367 35.06 40.99 -34.19
CA ARG A 367 36.14 40.40 -33.40
C ARG A 367 35.70 39.03 -32.90
N ALA A 368 34.47 38.97 -32.41
CA ALA A 368 33.96 37.72 -31.86
C ALA A 368 33.91 36.63 -32.93
N PHE A 369 33.39 36.95 -34.11
CA PHE A 369 33.31 35.94 -35.17
C PHE A 369 34.67 35.63 -35.78
N GLY A 370 35.56 36.62 -35.76
CA GLY A 370 36.94 36.45 -36.19
C GLY A 370 37.66 35.43 -35.31
N ALA A 371 37.54 35.62 -34.00
CA ALA A 371 38.17 34.71 -33.05
C ALA A 371 37.59 33.31 -33.17
N SER A 372 36.35 33.19 -33.70
CA SER A 372 35.67 31.90 -33.81
C SER A 372 35.90 31.21 -35.14
N GLY A 373 36.55 31.92 -36.05
CA GLY A 373 36.77 31.39 -37.39
C GLY A 373 35.47 31.16 -38.12
N ALA A 374 34.54 32.10 -38.01
CA ALA A 374 33.25 31.92 -38.66
C ALA A 374 32.88 33.16 -39.47
N SER A 375 32.10 32.91 -40.51
CA SER A 375 31.65 33.96 -41.40
C SER A 375 30.53 34.79 -40.77
N LEU A 376 30.66 36.10 -40.87
CA LEU A 376 29.64 37.02 -40.38
C LEU A 376 29.18 37.97 -41.49
N ARG A 377 27.86 38.06 -41.64
CA ARG A 377 27.23 39.03 -42.54
C ARG A 377 26.28 39.91 -41.76
N LEU A 378 26.49 41.22 -41.87
CA LEU A 378 25.61 42.21 -41.24
C LEU A 378 24.74 42.88 -42.29
N HIS A 379 23.43 42.69 -42.17
CA HIS A 379 22.45 43.30 -43.05
C HIS A 379 21.74 44.44 -42.32
N THR A 380 21.04 45.26 -43.09
CA THR A 380 20.23 46.36 -42.60
C THR A 380 18.84 46.26 -43.20
N LEU A 381 17.81 46.15 -42.36
CA LEU A 381 16.43 46.14 -42.83
C LEU A 381 15.97 47.53 -43.24
N HIS A 382 15.56 47.70 -44.49
CA HIS A 382 15.09 49.02 -44.95
C HIS A 382 13.57 49.00 -45.03
N ALA A 383 12.95 48.85 -43.87
CA ALA A 383 11.52 48.85 -43.75
C ALA A 383 11.14 49.37 -42.37
N HIS A 384 9.91 49.83 -42.23
CA HIS A 384 9.40 50.33 -40.96
C HIS A 384 8.06 49.67 -40.66
N PRO A 385 7.84 49.26 -39.39
CA PRO A 385 6.60 48.60 -38.98
C PRO A 385 5.33 49.35 -39.38
N SER A 386 5.44 50.65 -39.65
CA SER A 386 4.26 51.44 -40.07
C SER A 386 3.81 51.04 -41.48
N GLN A 387 4.60 50.21 -42.16
CA GLN A 387 4.33 49.90 -43.56
C GLN A 387 3.47 48.66 -43.74
N GLY A 388 2.89 48.16 -42.64
CA GLY A 388 1.99 47.02 -42.75
C GLY A 388 2.54 45.83 -43.52
N LEU A 389 1.88 45.48 -44.61
CA LEU A 389 2.28 44.28 -45.35
C LEU A 389 3.62 44.44 -46.05
N ALA A 390 4.00 45.68 -46.35
CA ALA A 390 5.32 45.91 -46.95
C ALA A 390 6.40 45.52 -45.94
N PHE A 391 6.17 45.80 -44.66
CA PHE A 391 7.14 45.46 -43.60
C PHE A 391 7.28 43.94 -43.50
N ARG A 392 6.17 43.24 -43.38
CA ARG A 392 6.20 41.78 -43.32
C ARG A 392 6.92 41.21 -44.53
N GLU A 393 6.67 41.81 -45.70
CA GLU A 393 7.30 41.29 -46.91
C GLU A 393 8.81 41.51 -46.86
N ALA A 394 9.25 42.66 -46.33
CA ALA A 394 10.68 42.89 -46.26
C ALA A 394 11.32 41.93 -45.24
N LEU A 395 10.57 41.60 -44.19
CA LEU A 395 11.05 40.61 -43.21
C LEU A 395 11.21 39.24 -43.87
N ARG A 396 10.19 38.80 -44.57
CA ARG A 396 10.22 37.54 -45.30
C ARG A 396 11.42 37.50 -46.24
N LYS A 397 11.65 38.60 -46.94
CA LYS A 397 12.77 38.68 -47.86
C LYS A 397 14.11 38.56 -47.13
N ALA A 398 14.23 39.21 -45.96
CA ALA A 398 15.46 39.10 -45.18
C ALA A 398 15.68 37.65 -44.72
N LYS A 399 14.60 37.03 -44.29
CA LYS A 399 14.62 35.62 -43.90
C LYS A 399 15.03 34.70 -45.06
N GLU A 400 14.62 35.05 -46.28
CA GLU A 400 14.99 34.26 -47.46
C GLU A 400 16.49 34.41 -47.69
N GLU A 401 17.00 35.63 -47.51
CA GLU A 401 18.41 35.88 -47.79
C GLU A 401 19.34 35.36 -46.70
N GLY A 402 18.76 34.73 -45.68
CA GLY A 402 19.55 34.03 -44.69
C GLY A 402 19.72 34.73 -43.35
N VAL A 403 18.95 35.77 -43.10
CA VAL A 403 19.02 36.48 -41.83
C VAL A 403 18.44 35.62 -40.72
N GLN A 404 19.20 35.45 -39.64
CA GLN A 404 18.79 34.57 -38.55
C GLN A 404 18.18 35.29 -37.35
N ALA A 405 18.51 36.56 -37.16
CA ALA A 405 17.99 37.30 -36.01
C ALA A 405 18.14 38.78 -36.26
N VAL A 406 17.31 39.59 -35.60
CA VAL A 406 17.45 41.01 -35.81
C VAL A 406 17.66 41.79 -34.51
N LEU A 407 18.58 42.73 -34.60
CA LEU A 407 18.87 43.63 -33.52
C LEU A 407 18.03 44.87 -33.77
N VAL A 408 17.22 45.23 -32.80
CA VAL A 408 16.32 46.36 -32.87
C VAL A 408 16.90 47.50 -32.01
N LEU A 409 17.46 48.52 -32.66
CA LEU A 409 17.93 49.71 -31.94
C LEU A 409 16.79 50.68 -31.81
N THR A 410 16.29 50.88 -30.59
CA THR A 410 15.07 51.71 -30.43
C THR A 410 15.04 52.54 -29.15
N PRO A 411 14.35 53.68 -29.15
CA PRO A 411 14.12 54.24 -27.82
C PRO A 411 13.26 53.26 -27.02
N PRO A 412 13.30 53.34 -25.68
CA PRO A 412 12.47 52.48 -24.82
C PRO A 412 11.05 52.34 -25.34
N MET A 413 10.59 51.11 -25.60
CA MET A 413 9.26 50.89 -26.14
C MET A 413 8.25 50.71 -25.03
N ALA A 414 7.02 51.12 -25.29
CA ALA A 414 5.92 50.78 -24.41
C ALA A 414 5.66 49.28 -24.52
N TRP A 415 5.26 48.70 -23.40
CA TRP A 415 5.15 47.24 -23.28
C TRP A 415 4.35 46.63 -24.44
N GLU A 416 3.24 47.27 -24.75
CA GLU A 416 2.33 46.84 -25.80
C GLU A 416 3.00 46.82 -27.17
N ASP A 417 3.75 47.89 -27.45
CA ASP A 417 4.48 48.03 -28.70
C ASP A 417 5.63 47.02 -28.81
N ARG A 418 6.34 46.85 -27.70
CA ARG A 418 7.38 45.85 -27.59
C ARG A 418 6.82 44.48 -27.97
N ASN A 419 5.74 44.10 -27.32
CA ASN A 419 5.16 42.79 -27.58
C ASN A 419 4.63 42.67 -29.00
N ARG A 420 4.03 43.74 -29.53
CA ARG A 420 3.53 43.69 -30.92
C ARG A 420 4.67 43.49 -31.91
N LEU A 421 5.72 44.31 -31.79
CA LEU A 421 6.85 44.22 -32.72
C LEU A 421 7.55 42.87 -32.61
N LYS A 422 7.78 42.40 -31.38
CA LYS A 422 8.43 41.09 -31.21
C LYS A 422 7.58 39.97 -31.84
N ALA A 423 6.28 39.95 -31.56
CA ALA A 423 5.43 38.90 -32.12
C ALA A 423 5.44 38.97 -33.66
N LEU A 424 5.41 40.20 -34.18
CA LEU A 424 5.44 40.41 -35.63
C LEU A 424 6.72 39.86 -36.26
N LEU A 425 7.87 40.10 -35.63
CA LEU A 425 9.11 39.56 -36.17
C LEU A 425 9.12 38.03 -36.08
N LEU A 426 8.62 37.52 -34.96
CA LEU A 426 8.62 36.08 -34.70
C LEU A 426 7.76 35.28 -35.69
N ARG A 427 6.57 35.79 -35.99
CA ARG A 427 5.66 35.10 -36.92
C ARG A 427 6.25 35.03 -38.32
N GLU A 428 7.21 35.90 -38.64
CA GLU A 428 7.93 35.78 -39.89
C GLU A 428 9.25 35.03 -39.69
N GLY A 429 9.39 34.32 -38.57
CA GLY A 429 10.59 33.52 -38.34
C GLY A 429 11.85 34.25 -37.91
N LEU A 430 11.70 35.45 -37.36
CA LEU A 430 12.87 36.22 -36.97
C LEU A 430 12.84 36.61 -35.49
N PRO A 431 13.68 35.94 -34.70
CA PRO A 431 13.87 36.34 -33.30
C PRO A 431 14.48 37.74 -33.27
N SER A 432 14.22 38.46 -32.20
CA SER A 432 14.64 39.84 -32.08
C SER A 432 15.31 40.12 -30.73
N GLN A 433 16.34 40.95 -30.77
CA GLN A 433 16.97 41.47 -29.58
C GLN A 433 16.82 42.98 -29.54
N ILE A 434 16.14 43.49 -28.53
CA ILE A 434 15.99 44.92 -28.39
C ILE A 434 17.19 45.49 -27.61
N LEU A 435 17.65 46.66 -28.06
CA LEU A 435 18.75 47.41 -27.45
C LEU A 435 18.35 48.87 -27.53
N ASN A 436 18.21 49.48 -26.35
CA ASN A 436 17.66 50.85 -26.24
C ASN A 436 18.67 51.95 -26.52
N VAL A 437 18.22 52.99 -27.22
CA VAL A 437 19.05 54.19 -27.42
C VAL A 437 18.52 55.28 -26.49
N PRO A 438 19.37 56.23 -26.06
CA PRO A 438 20.79 56.44 -26.40
C PRO A 438 21.68 55.34 -25.85
N LEU A 439 22.77 55.10 -26.56
CA LEU A 439 23.64 53.99 -26.28
C LEU A 439 25.03 54.48 -26.48
N ARG A 440 25.90 54.28 -25.49
CA ARG A 440 27.27 54.77 -25.51
C ARG A 440 28.22 53.57 -25.43
N GLU A 441 29.38 53.66 -26.09
CA GLU A 441 30.31 52.54 -26.13
C GLU A 441 30.73 52.10 -24.74
N GLU A 442 30.78 53.05 -23.81
CA GLU A 442 31.17 52.74 -22.44
C GLU A 442 30.12 51.92 -21.67
N GLU A 443 28.87 51.86 -22.13
CA GLU A 443 27.87 51.02 -21.45
C GLU A 443 28.04 49.55 -21.86
N ARG A 444 29.27 49.07 -21.73
CA ARG A 444 29.71 47.77 -22.19
C ARG A 444 28.84 46.61 -21.69
N HIS A 445 28.41 46.63 -20.44
CA HIS A 445 27.65 45.50 -19.90
C HIS A 445 26.30 45.36 -20.60
N ARG A 446 25.64 46.49 -20.80
CA ARG A 446 24.35 46.52 -21.46
C ARG A 446 24.45 46.00 -22.92
N TRP A 447 25.36 46.57 -23.71
CA TRP A 447 25.34 46.19 -25.11
C TRP A 447 25.98 44.84 -25.34
N GLU A 448 26.90 44.45 -24.47
CA GLU A 448 27.46 43.11 -24.57
C GLU A 448 26.40 42.06 -24.20
N ASN A 449 25.57 42.36 -23.18
CA ASN A 449 24.48 41.42 -22.91
C ASN A 449 23.48 41.37 -24.06
N ALA A 450 23.17 42.54 -24.65
CA ALA A 450 22.30 42.57 -25.84
C ALA A 450 22.86 41.66 -26.93
N LEU A 451 24.16 41.78 -27.18
CA LEU A 451 24.81 40.99 -28.20
C LEU A 451 24.76 39.48 -27.90
N LEU A 452 25.02 39.10 -26.65
CA LEU A 452 24.94 37.67 -26.27
C LEU A 452 23.52 37.15 -26.50
N GLY A 453 22.54 37.97 -26.15
CA GLY A 453 21.15 37.62 -26.42
C GLY A 453 20.90 37.44 -27.92
N LEU A 454 21.40 38.37 -28.74
CA LEU A 454 21.27 38.35 -30.19
C LEU A 454 21.82 37.07 -30.78
N LEU A 455 23.02 36.71 -30.33
CA LEU A 455 23.71 35.55 -30.86
C LEU A 455 23.02 34.26 -30.41
N ALA A 456 22.56 34.19 -29.16
CA ALA A 456 21.80 33.00 -28.76
C ALA A 456 20.54 32.93 -29.61
N LYS A 457 19.96 34.08 -29.94
CA LYS A 457 18.74 34.12 -30.73
C LYS A 457 19.00 33.72 -32.16
N ALA A 458 20.25 33.87 -32.58
CA ALA A 458 20.61 33.45 -33.92
C ALA A 458 20.95 31.94 -33.93
N GLY A 459 20.93 31.30 -32.76
CA GLY A 459 21.24 29.88 -32.73
C GLY A 459 22.70 29.57 -32.45
N LEU A 460 23.52 30.57 -32.18
CA LEU A 460 24.93 30.28 -31.91
C LEU A 460 25.07 29.62 -30.56
N GLN A 461 26.08 28.77 -30.43
CA GLN A 461 26.37 28.20 -29.13
C GLN A 461 27.55 28.96 -28.56
N VAL A 462 27.29 29.86 -27.62
CA VAL A 462 28.35 30.74 -27.21
C VAL A 462 29.28 30.03 -26.21
N VAL A 463 28.72 29.28 -25.27
CA VAL A 463 29.54 28.51 -24.32
C VAL A 463 28.94 27.13 -24.10
N ALA A 464 29.74 26.26 -23.50
CA ALA A 464 29.31 24.93 -23.12
C ALA A 464 30.14 24.49 -21.92
N LEU A 465 29.70 23.43 -21.25
CA LEU A 465 30.48 22.84 -20.17
C LEU A 465 31.44 21.82 -20.76
N SER A 466 32.67 21.78 -20.26
CA SER A 466 33.59 20.73 -20.64
C SER A 466 33.54 19.67 -19.55
N GLY A 467 33.38 18.42 -19.93
CA GLY A 467 33.39 17.38 -18.91
C GLY A 467 32.33 16.32 -19.07
N ALA A 468 32.40 15.34 -18.18
CA ALA A 468 31.52 14.19 -18.25
C ALA A 468 30.34 14.33 -17.32
N TYR A 469 29.14 14.16 -17.87
CA TYR A 469 27.96 14.13 -17.03
C TYR A 469 27.15 12.86 -17.35
N PRO A 470 26.64 12.24 -16.29
CA PRO A 470 25.81 11.04 -16.35
C PRO A 470 24.64 11.22 -17.33
N ALA A 471 23.88 12.32 -17.22
CA ALA A 471 22.74 12.51 -18.13
C ALA A 471 23.19 13.31 -19.33
N GLU A 472 22.98 12.78 -20.52
CA GLU A 472 23.45 13.51 -21.71
C GLU A 472 22.34 14.42 -22.24
N LEU A 473 21.16 14.33 -21.62
CA LEU A 473 20.10 15.27 -21.90
C LEU A 473 19.46 15.73 -20.61
N ALA A 474 19.40 17.03 -20.38
CA ALA A 474 18.75 17.58 -19.20
C ALA A 474 17.62 18.51 -19.64
N VAL A 475 16.40 18.20 -19.20
CA VAL A 475 15.29 19.04 -19.63
C VAL A 475 14.45 19.55 -18.43
N GLY A 476 14.16 20.85 -18.49
CA GLY A 476 13.40 21.54 -17.47
C GLY A 476 12.00 21.85 -17.95
N PHE A 477 11.02 21.59 -17.09
CA PHE A 477 9.62 21.79 -17.41
C PHE A 477 9.03 22.94 -16.60
N ASP A 478 8.23 23.77 -17.25
CA ASP A 478 7.62 24.91 -16.59
C ASP A 478 6.13 25.05 -16.92
N ALA A 479 5.29 25.11 -15.88
CA ALA A 479 3.87 25.39 -16.07
C ALA A 479 3.45 26.83 -15.71
N GLY A 480 4.33 27.80 -15.88
CA GLY A 480 3.99 29.18 -15.54
C GLY A 480 3.73 29.42 -14.06
N GLY A 481 4.28 28.56 -13.22
CA GLY A 481 4.04 28.63 -11.78
C GLY A 481 2.71 28.07 -11.34
N ARG A 482 1.88 27.66 -12.30
CA ARG A 482 0.54 27.15 -12.03
C ARG A 482 0.54 25.83 -11.29
N GLU A 483 -0.64 25.45 -10.78
CA GLU A 483 -0.79 24.26 -9.97
C GLU A 483 -0.83 22.96 -10.79
N SER A 484 -0.89 23.08 -12.13
CA SER A 484 -0.99 21.93 -13.01
C SER A 484 -0.47 22.23 -14.40
N PHE A 485 -0.11 21.20 -15.16
CA PHE A 485 0.22 21.39 -16.58
C PHE A 485 -1.03 21.32 -17.47
N ARG A 486 -2.20 21.19 -16.87
CA ARG A 486 -3.44 21.06 -17.64
C ARG A 486 -3.70 22.27 -18.54
N PHE A 487 -3.16 23.43 -18.18
CA PHE A 487 -3.36 24.62 -19.02
C PHE A 487 -2.13 24.85 -19.89
N GLY A 488 -1.34 23.80 -20.09
CA GLY A 488 -0.16 23.91 -20.93
C GLY A 488 1.11 24.26 -20.16
N GLY A 489 2.20 24.45 -20.89
CA GLY A 489 3.47 24.73 -20.28
C GLY A 489 4.54 24.61 -21.33
N ALA A 490 5.79 24.52 -20.91
CA ALA A 490 6.88 24.46 -21.89
C ALA A 490 8.10 23.76 -21.31
N ALA A 491 9.05 23.40 -22.19
CA ALA A 491 10.27 22.79 -21.68
C ALA A 491 11.47 23.30 -22.44
N CYS A 492 12.63 23.23 -21.81
CA CYS A 492 13.87 23.55 -22.50
C CYS A 492 14.89 22.51 -22.13
N ALA A 493 15.93 22.35 -22.92
CA ALA A 493 16.87 21.27 -22.71
C ALA A 493 18.30 21.60 -23.12
N VAL A 494 19.23 20.88 -22.48
CA VAL A 494 20.67 20.90 -22.76
C VAL A 494 21.04 19.48 -23.15
N GLY A 495 21.79 19.28 -24.22
CA GLY A 495 21.90 17.92 -24.78
C GLY A 495 23.20 17.35 -25.28
N GLY A 496 23.82 16.53 -24.42
CA GLY A 496 25.10 15.89 -24.69
C GLY A 496 26.24 16.83 -24.37
N GLY A 498 28.80 18.83 -26.50
CA GLY A 498 28.79 20.12 -25.83
C GLY A 498 27.43 20.51 -25.28
N GLY A 499 27.21 21.81 -25.12
CA GLY A 499 25.97 22.33 -24.55
C GLY A 499 25.03 22.88 -25.61
N HIS A 500 24.35 21.98 -26.29
CA HIS A 500 23.34 22.32 -27.28
C HIS A 500 22.03 22.70 -26.56
N LEU A 501 21.59 23.96 -26.67
CA LEU A 501 20.38 24.43 -25.98
C LEU A 501 19.17 24.47 -26.91
N LEU A 502 18.03 23.93 -26.48
CA LEU A 502 16.84 23.98 -27.32
C LEU A 502 15.55 24.12 -26.52
N TRP A 503 14.51 24.65 -27.18
CA TRP A 503 13.22 24.89 -26.54
C TRP A 503 12.13 24.04 -27.19
N THR A 504 11.08 23.76 -26.41
CA THR A 504 9.93 22.99 -26.85
C THR A 504 8.63 23.61 -26.36
N LEU A 505 7.72 23.85 -27.30
CA LEU A 505 6.37 24.27 -26.94
C LEU A 505 5.42 23.10 -27.12
N PRO A 506 4.29 23.12 -26.40
CA PRO A 506 3.29 22.12 -26.72
C PRO A 506 2.54 22.50 -28.01
N GLU A 507 2.29 21.51 -28.88
CA GLU A 507 1.49 21.76 -30.07
C GLU A 507 0.08 22.20 -29.69
N ALA A 508 -0.58 22.92 -30.60
CA ALA A 508 -1.86 23.53 -30.29
C ALA A 508 -3.02 22.56 -30.02
N GLN A 509 -3.39 22.47 -28.74
CA GLN A 509 -4.78 22.54 -28.35
C GLN A 509 -4.77 23.69 -27.34
N ALA A 510 -5.80 24.53 -27.34
CA ALA A 510 -5.82 25.67 -26.43
C ALA A 510 -6.76 25.39 -25.27
N GLY A 511 -7.22 24.14 -25.21
CA GLY A 511 -8.17 23.71 -24.20
C GLY A 511 -7.46 23.06 -23.03
N GLU A 512 -8.23 22.69 -22.02
CA GLU A 512 -7.71 21.92 -20.90
C GLU A 512 -7.34 20.52 -21.40
N ARG A 513 -6.13 20.08 -21.07
CA ARG A 513 -5.70 18.75 -21.48
C ARG A 513 -5.46 17.85 -20.27
N ILE A 514 -5.21 16.57 -20.51
CA ILE A 514 -4.74 15.70 -19.45
C ILE A 514 -3.27 16.07 -19.20
N PRO A 515 -2.97 16.57 -17.99
CA PRO A 515 -1.62 17.09 -17.65
C PRO A 515 -0.48 16.10 -17.96
N GLN A 516 -0.68 14.82 -17.63
CA GLN A 516 0.32 13.79 -17.97
C GLN A 516 0.64 13.78 -19.44
N GLU A 517 -0.36 14.05 -20.28
CA GLU A 517 -0.14 14.02 -21.73
C GLU A 517 0.58 15.29 -22.19
N VAL A 518 0.31 16.42 -21.54
CA VAL A 518 1.06 17.64 -21.87
C VAL A 518 2.56 17.43 -21.54
N VAL A 519 2.81 16.91 -20.33
CA VAL A 519 4.20 16.70 -19.89
C VAL A 519 4.91 15.72 -20.83
N TRP A 520 4.26 14.58 -21.06
CA TRP A 520 4.88 13.62 -21.96
C TRP A 520 5.08 14.21 -23.36
N ASP A 521 4.13 14.97 -23.89
CA ASP A 521 4.30 15.57 -25.24
C ASP A 521 5.51 16.50 -25.32
N LEU A 522 5.67 17.38 -24.32
CA LEU A 522 6.89 18.20 -24.22
C LEU A 522 8.17 17.33 -24.24
N LEU A 523 8.19 16.31 -23.38
CA LEU A 523 9.38 15.42 -23.33
C LEU A 523 9.63 14.67 -24.64
N GLU A 524 8.57 14.13 -25.22
CA GLU A 524 8.63 13.35 -26.47
C GLU A 524 9.21 14.21 -27.57
N GLU A 525 8.76 15.45 -27.65
CA GLU A 525 9.30 16.38 -28.67
C GLU A 525 10.79 16.64 -28.42
N THR A 526 11.15 16.82 -27.15
CA THR A 526 12.57 16.95 -26.81
C THR A 526 13.42 15.73 -27.23
N LEU A 527 12.92 14.54 -26.92
CA LEU A 527 13.58 13.30 -27.32
C LEU A 527 13.72 13.23 -28.84
N TRP A 528 12.68 13.68 -29.56
CA TRP A 528 12.68 13.62 -31.02
C TRP A 528 13.79 14.51 -31.57
N ALA A 529 13.90 15.73 -31.05
CA ALA A 529 15.03 16.58 -31.46
C ALA A 529 16.39 15.92 -31.14
N PHE A 530 16.53 15.37 -29.93
CA PHE A 530 17.79 14.71 -29.58
C PHE A 530 18.10 13.63 -30.64
N ARG A 531 17.10 12.80 -30.93
CA ARG A 531 17.28 11.71 -31.86
C ARG A 531 17.65 12.19 -33.26
N ARG A 532 17.07 13.32 -33.66
CA ARG A 532 17.39 13.90 -34.95
C ARG A 532 18.84 14.30 -35.02
N LYS A 533 19.35 14.83 -33.91
CA LYS A 533 20.74 15.29 -33.90
C LYS A 533 21.76 14.16 -33.73
N ALA A 534 21.40 13.09 -33.04
CA ALA A 534 22.38 12.10 -32.64
C ALA A 534 22.20 10.73 -33.30
N GLY A 535 21.12 10.57 -34.07
CA GLY A 535 20.84 9.29 -34.70
C GLY A 535 20.41 8.21 -33.74
N ARG A 536 20.11 8.61 -32.49
CA ARG A 536 19.63 7.68 -31.48
C ARG A 536 19.01 8.42 -30.30
N LEU A 537 18.41 7.65 -29.39
CA LEU A 537 17.87 8.18 -28.15
C LEU A 537 18.98 8.36 -27.10
N PRO A 538 18.76 9.27 -26.14
CA PRO A 538 19.78 9.42 -25.08
C PRO A 538 19.75 8.20 -24.18
N SER A 539 20.91 7.85 -23.63
CA SER A 539 21.00 6.75 -22.69
C SER A 539 20.33 7.11 -21.37
N ARG A 540 20.36 8.40 -21.03
CA ARG A 540 19.94 8.87 -19.69
C ARG A 540 19.49 10.31 -19.75
N VAL A 541 18.37 10.62 -19.11
CA VAL A 541 17.94 12.01 -19.05
C VAL A 541 17.79 12.49 -17.61
N LEU A 542 18.01 13.78 -17.40
CA LEU A 542 17.75 14.42 -16.12
C LEU A 542 16.54 15.32 -16.29
N LEU A 543 15.46 15.02 -15.58
CA LEU A 543 14.23 15.78 -15.66
C LEU A 543 14.13 16.71 -14.44
N LEU A 544 14.01 18.00 -14.69
CA LEU A 544 13.95 19.04 -13.66
C LEU A 544 12.59 19.72 -13.74
N ARG A 545 11.92 19.82 -12.61
CA ARG A 545 10.61 20.46 -12.58
C ARG A 545 10.54 21.43 -11.42
N ASP A 546 9.48 22.20 -11.41
CA ASP A 546 9.18 23.16 -10.37
C ASP A 546 8.67 22.48 -9.12
N GLY A 547 8.17 23.26 -8.16
CA GLY A 547 7.75 22.68 -6.89
C GLY A 547 6.25 22.63 -6.67
N ARG A 548 5.46 23.09 -7.64
CA ARG A 548 4.02 23.23 -7.43
C ARG A 548 3.16 22.07 -7.94
N VAL A 549 3.34 21.64 -9.20
CA VAL A 549 2.42 20.62 -9.72
C VAL A 549 2.63 19.29 -9.02
N PRO A 550 1.56 18.48 -8.91
CA PRO A 550 1.72 17.16 -8.28
C PRO A 550 2.64 16.23 -9.08
N GLN A 551 3.49 15.49 -8.38
CA GLN A 551 4.43 14.57 -8.99
C GLN A 551 3.80 13.59 -10.00
N ASP A 552 2.55 13.21 -9.80
CA ASP A 552 1.91 12.25 -10.71
C ASP A 552 1.72 12.81 -12.13
N GLU A 553 1.75 14.13 -12.30
CA GLU A 553 1.65 14.71 -13.65
C GLU A 553 2.82 14.26 -14.54
N PHE A 554 3.84 13.66 -13.93
CA PHE A 554 5.02 13.18 -14.67
C PHE A 554 5.03 11.64 -14.85
N ALA A 555 4.03 10.93 -14.33
CA ALA A 555 4.04 9.46 -14.36
C ALA A 555 4.11 8.88 -15.77
N LEU A 556 3.28 9.41 -16.67
CA LEU A 556 3.27 8.94 -18.06
C LEU A 556 4.64 9.11 -18.68
N ALA A 557 5.26 10.29 -18.50
CA ALA A 557 6.57 10.55 -19.09
C ALA A 557 7.67 9.59 -18.58
N LEU A 558 7.67 9.34 -17.27
CA LEU A 558 8.59 8.38 -16.65
C LEU A 558 8.42 6.96 -17.19
N GLU A 559 7.17 6.50 -17.24
CA GLU A 559 6.94 5.14 -17.75
C GLU A 559 7.31 5.04 -19.20
N ALA A 560 7.05 6.09 -19.97
CA ALA A 560 7.41 6.11 -21.37
C ALA A 560 8.93 6.06 -21.53
N LEU A 561 9.66 6.71 -20.62
CA LEU A 561 11.13 6.61 -20.68
C LEU A 561 11.56 5.17 -20.39
N ALA A 562 10.90 4.56 -19.40
CA ALA A 562 11.22 3.18 -19.01
C ALA A 562 10.97 2.18 -20.16
N ARG A 563 9.82 2.29 -20.82
CA ARG A 563 9.46 1.43 -21.95
C ARG A 563 10.54 1.53 -22.99
N GLU A 564 11.13 2.71 -23.10
CA GLU A 564 12.19 2.94 -24.07
C GLU A 564 13.58 2.48 -23.58
N GLY A 565 13.66 2.00 -22.34
CA GLY A 565 14.97 1.63 -21.83
C GLY A 565 15.88 2.83 -21.52
N ILE A 566 15.31 4.03 -21.54
CA ILE A 566 16.04 5.24 -21.16
C ILE A 566 16.04 5.42 -19.64
N ALA A 567 17.22 5.58 -19.04
CA ALA A 567 17.18 5.85 -17.59
C ALA A 567 17.01 7.34 -17.30
N TYR A 568 16.58 7.64 -16.08
CA TYR A 568 16.20 8.98 -15.74
C TYR A 568 16.30 9.26 -14.26
N ASP A 569 16.34 10.54 -13.93
CA ASP A 569 16.07 11.03 -12.57
C ASP A 569 15.11 12.19 -12.69
N LEU A 570 14.18 12.26 -11.75
CA LEU A 570 13.25 13.37 -11.67
C LEU A 570 13.61 14.14 -10.44
N VAL A 571 13.94 15.42 -10.59
CA VAL A 571 14.25 16.25 -9.47
C VAL A 571 13.37 17.48 -9.47
N SER A 572 12.69 17.69 -8.35
CA SER A 572 11.88 18.86 -8.14
C SER A 572 12.74 19.98 -7.54
N VAL A 573 12.64 21.16 -8.14
CA VAL A 573 13.46 22.29 -7.72
C VAL A 573 12.58 23.43 -7.22
N ARG A 574 12.63 23.68 -5.91
CA ARG A 574 11.82 24.73 -5.28
C ARG A 574 12.65 25.97 -5.01
N LYS A 575 12.17 27.10 -5.53
CA LYS A 575 12.79 28.41 -5.39
C LYS A 575 12.64 29.05 -4.01
N SER A 576 11.63 28.62 -3.27
CA SER A 576 11.35 29.16 -1.95
C SER A 576 11.24 28.00 -0.97
N GLY A 577 11.43 28.26 0.32
CA GLY A 577 11.31 27.20 1.32
C GLY A 577 12.64 26.56 1.66
N GLY A 578 13.72 27.02 1.05
CA GLY A 578 15.03 26.46 1.31
C GLY A 578 15.67 27.01 2.57
N GLY A 579 15.05 28.03 3.17
CA GLY A 579 15.61 28.66 4.34
C GLY A 579 16.94 29.34 4.05
N ARG A 580 17.84 29.28 5.02
CA ARG A 580 19.13 29.95 4.85
C ARG A 580 20.25 29.06 5.32
N VAL A 581 21.43 29.31 4.77
CA VAL A 581 22.60 28.53 5.06
C VAL A 581 23.78 29.44 5.33
N TYR A 582 24.45 29.26 6.48
CA TYR A 582 25.61 30.08 6.87
C TYR A 582 26.84 29.21 7.15
N PRO A 583 28.04 29.66 6.77
CA PRO A 583 29.18 28.84 7.19
C PRO A 583 29.36 28.92 8.70
N VAL A 584 29.86 27.85 9.30
CA VAL A 584 30.19 27.90 10.72
C VAL A 584 31.38 28.84 10.90
N GLN A 585 32.43 28.62 10.11
CA GLN A 585 33.57 29.53 10.09
C GLN A 585 33.99 29.82 8.66
N GLY A 586 34.62 30.97 8.44
CA GLY A 586 35.15 31.29 7.13
C GLY A 586 34.14 31.96 6.20
N ARG A 587 34.44 32.00 4.91
CA ARG A 587 33.63 32.76 3.98
C ARG A 587 32.48 31.94 3.44
N LEU A 588 31.44 32.62 2.99
CA LEU A 588 30.31 31.97 2.36
C LEU A 588 30.66 31.87 0.89
N ALA A 589 30.62 30.65 0.36
CA ALA A 589 30.98 30.40 -1.05
C ALA A 589 29.87 29.67 -1.76
N ASP A 590 29.90 29.77 -3.10
CA ASP A 590 28.99 29.07 -4.02
C ASP A 590 29.17 27.60 -4.06
N GLY A 591 28.23 26.92 -4.71
CA GLY A 591 28.34 25.49 -4.94
C GLY A 591 28.34 24.71 -3.64
N LEU A 592 27.33 24.95 -2.82
CA LEU A 592 27.22 24.21 -1.59
C LEU A 592 26.09 23.22 -1.71
N TYR A 593 26.37 21.97 -1.40
CA TYR A 593 25.39 20.92 -1.40
C TYR A 593 25.12 20.45 0.04
N VAL A 594 23.86 20.53 0.48
CA VAL A 594 23.53 20.26 1.85
C VAL A 594 22.42 19.23 2.00
N PRO A 595 22.80 17.95 2.16
CA PRO A 595 21.81 16.88 2.30
C PRO A 595 21.02 17.03 3.59
N LEU A 596 19.70 16.89 3.48
CA LEU A 596 18.78 16.97 4.62
C LEU A 596 18.04 15.63 4.71
N GLU A 597 16.78 15.67 5.04
CA GLU A 597 16.03 14.46 5.25
C GLU A 597 15.98 13.78 3.91
N ASP A 598 15.47 12.58 3.85
CA ASP A 598 15.98 11.47 3.11
C ASP A 598 16.21 11.59 1.60
N LYS A 599 15.31 12.18 0.84
CA LYS A 599 15.58 12.39 -0.57
C LYS A 599 15.70 13.87 -0.93
N THR A 600 16.00 14.66 0.07
CA THR A 600 15.93 16.12 -0.04
C THR A 600 17.25 16.78 0.29
N PHE A 601 17.59 17.82 -0.45
CA PHE A 601 18.80 18.56 -0.14
C PHE A 601 18.70 20.00 -0.55
N LEU A 602 19.61 20.81 -0.02
CA LEU A 602 19.71 22.21 -0.32
C LEU A 602 20.85 22.40 -1.29
N LEU A 603 20.71 23.36 -2.16
CA LEU A 603 21.76 23.63 -3.12
C LEU A 603 21.93 25.13 -3.18
N LEU A 604 23.09 25.59 -2.75
CA LEU A 604 23.46 26.98 -2.84
C LEU A 604 24.25 27.17 -4.12
N THR A 605 23.59 27.76 -5.12
CA THR A 605 24.16 27.79 -6.47
C THR A 605 24.85 29.11 -6.75
N VAL A 606 24.28 30.20 -6.26
CA VAL A 606 24.87 31.49 -6.56
C VAL A 606 24.97 32.35 -5.30
N HIS A 607 26.05 33.08 -5.20
CA HIS A 607 26.19 34.06 -4.14
C HIS A 607 27.15 35.14 -4.55
N ARG A 608 26.84 36.35 -4.10
CA ARG A 608 27.72 37.51 -4.25
C ARG A 608 27.60 38.39 -3.00
N ASP A 609 28.72 38.82 -2.44
CA ASP A 609 28.69 39.61 -1.21
C ASP A 609 27.82 40.87 -1.32
N PHE A 610 27.91 41.58 -2.45
CA PHE A 610 27.13 42.80 -2.62
C PHE A 610 25.63 42.50 -2.81
N ARG A 611 25.30 41.23 -2.94
CA ARG A 611 23.95 40.80 -3.29
C ARG A 611 23.13 40.23 -2.13
N GLY A 612 23.30 40.76 -0.92
CA GLY A 612 22.60 40.28 0.27
C GLY A 612 22.96 38.85 0.68
N THR A 613 21.99 38.13 1.22
CA THR A 613 22.15 36.73 1.64
C THR A 613 21.53 35.78 0.63
N PRO A 614 22.22 34.69 0.25
CA PRO A 614 21.62 33.78 -0.74
C PRO A 614 20.40 33.05 -0.20
N ARG A 615 19.54 32.67 -1.12
CA ARG A 615 18.41 31.81 -0.85
C ARG A 615 18.68 30.44 -1.50
N PRO A 616 19.12 29.45 -0.71
CA PRO A 616 19.44 28.14 -1.30
C PRO A 616 18.22 27.52 -1.95
N LEU A 617 18.42 26.82 -3.07
CA LEU A 617 17.32 26.04 -3.64
C LEU A 617 17.04 24.83 -2.76
N LYS A 618 15.78 24.42 -2.69
CA LYS A 618 15.44 23.15 -2.05
C LYS A 618 15.04 22.12 -3.12
N LEU A 619 15.70 20.97 -3.15
CA LEU A 619 15.53 19.98 -4.20
C LEU A 619 15.07 18.68 -3.61
N VAL A 620 14.20 17.99 -4.34
CA VAL A 620 13.72 16.69 -3.91
C VAL A 620 13.90 15.68 -5.03
N HIS A 621 14.63 14.61 -4.73
CA HIS A 621 14.81 13.49 -5.65
C HIS A 621 13.56 12.63 -5.66
N GLU A 622 12.78 12.74 -6.72
CA GLU A 622 11.47 12.09 -6.75
C GLU A 622 11.47 10.73 -7.44
N ALA A 623 12.39 10.50 -8.38
CA ALA A 623 12.47 9.21 -9.07
C ALA A 623 13.86 8.99 -9.64
N GLY A 624 14.28 7.73 -9.71
CA GLY A 624 15.62 7.41 -10.19
C GLY A 624 16.53 6.95 -9.08
N ASP A 625 17.72 6.47 -9.43
CA ASP A 625 18.64 5.97 -8.41
C ASP A 625 20.03 6.59 -8.49
N THR A 626 20.15 7.74 -9.15
CA THR A 626 21.41 8.46 -9.08
C THR A 626 21.57 9.02 -7.66
N PRO A 627 22.77 8.87 -7.07
CA PRO A 627 23.07 9.45 -5.75
C PRO A 627 22.85 10.95 -5.76
N LEU A 628 22.40 11.46 -4.63
CA LEU A 628 22.09 12.88 -4.48
C LEU A 628 23.27 13.73 -4.86
N GLU A 629 24.47 13.29 -4.50
CA GLU A 629 25.69 14.07 -4.75
C GLU A 629 25.92 14.36 -6.21
N ALA A 630 25.79 13.33 -7.05
CA ALA A 630 25.98 13.44 -8.49
C ALA A 630 24.88 14.31 -9.13
N LEU A 631 23.65 14.13 -8.66
CA LEU A 631 22.55 15.03 -9.07
C LEU A 631 22.89 16.50 -8.75
N ALA A 632 23.34 16.76 -7.51
CA ALA A 632 23.65 18.13 -7.07
C ALA A 632 24.77 18.68 -7.92
N HIS A 633 25.74 17.82 -8.22
CA HIS A 633 26.85 18.22 -9.09
C HIS A 633 26.35 18.65 -10.47
N GLN A 634 25.57 17.81 -11.14
CA GLN A 634 25.10 18.19 -12.48
C GLN A 634 24.20 19.45 -12.46
N ILE A 635 23.29 19.52 -11.50
CA ILE A 635 22.36 20.64 -11.46
C ILE A 635 23.12 21.96 -11.25
N PHE A 636 24.06 21.92 -10.28
CA PHE A 636 24.90 23.07 -9.99
C PHE A 636 25.67 23.47 -11.22
N HIS A 637 26.24 22.50 -11.91
CA HIS A 637 26.98 22.84 -13.13
C HIS A 637 26.07 23.44 -14.24
N LEU A 638 24.84 22.95 -14.39
CA LEU A 638 23.89 23.48 -15.41
C LEU A 638 23.56 24.93 -15.11
N THR A 639 23.73 25.30 -13.85
CA THR A 639 23.55 26.70 -13.50
C THR A 639 24.54 27.68 -14.25
N ARG A 640 25.70 27.22 -14.72
CA ARG A 640 26.66 28.13 -15.37
C ARG A 640 26.51 28.21 -16.89
N LEU A 641 25.47 27.56 -17.42
CA LEU A 641 25.33 27.42 -18.87
C LEU A 641 24.56 28.52 -19.59
N TYR A 642 23.88 29.40 -18.85
CA TYR A 642 23.00 30.37 -19.47
C TYR A 642 23.72 31.36 -20.38
N PRO A 643 23.43 31.31 -21.70
CA PRO A 643 24.22 32.08 -22.65
C PRO A 643 23.86 33.57 -22.73
N ALA A 644 22.72 33.99 -22.18
CA ALA A 644 22.27 35.37 -22.34
C ALA A 644 22.57 36.30 -21.14
N SER A 645 23.22 35.77 -20.10
CA SER A 645 23.72 36.59 -18.98
C SER A 645 25.24 36.59 -19.02
N GLY A 646 25.85 37.69 -19.44
CA GLY A 646 27.31 37.72 -19.56
C GLY A 646 28.16 37.78 -18.30
N PHE A 647 27.59 38.21 -17.18
CA PHE A 647 28.43 38.56 -16.03
C PHE A 647 27.95 38.00 -14.68
N ALA A 648 26.77 37.41 -14.66
CA ALA A 648 26.21 36.88 -13.42
C ALA A 648 25.46 35.58 -13.74
N PHE A 649 25.72 34.53 -12.98
CA PHE A 649 25.04 33.25 -13.21
C PHE A 649 23.65 33.17 -12.59
N PRO A 650 22.71 32.54 -13.31
CA PRO A 650 21.38 32.33 -12.72
C PRO A 650 21.44 31.35 -11.55
N ARG A 651 20.55 31.56 -10.60
CA ARG A 651 20.35 30.66 -9.49
C ARG A 651 19.83 29.30 -9.98
N LEU A 652 18.88 29.31 -10.90
CA LEU A 652 18.30 28.04 -11.43
C LEU A 652 19.24 27.40 -12.45
N PRO A 653 19.25 26.07 -12.54
CA PRO A 653 19.98 25.43 -13.63
C PRO A 653 19.36 25.86 -14.96
N ALA A 654 20.20 26.04 -15.98
CA ALA A 654 19.74 26.64 -17.25
C ALA A 654 18.43 26.07 -17.86
N PRO A 655 18.21 24.75 -17.82
CA PRO A 655 16.94 24.32 -18.47
C PRO A 655 15.66 24.92 -17.86
N LEU A 656 15.63 25.05 -16.54
CA LEU A 656 14.53 25.67 -15.80
C LEU A 656 14.49 27.19 -15.93
N HIS A 657 15.66 27.82 -15.93
CA HIS A 657 15.74 29.26 -16.11
C HIS A 657 15.17 29.64 -17.49
N LEU A 658 15.63 28.89 -18.49
CA LEU A 658 15.19 29.00 -19.87
C LEU A 658 13.72 28.78 -19.95
N ALA A 659 13.24 27.65 -19.42
CA ALA A 659 11.81 27.32 -19.51
C ALA A 659 10.94 28.40 -18.89
N ASP A 660 11.43 28.92 -17.78
CA ASP A 660 10.79 30.03 -17.09
C ASP A 660 10.60 31.21 -18.06
N ARG A 661 11.72 31.66 -18.63
CA ARG A 661 11.67 32.79 -19.56
C ARG A 661 10.77 32.49 -20.80
N LEU A 662 10.81 31.24 -21.28
CA LEU A 662 10.00 30.81 -22.44
C LEU A 662 8.50 30.90 -22.16
N VAL A 663 8.06 30.33 -21.04
CA VAL A 663 6.64 30.42 -20.71
C VAL A 663 6.25 31.88 -20.56
N LYS A 664 7.11 32.67 -19.93
CA LYS A 664 6.82 34.11 -19.84
C LYS A 664 6.58 34.76 -21.21
N GLU A 665 7.47 34.49 -22.18
CA GLU A 665 7.36 35.14 -23.47
C GLU A 665 6.19 34.61 -24.30
N VAL A 666 5.88 33.33 -24.12
CA VAL A 666 4.73 32.72 -24.78
C VAL A 666 3.49 33.45 -24.31
N GLY A 667 3.44 33.73 -23.00
CA GLY A 667 2.32 34.47 -22.47
C GLY A 667 2.28 35.92 -22.97
N ARG A 668 3.44 36.55 -23.08
CA ARG A 668 3.44 37.96 -23.47
C ARG A 668 3.23 38.21 -24.96
N LEU A 669 3.43 37.19 -25.80
CA LEU A 669 3.36 37.42 -27.23
C LEU A 669 2.15 36.73 -27.86
N GLY A 670 1.55 35.78 -27.16
CA GLY A 670 0.34 35.16 -27.66
C GLY A 670 0.61 34.08 -28.69
N ILE A 671 1.69 33.34 -28.48
CA ILE A 671 2.18 32.44 -29.51
C ILE A 671 1.48 31.09 -29.43
N ARG A 672 1.14 30.55 -30.59
CA ARG A 672 0.39 29.33 -30.70
C ARG A 672 0.93 28.25 -31.61
N HIS A 673 1.36 28.64 -32.79
CA HIS A 673 1.85 27.67 -33.77
C HIS A 673 3.14 28.18 -34.43
N LEU A 674 4.17 28.41 -33.62
CA LEU A 674 5.48 28.82 -34.15
C LEU A 674 6.05 27.74 -35.05
N LYS A 675 6.39 28.13 -36.28
CA LYS A 675 6.83 27.14 -37.25
C LYS A 675 8.04 27.62 -38.04
N GLU A 676 8.27 28.93 -38.04
CA GLU A 676 9.38 29.45 -38.83
C GLU A 676 10.69 29.51 -38.04
N VAL A 677 10.65 29.16 -36.75
CA VAL A 677 11.79 29.38 -35.85
C VAL A 677 12.46 28.08 -35.37
N ASP A 678 13.72 27.87 -35.74
CA ASP A 678 14.50 26.72 -35.28
C ASP A 678 14.51 26.62 -33.75
N ARG A 679 14.57 25.39 -33.23
CA ARG A 679 14.47 25.17 -31.81
C ARG A 679 15.77 25.47 -31.09
N GLU A 680 16.84 25.73 -31.84
CA GLU A 680 18.09 26.15 -31.21
C GLU A 680 18.16 27.67 -31.12
N LYS A 681 17.17 28.35 -31.70
CA LYS A 681 17.09 29.80 -31.62
C LYS A 681 16.31 30.18 -30.39
N LEU A 682 17.02 30.65 -29.37
CA LEU A 682 16.43 30.95 -28.08
C LEU A 682 15.76 32.30 -28.13
N PHE A 683 14.64 32.38 -28.86
CA PHE A 683 14.06 33.67 -29.20
C PHE A 683 13.62 34.44 -27.97
N PHE A 684 13.44 33.73 -26.86
CA PHE A 684 12.79 34.29 -25.70
C PHE A 684 13.73 34.84 -24.62
N VAL A 685 15.03 34.86 -24.85
CA VAL A 685 15.92 35.24 -23.74
C VAL A 685 16.03 36.77 -23.61
N GLY B 5 -36.54 -24.71 20.17
CA GLY B 5 -36.21 -23.93 21.35
C GLY B 5 -35.24 -22.81 21.01
N LYS B 6 -35.52 -21.61 21.54
CA LYS B 6 -34.68 -20.47 21.26
C LYS B 6 -33.54 -20.44 22.27
N THR B 7 -32.36 -20.03 21.83
CA THR B 7 -31.23 -19.85 22.73
C THR B 7 -30.34 -18.79 22.11
N GLU B 8 -29.35 -18.31 22.86
CA GLU B 8 -28.41 -17.35 22.30
C GLU B 8 -27.00 -17.86 22.50
N VAL B 9 -26.12 -17.53 21.57
CA VAL B 9 -24.73 -17.97 21.70
C VAL B 9 -23.73 -16.85 21.49
N PHE B 10 -22.54 -17.05 22.03
CA PHE B 10 -21.37 -16.25 21.71
C PHE B 10 -20.56 -16.95 20.64
N LEU B 11 -20.05 -16.16 19.72
CA LEU B 11 -19.05 -16.61 18.80
C LEU B 11 -17.71 -16.23 19.40
N ASN B 12 -16.64 -16.77 18.87
CA ASN B 12 -15.33 -16.45 19.36
C ASN B 12 -14.79 -15.33 18.53
N ARG B 13 -15.70 -14.50 18.08
CA ARG B 13 -15.35 -13.25 17.43
C ARG B 13 -15.87 -12.06 18.23
N PHE B 14 -15.27 -10.90 17.98
CA PHE B 14 -15.50 -9.72 18.80
C PHE B 14 -15.58 -8.47 17.91
N ALA B 15 -16.58 -7.64 18.16
CA ALA B 15 -16.73 -6.39 17.41
C ALA B 15 -15.77 -5.32 17.93
N LEU B 16 -15.13 -4.62 17.00
CA LEU B 16 -14.30 -3.47 17.32
C LEU B 16 -14.92 -2.23 16.65
N ARG B 17 -14.22 -1.10 16.70
CA ARG B 17 -14.78 0.17 16.18
C ARG B 17 -14.94 0.11 14.66
N PRO B 18 -15.90 0.88 14.14
CA PRO B 18 -16.07 1.00 12.69
C PRO B 18 -14.83 1.60 12.02
N LEU B 19 -14.66 1.38 10.72
CA LEU B 19 -13.55 1.98 9.99
C LEU B 19 -13.79 3.49 9.83
N ASN B 20 -12.72 4.27 9.95
CA ASN B 20 -12.84 5.72 9.79
C ASN B 20 -12.89 6.06 8.29
N PRO B 21 -13.31 7.29 7.95
CA PRO B 21 -13.37 7.68 6.52
C PRO B 21 -12.06 7.48 5.78
N GLU B 22 -10.94 7.76 6.44
CA GLU B 22 -9.62 7.58 5.86
C GLU B 22 -9.32 6.10 5.55
N GLU B 23 -9.79 5.20 6.41
CA GLU B 23 -9.58 3.76 6.23
C GLU B 23 -10.48 3.22 5.14
N LEU B 24 -11.67 3.82 4.98
CA LEU B 24 -12.58 3.41 3.93
C LEU B 24 -12.13 3.97 2.58
N ARG B 25 -11.13 4.86 2.61
CA ARG B 25 -10.58 5.44 1.39
C ARG B 25 -9.07 5.19 1.35
N PRO B 26 -8.68 3.94 1.04
CA PRO B 26 -7.25 3.59 0.99
C PRO B 26 -6.57 4.19 -0.24
N TRP B 27 -5.29 4.55 -0.08
CA TRP B 27 -4.49 4.98 -1.21
C TRP B 27 -4.35 3.86 -2.22
N ARG B 28 -4.56 4.20 -3.48
CA ARG B 28 -4.48 3.24 -4.57
C ARG B 28 -3.15 3.47 -5.28
N LEU B 29 -2.53 2.39 -5.73
CA LEU B 29 -1.24 2.48 -6.41
C LEU B 29 -1.21 1.54 -7.61
N GLU B 30 -0.75 2.06 -8.75
CA GLU B 30 -0.62 1.26 -9.96
C GLU B 30 0.77 0.62 -9.96
N VAL B 31 0.90 -0.56 -10.56
CA VAL B 31 2.17 -1.30 -10.48
C VAL B 31 2.76 -1.62 -11.85
N VAL B 32 4.04 -1.29 -12.03
CA VAL B 32 4.72 -1.69 -13.26
C VAL B 32 5.87 -2.63 -12.93
N LEU B 33 5.92 -3.77 -13.63
CA LEU B 33 6.97 -4.76 -13.41
C LEU B 33 7.87 -4.92 -14.64
N ASP B 34 9.17 -4.97 -14.40
CA ASP B 34 10.15 -5.07 -15.48
C ASP B 34 11.17 -6.17 -15.17
N PRO B 35 11.22 -7.22 -16.01
CA PRO B 35 10.45 -7.39 -17.24
C PRO B 35 9.00 -7.78 -16.99
N PRO B 36 8.14 -7.68 -18.03
CA PRO B 36 6.76 -8.15 -17.92
C PRO B 36 6.70 -9.63 -17.62
N PRO B 37 6.07 -10.01 -16.50
CA PRO B 37 5.92 -11.40 -16.11
C PRO B 37 4.67 -12.02 -16.70
N GLY B 38 4.57 -13.35 -16.66
CA GLY B 38 3.38 -14.06 -17.10
C GLY B 38 2.22 -13.93 -16.13
N ARG B 39 1.01 -14.15 -16.64
CA ARG B 39 -0.20 -14.01 -15.83
C ARG B 39 -0.30 -15.10 -14.76
N GLU B 40 0.56 -16.11 -14.86
CA GLU B 40 0.64 -17.14 -13.84
C GLU B 40 1.49 -16.64 -12.67
N GLU B 41 2.27 -15.60 -12.93
CA GLU B 41 3.20 -15.08 -11.93
C GLU B 41 2.87 -13.65 -11.50
N VAL B 42 1.80 -13.07 -12.06
CA VAL B 42 1.46 -11.68 -11.75
C VAL B 42 1.08 -11.49 -10.27
N TYR B 43 0.12 -12.28 -9.79
CA TYR B 43 -0.39 -12.12 -8.43
C TYR B 43 0.62 -12.42 -7.31
N PRO B 44 1.42 -13.51 -7.45
CA PRO B 44 2.49 -13.72 -6.45
C PRO B 44 3.48 -12.55 -6.39
N LEU B 45 3.86 -12.07 -7.57
CA LEU B 45 4.80 -10.96 -7.67
C LEU B 45 4.20 -9.70 -7.03
N LEU B 46 2.92 -9.44 -7.29
CA LEU B 46 2.22 -8.30 -6.71
C LEU B 46 2.12 -8.40 -5.19
N ALA B 47 1.92 -9.60 -4.67
CA ALA B 47 1.96 -9.81 -3.22
C ALA B 47 3.33 -9.42 -2.67
N GLN B 48 4.37 -9.90 -3.37
CA GLN B 48 5.74 -9.59 -2.97
C GLN B 48 5.98 -8.07 -3.03
N VAL B 49 5.44 -7.41 -4.06
CA VAL B 49 5.53 -5.96 -4.22
C VAL B 49 4.91 -5.29 -3.01
N ALA B 50 3.73 -5.77 -2.63
CA ALA B 50 3.02 -5.24 -1.49
C ALA B 50 3.90 -5.31 -0.26
N ARG B 51 4.68 -6.38 -0.14
CA ARG B 51 5.58 -6.49 1.02
C ARG B 51 6.80 -5.55 0.94
N ARG B 52 7.50 -5.56 -0.19
CA ARG B 52 8.68 -4.72 -0.40
C ARG B 52 8.34 -3.24 -0.28
N ALA B 53 7.10 -2.90 -0.60
CA ALA B 53 6.65 -1.52 -0.55
C ALA B 53 6.67 -1.00 0.89
N GLY B 54 6.37 -1.90 1.83
CA GLY B 54 6.33 -1.54 3.24
C GLY B 54 4.96 -1.01 3.60
N GLY B 55 4.77 -0.64 4.87
CA GLY B 55 3.50 -0.12 5.33
C GLY B 55 2.35 -1.12 5.26
N VAL B 56 1.13 -0.64 5.49
CA VAL B 56 -0.04 -1.51 5.45
C VAL B 56 -0.63 -1.53 4.05
N THR B 57 -0.03 -2.33 3.17
CA THR B 57 -0.44 -2.36 1.77
C THR B 57 -0.61 -3.79 1.33
N VAL B 58 -1.65 -4.04 0.53
CA VAL B 58 -1.92 -5.36 -0.02
C VAL B 58 -2.23 -5.25 -1.50
N ARG B 59 -2.34 -6.40 -2.16
CA ARG B 59 -2.74 -6.42 -3.55
C ARG B 59 -4.21 -5.99 -3.67
N MET B 60 -4.50 -5.17 -4.66
CA MET B 60 -5.89 -4.88 -5.05
C MET B 60 -6.01 -4.96 -6.57
N GLY B 61 -6.56 -6.08 -7.04
CA GLY B 61 -6.63 -6.36 -8.46
C GLY B 61 -5.24 -6.57 -9.01
N ASP B 62 -4.86 -5.76 -9.99
CA ASP B 62 -3.51 -5.81 -10.53
C ASP B 62 -2.75 -4.59 -10.03
N GLY B 63 -3.24 -4.04 -8.92
CA GLY B 63 -2.65 -2.89 -8.27
C GLY B 63 -2.39 -3.11 -6.79
N LEU B 64 -2.25 -2.01 -6.07
CA LEU B 64 -1.93 -2.00 -4.66
C LEU B 64 -2.93 -1.10 -3.92
N ALA B 65 -3.41 -1.55 -2.76
CA ALA B 65 -4.20 -0.70 -1.87
C ALA B 65 -3.43 -0.53 -0.58
N SER B 66 -3.48 0.65 0.03
CA SER B 66 -2.68 0.91 1.22
C SER B 66 -3.29 1.88 2.22
N TRP B 67 -3.01 1.65 3.50
CA TRP B 67 -3.43 2.55 4.56
C TRP B 67 -2.27 3.42 5.02
N SER B 68 -1.09 3.15 4.44
CA SER B 68 0.10 3.94 4.69
C SER B 68 0.27 4.99 3.60
N PRO B 69 0.65 6.23 3.99
CA PRO B 69 0.88 7.30 3.02
C PRO B 69 2.03 6.95 2.09
N PRO B 70 1.93 7.34 0.80
CA PRO B 70 2.96 6.99 -0.18
C PRO B 70 4.36 7.47 0.21
N GLU B 71 4.41 8.48 1.07
CA GLU B 71 5.66 9.05 1.56
C GLU B 71 6.51 8.05 2.36
N VAL B 72 5.88 7.02 2.93
CA VAL B 72 6.62 6.06 3.73
C VAL B 72 6.79 4.78 2.91
N LEU B 73 6.17 4.75 1.75
CA LEU B 73 6.30 3.62 0.84
C LEU B 73 7.63 3.69 0.07
N VAL B 74 8.16 2.52 -0.26
CA VAL B 74 9.30 2.40 -1.16
C VAL B 74 8.75 2.20 -2.57
N LEU B 75 8.78 3.27 -3.37
CA LEU B 75 8.02 3.33 -4.62
C LEU B 75 8.68 2.67 -5.83
N GLU B 76 10.01 2.60 -5.84
CA GLU B 76 10.73 1.87 -6.87
C GLU B 76 11.72 0.91 -6.19
N GLY B 77 11.85 -0.30 -6.73
CA GLY B 77 12.72 -1.27 -6.10
C GLY B 77 12.86 -2.57 -6.87
N THR B 78 13.43 -3.59 -6.22
CA THR B 78 13.59 -4.89 -6.87
C THR B 78 12.96 -6.03 -6.08
N LEU B 79 12.92 -7.18 -6.74
CA LEU B 79 12.13 -8.33 -6.36
C LEU B 79 12.90 -9.56 -6.81
N ALA B 80 12.92 -10.60 -5.98
CA ALA B 80 13.53 -11.86 -6.38
C ALA B 80 12.52 -12.99 -6.28
N ARG B 81 12.16 -13.59 -7.40
CA ARG B 81 11.30 -14.76 -7.41
C ARG B 81 11.86 -15.88 -8.29
N MET B 82 12.14 -17.02 -7.66
CA MET B 82 12.65 -18.21 -8.33
C MET B 82 13.84 -17.90 -9.23
N GLY B 83 14.84 -17.22 -8.67
CA GLY B 83 16.04 -16.89 -9.42
C GLY B 83 15.95 -15.62 -10.26
N GLN B 84 14.74 -15.16 -10.55
CA GLN B 84 14.58 -14.01 -11.43
C GLN B 84 14.44 -12.70 -10.64
N THR B 85 15.13 -11.65 -11.10
CA THR B 85 15.01 -10.33 -10.50
C THR B 85 14.04 -9.46 -11.31
N TYR B 86 13.11 -8.81 -10.62
CA TYR B 86 12.20 -7.86 -11.25
C TYR B 86 12.41 -6.49 -10.62
N ALA B 87 12.41 -5.43 -11.44
CA ALA B 87 12.23 -4.09 -10.92
C ALA B 87 10.74 -3.83 -10.85
N TYR B 88 10.31 -3.08 -9.84
CA TYR B 88 8.94 -2.61 -9.76
C TYR B 88 8.94 -1.09 -9.59
N ARG B 89 7.92 -0.47 -10.17
CA ARG B 89 7.67 0.97 -10.05
C ARG B 89 6.22 1.20 -9.68
N LEU B 90 5.98 2.00 -8.65
CA LEU B 90 4.63 2.23 -8.17
C LEU B 90 4.16 3.65 -8.47
N TYR B 91 2.90 3.80 -8.87
CA TYR B 91 2.36 5.13 -9.09
C TYR B 91 1.13 5.38 -8.24
N PRO B 92 1.31 6.17 -7.17
CA PRO B 92 0.21 6.64 -6.33
C PRO B 92 -0.85 7.34 -7.17
N LYS B 93 -2.00 6.70 -7.32
CA LYS B 93 -3.11 7.27 -8.10
C LYS B 93 -4.18 7.93 -7.23
N GLY B 94 -3.77 8.43 -6.06
CA GLY B 94 -4.71 9.02 -5.12
C GLY B 94 -5.45 7.97 -4.31
N ARG B 95 -6.67 8.30 -3.88
CA ARG B 95 -7.47 7.41 -3.03
C ARG B 95 -8.69 6.80 -3.72
N ARG B 96 -9.05 5.59 -3.29
CA ARG B 96 -10.22 4.93 -3.88
C ARG B 96 -11.20 4.51 -2.79
N PRO B 97 -12.45 4.98 -2.87
CA PRO B 97 -13.49 4.61 -1.91
C PRO B 97 -13.95 3.18 -2.13
N LEU B 98 -13.95 2.37 -1.07
CA LEU B 98 -14.38 0.99 -1.18
C LEU B 98 -15.66 0.76 -0.35
N ASP B 99 -16.60 0.03 -0.93
CA ASP B 99 -17.90 -0.21 -0.30
C ASP B 99 -17.97 -1.57 0.40
N PRO B 100 -18.03 -1.54 1.75
CA PRO B 100 -18.12 -2.73 2.59
C PRO B 100 -19.27 -3.68 2.27
N LYS B 101 -20.33 -3.20 1.61
CA LYS B 101 -21.43 -4.08 1.21
C LYS B 101 -21.04 -4.95 0.02
N ASP B 102 -20.02 -4.50 -0.71
CA ASP B 102 -19.55 -5.21 -1.88
C ASP B 102 -18.47 -6.22 -1.49
N PRO B 103 -18.73 -7.51 -1.77
CA PRO B 103 -17.84 -8.62 -1.40
C PRO B 103 -16.36 -8.41 -1.75
N GLY B 104 -16.05 -8.07 -3.01
CA GLY B 104 -14.66 -7.90 -3.42
C GLY B 104 -13.96 -6.77 -2.70
N GLU B 105 -14.64 -5.63 -2.62
CA GLU B 105 -14.06 -4.46 -1.96
C GLU B 105 -13.86 -4.75 -0.48
N ARG B 106 -14.84 -5.45 0.12
CA ARG B 106 -14.74 -5.86 1.51
C ARG B 106 -13.55 -6.79 1.69
N SER B 107 -13.27 -7.59 0.67
CA SER B 107 -12.12 -8.50 0.68
C SER B 107 -10.83 -7.70 0.72
N VAL B 108 -10.81 -6.57 0.00
CA VAL B 108 -9.65 -5.69 0.05
C VAL B 108 -9.49 -5.12 1.46
N LEU B 109 -10.57 -4.57 2.00
CA LEU B 109 -10.54 -3.98 3.34
C LEU B 109 -10.07 -4.99 4.40
N SER B 110 -10.58 -6.21 4.29
CA SER B 110 -10.23 -7.27 5.22
C SER B 110 -8.76 -7.66 5.08
N ALA B 111 -8.27 -7.71 3.85
CA ALA B 111 -6.85 -8.01 3.65
C ALA B 111 -6.01 -6.92 4.30
N LEU B 112 -6.48 -5.68 4.19
CA LEU B 112 -5.83 -4.55 4.85
C LEU B 112 -5.83 -4.71 6.36
N ALA B 113 -6.97 -5.12 6.92
CA ALA B 113 -7.08 -5.36 8.36
C ALA B 113 -6.08 -6.42 8.81
N ARG B 114 -6.02 -7.52 8.07
CA ARG B 114 -5.09 -8.61 8.34
C ARG B 114 -3.65 -8.12 8.36
N ARG B 115 -3.30 -7.33 7.36
CA ARG B 115 -1.95 -6.77 7.27
C ARG B 115 -1.65 -5.86 8.46
N LEU B 116 -2.65 -5.07 8.85
CA LEU B 116 -2.56 -4.22 10.03
C LEU B 116 -2.23 -5.07 11.27
N LEU B 117 -3.01 -6.14 11.47
CA LEU B 117 -2.82 -7.02 12.61
C LEU B 117 -1.42 -7.62 12.59
N GLN B 118 -0.98 -8.09 11.43
CA GLN B 118 0.34 -8.69 11.33
C GLN B 118 1.42 -7.70 11.70
N GLU B 119 1.24 -6.45 11.27
CA GLU B 119 2.21 -5.40 11.54
C GLU B 119 2.29 -5.10 13.03
N ARG B 120 1.13 -4.99 13.67
CA ARG B 120 1.11 -4.65 15.09
C ARG B 120 1.60 -5.82 15.93
N LEU B 121 1.46 -7.03 15.40
CA LEU B 121 2.05 -8.21 16.03
C LEU B 121 3.58 -8.20 15.92
N ARG B 122 4.08 -7.74 14.78
CA ARG B 122 5.51 -7.80 14.50
C ARG B 122 6.35 -6.89 15.41
N ARG B 123 5.73 -5.88 16.00
CA ARG B 123 6.45 -4.90 16.80
C ARG B 123 6.49 -5.21 18.29
N LEU B 124 6.02 -6.38 18.64
CA LEU B 124 5.81 -6.74 20.04
C LEU B 124 7.05 -7.43 20.60
N GLU B 125 7.30 -7.21 21.88
CA GLU B 125 8.41 -7.85 22.58
C GLU B 125 7.89 -8.81 23.66
N GLY B 126 8.60 -9.91 23.88
CA GLY B 126 8.24 -10.81 24.95
C GLY B 126 7.35 -11.93 24.48
N VAL B 127 6.54 -11.66 23.47
CA VAL B 127 5.68 -12.65 22.87
C VAL B 127 6.44 -13.44 21.81
N TRP B 128 5.99 -14.65 21.53
CA TRP B 128 6.51 -15.42 20.40
C TRP B 128 5.49 -15.36 19.26
N VAL B 129 5.89 -14.81 18.11
CA VAL B 129 4.93 -14.55 17.03
C VAL B 129 5.16 -15.44 15.81
N GLU B 130 4.08 -16.05 15.33
CA GLU B 130 4.11 -16.93 14.17
C GLU B 130 2.87 -16.66 13.32
N GLY B 131 3.04 -15.86 12.27
CA GLY B 131 1.95 -15.47 11.40
C GLY B 131 0.97 -14.57 12.13
N LEU B 132 -0.28 -14.97 12.17
CA LEU B 132 -1.27 -14.24 12.95
C LEU B 132 -1.52 -14.91 14.30
N ALA B 133 -0.55 -15.70 14.75
CA ALA B 133 -0.66 -16.36 16.05
C ALA B 133 0.38 -15.81 17.03
N VAL B 134 -0.06 -15.55 18.25
CA VAL B 134 0.83 -15.12 19.33
C VAL B 134 0.77 -16.10 20.48
N TYR B 135 1.93 -16.36 21.07
CA TYR B 135 2.03 -17.27 22.20
C TYR B 135 2.74 -16.56 23.35
N ARG B 136 2.00 -16.29 24.42
CA ARG B 136 2.53 -15.51 25.54
C ARG B 136 2.98 -16.39 26.70
N ARG B 137 2.07 -17.23 27.19
CA ARG B 137 2.35 -17.98 28.42
C ARG B 137 3.26 -19.16 28.13
N GLU B 138 3.92 -19.65 29.16
CA GLU B 138 4.64 -20.91 29.05
C GLU B 138 3.83 -21.99 29.74
N HIS B 139 3.68 -23.14 29.09
CA HIS B 139 2.77 -24.18 29.58
C HIS B 139 3.54 -25.37 30.13
N ALA B 140 4.75 -25.59 29.61
CA ALA B 140 5.61 -26.69 30.05
C ALA B 140 7.01 -26.48 29.48
N ARG B 141 8.02 -27.04 30.15
CA ARG B 141 9.41 -26.78 29.78
C ARG B 141 10.32 -28.01 29.81
N GLY B 142 11.38 -27.95 29.00
CA GLY B 142 12.45 -28.94 28.88
C GLY B 142 12.20 -30.41 29.13
N PRO B 143 13.27 -31.20 29.15
CA PRO B 143 14.61 -30.73 28.82
C PRO B 143 14.84 -30.79 27.31
N GLY B 144 15.00 -29.62 26.68
CA GLY B 144 15.28 -29.56 25.26
C GLY B 144 14.08 -29.12 24.44
N TRP B 145 12.99 -28.81 25.13
CA TRP B 145 11.75 -28.36 24.49
C TRP B 145 10.96 -27.44 25.42
N ARG B 146 9.95 -26.77 24.88
CA ARG B 146 8.96 -26.09 25.73
C ARG B 146 7.64 -25.94 24.97
N VAL B 147 6.56 -25.75 25.72
CA VAL B 147 5.23 -25.56 25.14
C VAL B 147 4.66 -24.22 25.56
N LEU B 148 4.32 -23.37 24.58
CA LEU B 148 3.77 -22.06 24.88
C LEU B 148 2.27 -22.03 24.68
N GLY B 149 1.59 -21.17 25.42
CA GLY B 149 0.17 -20.97 25.26
C GLY B 149 -0.13 -19.59 24.73
N GLY B 150 -1.10 -19.52 23.82
CA GLY B 150 -1.54 -18.27 23.23
C GLY B 150 -2.80 -18.48 22.41
N ALA B 151 -2.87 -17.88 21.23
CA ALA B 151 -4.04 -18.01 20.37
C ALA B 151 -3.73 -17.69 18.91
N VAL B 152 -4.48 -18.32 18.01
CA VAL B 152 -4.49 -17.96 16.61
C VAL B 152 -5.48 -16.82 16.43
N LEU B 153 -5.06 -15.77 15.75
CA LEU B 153 -5.88 -14.56 15.60
C LEU B 153 -6.27 -14.29 14.17
N ASP B 154 -7.32 -13.51 13.98
CA ASP B 154 -7.65 -12.99 12.66
C ASP B 154 -8.32 -11.63 12.85
N LEU B 155 -8.26 -10.80 11.82
CA LEU B 155 -8.86 -9.48 11.85
C LEU B 155 -9.38 -9.14 10.47
N TRP B 156 -10.68 -8.88 10.36
CA TRP B 156 -11.22 -8.54 9.07
C TRP B 156 -12.28 -7.47 9.19
N VAL B 157 -13.02 -7.22 8.11
CA VAL B 157 -13.97 -6.12 8.10
C VAL B 157 -15.35 -6.64 7.76
N SER B 158 -16.35 -6.19 8.51
CA SER B 158 -17.71 -6.71 8.42
C SER B 158 -18.50 -6.13 7.26
N ASP B 159 -19.72 -6.62 7.09
CA ASP B 159 -20.64 -6.08 6.08
C ASP B 159 -20.94 -4.63 6.40
N SER B 160 -20.93 -4.31 7.69
CA SER B 160 -21.28 -2.96 8.18
C SER B 160 -20.08 -2.03 8.27
N GLY B 161 -18.92 -2.47 7.77
CA GLY B 161 -17.74 -1.63 7.76
C GLY B 161 -17.12 -1.39 9.13
N ALA B 162 -17.01 -2.46 9.92
CA ALA B 162 -16.32 -2.37 11.19
C ALA B 162 -15.31 -3.51 11.34
N PHE B 163 -14.33 -3.32 12.20
CA PHE B 163 -13.34 -4.35 12.45
C PHE B 163 -13.98 -5.52 13.21
N LEU B 164 -13.54 -6.72 12.88
CA LEU B 164 -13.94 -7.93 13.59
C LEU B 164 -12.68 -8.69 13.95
N LEU B 165 -12.57 -9.03 15.24
CA LEU B 165 -11.43 -9.75 15.76
C LEU B 165 -11.85 -11.19 16.00
N GLU B 166 -11.05 -12.13 15.53
CA GLU B 166 -11.29 -13.53 15.86
C GLU B 166 -10.13 -14.03 16.70
N VAL B 167 -10.47 -14.82 17.72
CA VAL B 167 -9.48 -15.35 18.64
C VAL B 167 -9.77 -16.81 18.95
N ASP B 168 -8.77 -17.67 18.84
CA ASP B 168 -8.95 -19.02 19.34
C ASP B 168 -7.68 -19.54 19.99
N PRO B 169 -7.76 -19.84 21.30
CA PRO B 169 -6.61 -20.35 22.05
C PRO B 169 -5.93 -21.56 21.40
N ALA B 170 -4.62 -21.60 21.54
CA ALA B 170 -3.81 -22.65 20.93
C ALA B 170 -2.45 -22.73 21.62
N TYR B 171 -1.91 -23.94 21.65
CA TYR B 171 -0.57 -24.21 22.18
C TYR B 171 0.44 -24.41 21.06
N ARG B 172 1.71 -24.18 21.36
CA ARG B 172 2.78 -24.39 20.38
C ARG B 172 3.95 -25.14 21.00
N ILE B 173 4.43 -26.16 20.29
CA ILE B 173 5.57 -26.94 20.75
C ILE B 173 6.85 -26.48 20.08
N LEU B 174 7.84 -26.13 20.89
CA LEU B 174 9.11 -25.60 20.38
C LEU B 174 10.30 -26.43 20.84
N CYS B 175 11.17 -26.77 19.90
CA CYS B 175 12.43 -27.43 20.22
C CYS B 175 13.51 -26.36 20.41
N GLU B 176 14.43 -26.60 21.33
CA GLU B 176 15.48 -25.63 21.63
C GLU B 176 16.87 -26.19 21.38
N MET B 177 16.95 -27.43 20.91
CA MET B 177 18.23 -28.03 20.55
C MET B 177 18.35 -28.27 19.06
N SER B 178 19.59 -28.53 18.63
CA SER B 178 19.87 -28.96 17.27
C SER B 178 19.50 -30.44 17.17
N LEU B 179 19.47 -30.99 15.97
CA LEU B 179 19.20 -32.42 15.80
C LEU B 179 20.27 -33.25 16.51
N GLU B 180 21.52 -32.77 16.43
CA GLU B 180 22.65 -33.46 17.04
C GLU B 180 22.50 -33.55 18.55
N ALA B 181 22.31 -32.41 19.21
CA ALA B 181 22.16 -32.35 20.65
C ALA B 181 20.98 -33.20 21.13
N TRP B 182 19.94 -33.23 20.30
CA TRP B 182 18.73 -34.00 20.60
C TRP B 182 19.01 -35.51 20.55
N LEU B 183 19.67 -35.96 19.49
CA LEU B 183 19.99 -37.38 19.31
C LEU B 183 21.14 -37.82 20.22
N ALA B 184 21.84 -36.86 20.81
CA ALA B 184 22.98 -37.15 21.67
C ALA B 184 22.50 -37.43 23.09
N GLN B 185 21.28 -37.01 23.39
CA GLN B 185 20.71 -37.23 24.71
C GLN B 185 19.84 -38.49 24.73
N GLY B 186 19.97 -39.33 23.71
CA GLY B 186 19.26 -40.59 23.69
C GLY B 186 18.00 -40.64 22.84
N HIS B 187 17.38 -39.47 22.63
CA HIS B 187 16.11 -39.38 21.90
C HIS B 187 16.14 -40.11 20.56
N PRO B 188 15.02 -40.72 20.17
CA PRO B 188 14.91 -41.36 18.85
C PRO B 188 14.83 -40.34 17.72
N LEU B 189 15.09 -40.76 16.48
CA LEU B 189 15.08 -39.83 15.36
C LEU B 189 13.70 -39.23 15.13
N PRO B 190 13.60 -37.89 15.20
CA PRO B 190 12.35 -37.18 14.91
C PRO B 190 11.83 -37.48 13.50
N LYS B 191 10.52 -37.45 13.29
CA LYS B 191 9.99 -37.76 11.97
C LYS B 191 10.31 -36.66 10.96
N ARG B 192 10.32 -35.42 11.44
CA ARG B 192 10.60 -34.28 10.58
C ARG B 192 11.69 -33.40 11.19
N VAL B 193 12.47 -32.75 10.32
CA VAL B 193 13.50 -31.81 10.75
C VAL B 193 13.33 -30.45 10.05
N ARG B 194 13.52 -29.37 10.78
CA ARG B 194 13.43 -28.02 10.23
C ARG B 194 14.80 -27.35 10.20
N ASN B 195 15.12 -26.62 9.14
CA ASN B 195 16.39 -25.90 9.10
C ASN B 195 16.51 -24.95 10.28
N ALA B 196 17.75 -24.66 10.69
CA ALA B 196 17.98 -23.73 11.78
C ALA B 196 18.03 -22.29 11.25
N TYR B 197 18.33 -22.17 9.96
CA TYR B 197 18.50 -20.85 9.35
C TYR B 197 17.22 -20.30 8.71
N ASP B 198 16.39 -21.17 8.15
CA ASP B 198 15.11 -20.71 7.58
C ASP B 198 13.95 -21.60 8.04
N ARG B 199 12.81 -21.52 7.37
CA ARG B 199 11.60 -22.21 7.83
C ARG B 199 11.39 -23.54 7.12
N ARG B 200 12.28 -23.87 6.19
CA ARG B 200 12.14 -25.09 5.40
C ARG B 200 12.19 -26.35 6.26
N THR B 201 11.43 -27.35 5.86
CA THR B 201 11.30 -28.60 6.61
C THR B 201 11.61 -29.81 5.71
N TRP B 202 12.11 -30.88 6.32
CA TRP B 202 12.54 -32.09 5.66
C TRP B 202 12.02 -33.33 6.37
N GLU B 203 11.96 -34.44 5.65
CA GLU B 203 11.66 -35.73 6.26
C GLU B 203 12.97 -36.45 6.57
N LEU B 204 13.28 -36.65 7.85
CA LEU B 204 14.52 -37.30 8.25
C LEU B 204 14.50 -38.81 7.97
N LEU B 205 15.29 -39.23 6.99
CA LEU B 205 15.32 -40.62 6.55
C LEU B 205 16.25 -41.50 7.40
N ARG B 206 17.50 -41.07 7.57
CA ARG B 206 18.48 -41.87 8.32
C ARG B 206 19.71 -41.07 8.71
N LEU B 207 20.62 -41.75 9.40
CA LEU B 207 21.91 -41.16 9.74
C LEU B 207 22.99 -41.68 8.79
N GLY B 208 24.16 -41.04 8.83
CA GLY B 208 25.25 -41.38 7.94
C GLY B 208 26.61 -41.28 8.59
N GLU B 209 27.42 -42.31 8.42
CA GLU B 209 28.74 -42.36 9.02
C GLU B 209 29.80 -41.70 8.12
N GLU B 210 29.34 -40.94 7.13
CA GLU B 210 30.23 -40.22 6.23
C GLU B 210 30.77 -38.96 6.92
N ASP B 211 31.94 -38.50 6.48
CA ASP B 211 32.51 -37.28 7.05
C ASP B 211 31.83 -36.04 6.47
N PRO B 212 31.87 -34.95 7.22
CA PRO B 212 31.21 -33.72 6.81
C PRO B 212 31.98 -32.99 5.71
N LYS B 213 33.28 -32.85 5.90
CA LYS B 213 34.12 -32.05 5.00
C LYS B 213 34.56 -32.83 3.76
N GLU B 214 34.14 -34.09 3.65
CA GLU B 214 34.54 -34.95 2.53
C GLU B 214 33.41 -35.26 1.55
N LEU B 215 32.17 -34.96 1.94
CA LEU B 215 31.00 -35.26 1.10
C LEU B 215 30.91 -34.34 -0.13
N PRO B 216 30.98 -34.94 -1.33
CA PRO B 216 30.98 -34.23 -2.61
C PRO B 216 29.60 -33.73 -3.04
N LEU B 217 29.34 -32.44 -2.85
CA LEU B 217 28.09 -31.84 -3.29
C LEU B 217 28.09 -31.68 -4.81
N PRO B 218 26.89 -31.68 -5.40
CA PRO B 218 26.77 -31.37 -6.83
C PRO B 218 26.97 -29.87 -7.02
N GLY B 219 28.17 -29.47 -7.41
CA GLY B 219 28.48 -28.05 -7.60
C GLY B 219 29.95 -27.71 -7.42
N GLY B 220 30.71 -28.68 -6.93
CA GLY B 220 32.15 -28.51 -6.77
C GLY B 220 32.61 -28.03 -5.40
N LEU B 221 31.90 -28.44 -4.34
CA LEU B 221 32.27 -28.04 -2.98
C LEU B 221 31.78 -29.04 -1.94
N SER B 222 32.44 -29.06 -0.77
CA SER B 222 32.12 -30.03 0.26
C SER B 222 30.91 -29.61 1.10
N LEU B 223 30.21 -30.61 1.64
CA LEU B 223 28.98 -30.39 2.42
C LEU B 223 29.12 -29.30 3.46
N LEU B 224 30.15 -29.42 4.32
CA LEU B 224 30.41 -28.39 5.33
C LEU B 224 30.66 -27.04 4.67
N ASP B 225 31.49 -27.02 3.63
CA ASP B 225 31.85 -25.79 2.93
C ASP B 225 30.64 -25.07 2.36
N TYR B 226 29.64 -25.83 1.93
CA TYR B 226 28.43 -25.26 1.36
C TYR B 226 27.69 -24.38 2.36
N HIS B 227 27.53 -24.88 3.59
CA HIS B 227 26.81 -24.13 4.61
C HIS B 227 27.72 -23.04 5.18
N ALA B 228 29.02 -23.34 5.25
CA ALA B 228 30.00 -22.37 5.73
C ALA B 228 30.02 -21.13 4.85
N SER B 229 29.85 -21.35 3.56
CA SER B 229 29.84 -20.29 2.56
C SER B 229 28.69 -19.32 2.80
N LYS B 230 27.65 -19.79 3.49
CA LYS B 230 26.46 -18.98 3.72
C LYS B 230 26.36 -18.52 5.18
N GLY B 231 27.51 -18.50 5.85
CA GLY B 231 27.59 -18.03 7.24
C GLY B 231 26.72 -18.82 8.19
N ARG B 232 26.46 -20.07 7.84
CA ARG B 232 25.54 -20.91 8.59
C ARG B 232 26.23 -21.59 9.77
N LEU B 233 27.56 -21.67 9.71
CA LEU B 233 28.31 -22.33 10.77
C LEU B 233 28.80 -21.34 11.83
N GLN B 234 28.78 -20.06 11.50
CA GLN B 234 29.12 -19.03 12.48
C GLN B 234 28.12 -19.09 13.62
N GLY B 235 28.60 -18.95 14.85
CA GLY B 235 27.76 -19.09 16.03
C GLY B 235 27.01 -20.41 16.08
N ARG B 236 27.66 -21.46 15.58
CA ARG B 236 27.05 -22.79 15.53
C ARG B 236 28.12 -23.86 15.36
N GLU B 237 27.72 -25.11 15.51
CA GLU B 237 28.61 -26.24 15.28
C GLU B 237 27.94 -27.21 14.32
N GLY B 238 28.74 -27.95 13.56
CA GLY B 238 28.19 -28.96 12.67
C GLY B 238 28.42 -30.30 13.34
N GLY B 239 27.55 -31.26 13.06
CA GLY B 239 27.71 -32.58 13.63
C GLY B 239 27.90 -33.62 12.55
N ARG B 240 27.37 -34.81 12.78
CA ARG B 240 27.46 -35.90 11.81
C ARG B 240 26.57 -35.61 10.61
N VAL B 241 26.48 -36.57 9.70
CA VAL B 241 25.64 -36.41 8.53
C VAL B 241 24.25 -36.95 8.85
N ALA B 242 23.22 -36.20 8.45
CA ALA B 242 21.85 -36.67 8.56
C ALA B 242 21.28 -36.78 7.16
N TRP B 243 20.85 -37.98 6.81
CA TRP B 243 20.17 -38.21 5.54
C TRP B 243 18.73 -37.76 5.62
N VAL B 244 18.39 -36.84 4.73
CA VAL B 244 17.14 -36.10 4.78
C VAL B 244 16.44 -36.30 3.44
N ALA B 245 15.17 -35.96 3.33
CA ALA B 245 14.46 -36.08 2.05
C ALA B 245 13.41 -34.97 1.91
N ASP B 246 13.24 -34.46 0.70
CA ASP B 246 12.22 -33.47 0.45
C ASP B 246 10.87 -34.17 0.41
N PRO B 247 9.87 -33.61 1.08
CA PRO B 247 8.55 -34.24 1.11
C PRO B 247 8.03 -34.45 -0.31
N LYS B 248 8.19 -33.43 -1.15
CA LYS B 248 7.74 -33.47 -2.53
C LYS B 248 8.61 -34.41 -3.36
N ASP B 249 9.68 -34.91 -2.76
CA ASP B 249 10.57 -35.84 -3.44
C ASP B 249 11.22 -36.80 -2.45
N PRO B 250 10.43 -37.76 -1.97
CA PRO B 250 10.86 -38.68 -0.91
C PRO B 250 11.73 -39.79 -1.49
N ARG B 251 11.79 -39.85 -2.81
CA ARG B 251 12.47 -40.92 -3.53
C ARG B 251 13.98 -40.73 -3.59
N LYS B 252 14.43 -39.48 -3.57
CA LYS B 252 15.86 -39.17 -3.63
C LYS B 252 16.37 -38.59 -2.32
N PRO B 253 17.26 -39.33 -1.64
CA PRO B 253 17.94 -38.86 -0.41
C PRO B 253 18.80 -37.63 -0.65
N ILE B 254 18.91 -36.77 0.35
CA ILE B 254 19.66 -35.53 0.27
C ILE B 254 20.32 -35.25 1.62
N PRO B 255 21.65 -35.05 1.61
CA PRO B 255 22.48 -34.93 2.82
C PRO B 255 22.32 -33.60 3.55
N HIS B 256 22.42 -33.64 4.88
CA HIS B 256 22.32 -32.44 5.69
C HIS B 256 23.16 -32.63 6.95
N LEU B 257 23.22 -31.61 7.79
CA LEU B 257 24.06 -31.65 8.96
C LEU B 257 23.24 -31.55 10.24
N THR B 258 23.43 -32.53 11.12
CA THR B 258 22.68 -32.58 12.37
C THR B 258 22.92 -31.36 13.27
N GLY B 259 24.02 -30.65 13.02
CA GLY B 259 24.34 -29.47 13.78
C GLY B 259 23.51 -28.27 13.33
N LEU B 260 22.93 -28.40 12.13
CA LEU B 260 22.16 -27.32 11.53
C LEU B 260 20.68 -27.67 11.39
N LEU B 261 20.33 -28.90 11.75
CA LEU B 261 18.94 -29.34 11.72
C LEU B 261 18.32 -29.23 13.10
N VAL B 262 17.02 -28.95 13.14
CA VAL B 262 16.28 -28.85 14.40
C VAL B 262 15.13 -29.86 14.37
N PRO B 263 14.93 -30.59 15.46
CA PRO B 263 13.81 -31.54 15.47
C PRO B 263 12.46 -30.84 15.38
N VAL B 264 11.53 -31.44 14.65
CA VAL B 264 10.14 -31.05 14.70
C VAL B 264 9.45 -31.96 15.71
N LEU B 265 9.09 -31.39 16.85
CA LEU B 265 8.58 -32.19 17.97
C LEU B 265 7.07 -32.47 17.87
N THR B 266 6.73 -33.74 17.72
CA THR B 266 5.35 -34.19 17.80
C THR B 266 5.00 -34.50 19.25
N LEU B 267 3.78 -34.97 19.46
CA LEU B 267 3.39 -35.56 20.73
C LEU B 267 4.11 -36.89 20.91
N GLU B 268 4.43 -37.53 19.79
CA GLU B 268 5.10 -38.82 19.76
C GLU B 268 6.53 -38.72 20.29
N ASP B 269 7.17 -37.58 20.05
CA ASP B 269 8.53 -37.33 20.49
C ASP B 269 8.56 -37.01 21.98
N LEU B 270 7.50 -36.39 22.46
CA LEU B 270 7.29 -36.20 23.89
C LEU B 270 6.41 -37.29 24.46
N HIS B 271 6.93 -38.49 24.52
CA HIS B 271 6.21 -39.65 25.07
C HIS B 271 4.74 -39.76 24.63
N SER B 276 2.78 -36.19 28.20
CA SER B 276 1.81 -36.08 29.28
C SER B 276 1.57 -34.62 29.59
N LEU B 277 1.02 -33.93 28.60
CA LEU B 277 0.54 -32.58 28.78
C LEU B 277 -0.88 -32.57 28.27
N ALA B 278 -1.72 -31.76 28.91
CA ALA B 278 -3.08 -31.70 28.49
C ALA B 278 -3.11 -30.50 27.67
N LEU B 279 -3.28 -30.69 26.39
CA LEU B 279 -3.36 -29.57 25.51
C LEU B 279 -4.80 -29.32 25.23
N SER B 280 -5.67 -30.06 25.90
CA SER B 280 -7.08 -29.85 25.62
C SER B 280 -7.75 -29.01 26.71
N LEU B 281 -8.52 -28.03 26.27
CA LEU B 281 -9.22 -27.16 27.20
C LEU B 281 -10.70 -27.51 27.29
N PRO B 282 -11.22 -27.63 28.52
CA PRO B 282 -12.68 -27.64 28.72
C PRO B 282 -13.24 -26.33 28.19
N TRP B 283 -14.45 -26.36 27.65
CA TRP B 283 -14.93 -25.21 26.89
C TRP B 283 -15.11 -23.93 27.70
N GLU B 284 -15.41 -24.04 28.99
CA GLU B 284 -15.51 -22.85 29.83
C GLU B 284 -14.13 -22.18 29.93
N GLU B 285 -13.10 -23.02 30.03
CA GLU B 285 -11.74 -22.52 30.12
C GLU B 285 -11.27 -21.91 28.79
N ARG B 286 -11.64 -22.53 27.67
CA ARG B 286 -11.28 -21.99 26.37
C ARG B 286 -11.97 -20.67 26.15
N ARG B 287 -13.24 -20.61 26.55
CA ARG B 287 -14.03 -19.38 26.43
C ARG B 287 -13.35 -18.25 27.24
N ARG B 288 -12.94 -18.60 28.47
CA ARG B 288 -12.23 -17.69 29.35
C ARG B 288 -10.96 -17.13 28.69
N ARG B 289 -10.08 -18.02 28.26
CA ARG B 289 -8.84 -17.60 27.61
C ARG B 289 -9.13 -16.80 26.35
N THR B 290 -10.24 -17.10 25.69
CA THR B 290 -10.60 -16.39 24.47
C THR B 290 -10.87 -14.94 24.84
N ARG B 291 -11.67 -14.72 25.87
CA ARG B 291 -11.96 -13.35 26.32
C ARG B 291 -10.69 -12.60 26.74
N GLU B 292 -9.89 -13.22 27.59
CA GLU B 292 -8.70 -12.55 28.12
C GLU B 292 -7.69 -12.21 27.03
N ILE B 293 -7.42 -13.15 26.14
CA ILE B 293 -6.49 -12.90 25.05
C ILE B 293 -7.09 -11.83 24.13
N ALA B 294 -8.41 -11.83 23.98
CA ALA B 294 -9.06 -10.81 23.19
C ALA B 294 -8.79 -9.41 23.77
N SER B 295 -8.87 -9.28 25.09
CA SER B 295 -8.60 -7.98 25.72
C SER B 295 -7.13 -7.57 25.59
N TRP B 296 -6.24 -8.53 25.82
CA TRP B 296 -4.81 -8.31 25.69
C TRP B 296 -4.42 -7.80 24.30
N ILE B 297 -4.83 -8.54 23.27
CA ILE B 297 -4.60 -8.11 21.88
C ILE B 297 -5.30 -6.78 21.59
N GLY B 298 -6.50 -6.63 22.12
CA GLY B 298 -7.28 -5.41 21.93
C GLY B 298 -6.55 -4.14 22.34
N ARG B 299 -5.87 -4.18 23.49
CA ARG B 299 -5.18 -2.98 23.98
C ARG B 299 -3.81 -2.83 23.30
N ARG B 300 -3.44 -3.83 22.50
CA ARG B 300 -2.29 -3.71 21.60
C ARG B 300 -2.71 -3.04 20.30
N LEU B 301 -4.01 -3.06 20.03
CA LEU B 301 -4.53 -2.71 18.71
C LEU B 301 -5.01 -1.27 18.59
N GLY B 302 -5.61 -0.74 19.65
CA GLY B 302 -6.11 0.61 19.63
C GLY B 302 -7.31 0.73 18.70
N LEU B 303 -8.01 -0.39 18.51
CA LEU B 303 -9.16 -0.39 17.62
C LEU B 303 -10.46 -0.44 18.41
N GLY B 304 -10.39 -0.05 19.67
CA GLY B 304 -11.56 0.00 20.51
C GLY B 304 -11.63 -1.17 21.47
N THR B 305 -12.73 -1.26 22.20
CA THR B 305 -12.91 -2.33 23.15
C THR B 305 -13.64 -3.48 22.50
N PRO B 306 -13.00 -4.66 22.45
CA PRO B 306 -13.57 -5.87 21.83
C PRO B 306 -14.88 -6.29 22.48
N GLU B 307 -15.95 -6.29 21.70
CA GLU B 307 -17.27 -6.68 22.19
C GLU B 307 -17.69 -8.01 21.60
N ALA B 308 -17.80 -9.02 22.46
CA ALA B 308 -18.18 -10.37 22.01
C ALA B 308 -19.53 -10.34 21.32
N VAL B 309 -19.62 -10.95 20.14
CA VAL B 309 -20.84 -10.90 19.35
C VAL B 309 -21.79 -12.07 19.63
N ARG B 310 -23.07 -11.76 19.65
CA ARG B 310 -24.11 -12.72 19.96
C ARG B 310 -24.89 -13.13 18.73
N ALA B 311 -25.45 -14.32 18.77
CA ALA B 311 -26.26 -14.78 17.66
C ALA B 311 -27.43 -15.59 18.17
N GLN B 312 -28.54 -15.51 17.44
CA GLN B 312 -29.70 -16.32 17.77
C GLN B 312 -29.43 -17.75 17.34
N ALA B 313 -29.54 -18.65 18.31
CA ALA B 313 -29.34 -20.07 18.07
C ALA B 313 -30.62 -20.85 18.32
N TYR B 314 -30.74 -22.02 17.69
CA TYR B 314 -31.91 -22.87 17.86
C TYR B 314 -31.53 -24.28 18.28
N ARG B 315 -32.26 -24.83 19.24
CA ARG B 315 -32.06 -26.21 19.63
C ARG B 315 -32.91 -27.10 18.72
N LEU B 316 -32.25 -28.01 18.02
CA LEU B 316 -32.96 -28.91 17.11
C LEU B 316 -33.48 -30.09 17.92
N SER B 317 -34.60 -30.65 17.49
CA SER B 317 -35.18 -31.77 18.21
C SER B 317 -34.25 -32.97 18.22
N ILE B 318 -34.27 -33.70 19.33
CA ILE B 318 -33.45 -34.91 19.47
C ILE B 318 -33.93 -35.96 18.49
N PRO B 319 -33.00 -36.55 17.73
CA PRO B 319 -33.30 -37.63 16.78
C PRO B 319 -33.86 -38.89 17.46
N LYS B 320 -34.82 -39.51 16.78
CA LYS B 320 -35.39 -40.76 17.26
C LYS B 320 -34.68 -41.94 16.61
N LEU B 321 -33.56 -42.36 17.20
CA LEU B 321 -32.82 -43.49 16.66
C LEU B 321 -33.61 -44.77 16.89
N MET B 322 -33.76 -45.57 15.85
CA MET B 322 -34.61 -46.74 15.96
C MET B 322 -33.86 -47.98 15.48
N GLY B 323 -33.74 -48.99 16.34
CA GLY B 323 -33.29 -50.30 15.91
C GLY B 323 -34.51 -51.13 15.58
N ARG B 324 -34.64 -52.30 16.20
CA ARG B 324 -35.91 -53.04 16.16
C ARG B 324 -36.94 -52.29 17.00
N ARG B 325 -36.49 -51.72 18.11
CA ARG B 325 -37.27 -50.75 18.88
C ARG B 325 -36.37 -49.55 19.14
N ALA B 326 -36.82 -48.61 19.97
CA ALA B 326 -36.03 -47.42 20.25
C ALA B 326 -34.67 -47.64 20.90
N VAL B 327 -33.68 -46.86 20.45
CA VAL B 327 -32.33 -46.96 21.00
C VAL B 327 -31.77 -45.57 21.24
N SER B 328 -30.82 -45.48 22.17
CA SER B 328 -30.15 -44.21 22.42
C SER B 328 -28.83 -44.20 21.69
N LYS B 329 -28.36 -45.39 21.32
CA LYS B 329 -27.08 -45.58 20.66
C LYS B 329 -27.11 -46.87 19.85
N PRO B 330 -26.36 -46.93 18.75
CA PRO B 330 -26.38 -48.08 17.85
C PRO B 330 -26.02 -49.41 18.52
N ALA B 331 -25.22 -49.37 19.58
CA ALA B 331 -24.85 -50.59 20.29
C ALA B 331 -26.05 -51.25 20.98
N ASP B 332 -27.04 -50.43 21.35
CA ASP B 332 -28.24 -50.95 22.01
C ASP B 332 -28.97 -51.96 21.13
N ALA B 333 -28.79 -51.83 19.82
CA ALA B 333 -29.44 -52.72 18.86
C ALA B 333 -28.96 -54.17 18.98
N LEU B 334 -27.78 -54.37 19.57
CA LEU B 334 -27.26 -55.72 19.78
C LEU B 334 -28.14 -56.50 20.75
N ARG B 335 -28.94 -55.80 21.53
CA ARG B 335 -29.82 -56.44 22.50
C ARG B 335 -31.29 -56.21 22.14
N VAL B 336 -31.60 -55.00 21.71
CA VAL B 336 -32.96 -54.62 21.35
C VAL B 336 -33.32 -55.19 19.98
N GLY B 337 -32.34 -55.29 19.10
CA GLY B 337 -32.56 -55.78 17.75
C GLY B 337 -32.32 -54.73 16.69
N PHE B 338 -32.03 -55.17 15.47
CA PHE B 338 -31.72 -54.27 14.37
C PHE B 338 -32.97 -53.72 13.72
N TYR B 339 -32.83 -52.57 13.05
CA TYR B 339 -33.93 -52.00 12.30
C TYR B 339 -34.43 -52.99 11.26
N ARG B 340 -33.52 -53.46 10.42
CA ARG B 340 -33.83 -54.46 9.43
C ARG B 340 -32.74 -55.52 9.39
N ALA B 341 -33.14 -56.78 9.48
CA ALA B 341 -32.22 -57.90 9.34
C ALA B 341 -32.84 -58.94 8.42
N GLN B 342 -31.97 -59.75 7.82
CA GLN B 342 -32.40 -60.86 6.98
C GLN B 342 -31.62 -62.10 7.36
N GLU B 343 -31.95 -63.24 6.73
CA GLU B 343 -31.14 -64.44 6.89
C GLU B 343 -29.68 -64.11 6.61
N THR B 344 -28.81 -64.36 7.58
CA THR B 344 -27.42 -63.95 7.46
C THR B 344 -26.46 -65.03 7.90
N ALA B 345 -25.35 -65.16 7.17
CA ALA B 345 -24.29 -66.07 7.56
C ALA B 345 -22.96 -65.33 7.66
N LEU B 346 -22.28 -65.49 8.79
CA LEU B 346 -20.99 -64.86 9.02
C LEU B 346 -19.93 -65.94 9.15
N ALA B 347 -18.69 -65.61 8.83
CA ALA B 347 -17.62 -66.62 8.94
C ALA B 347 -16.54 -66.17 9.90
N LEU B 348 -15.91 -67.12 10.58
CA LEU B 348 -14.84 -66.82 11.50
C LEU B 348 -13.47 -67.22 10.94
N LEU B 349 -12.52 -66.30 11.00
CA LEU B 349 -11.14 -66.56 10.62
C LEU B 349 -10.18 -66.22 11.76
N ARG B 350 -9.53 -67.23 12.31
CA ARG B 350 -8.61 -67.04 13.44
C ARG B 350 -7.16 -67.17 13.02
N LEU B 351 -6.33 -66.21 13.45
CA LEU B 351 -4.92 -66.16 13.09
C LEU B 351 -4.03 -66.10 14.34
N ASP B 352 -4.59 -66.45 15.49
CA ASP B 352 -3.85 -66.38 16.75
C ASP B 352 -3.36 -67.75 17.22
N GLY B 353 -3.95 -68.81 16.68
CA GLY B 353 -3.48 -70.16 16.94
C GLY B 353 -4.50 -70.99 17.70
N ALA B 354 -5.60 -70.35 18.06
CA ALA B 354 -6.64 -71.01 18.84
C ALA B 354 -7.82 -71.36 17.93
N GLN B 355 -8.91 -71.84 18.52
CA GLN B 355 -10.03 -72.33 17.72
C GLN B 355 -11.39 -71.78 18.16
N GLY B 356 -12.30 -71.68 17.20
CA GLY B 356 -13.71 -71.45 17.51
C GLY B 356 -14.12 -70.05 17.89
N TRP B 357 -15.42 -69.79 17.77
CA TRP B 357 -16.00 -68.54 18.23
C TRP B 357 -15.84 -68.40 19.74
N PRO B 358 -15.28 -67.27 20.20
CA PRO B 358 -15.35 -66.95 21.62
C PRO B 358 -16.81 -66.98 22.05
N GLU B 359 -17.10 -67.60 23.19
CA GLU B 359 -18.48 -67.90 23.55
C GLU B 359 -19.33 -66.65 23.74
N PHE B 360 -18.74 -65.59 24.29
CA PHE B 360 -19.51 -64.38 24.52
C PHE B 360 -19.85 -63.67 23.19
N LEU B 361 -18.98 -63.81 22.19
CA LEU B 361 -19.27 -63.29 20.85
C LEU B 361 -20.45 -64.03 20.24
N ARG B 362 -20.40 -65.35 20.32
CA ARG B 362 -21.46 -66.21 19.81
C ARG B 362 -22.78 -65.85 20.49
N ARG B 363 -22.71 -65.72 21.81
CA ARG B 363 -23.88 -65.39 22.61
C ARG B 363 -24.48 -64.07 22.17
N ALA B 364 -23.62 -63.06 22.02
CA ALA B 364 -24.07 -61.72 21.65
C ALA B 364 -24.70 -61.69 20.28
N LEU B 365 -24.06 -62.36 19.31
CA LEU B 365 -24.61 -62.42 17.97
C LEU B 365 -25.97 -63.10 17.99
N LEU B 366 -26.07 -64.19 18.74
CA LEU B 366 -27.30 -64.96 18.83
C LEU B 366 -28.43 -64.18 19.50
N ARG B 367 -28.09 -63.41 20.53
CA ARG B 367 -29.06 -62.56 21.20
C ARG B 367 -29.55 -61.48 20.24
N ALA B 368 -28.60 -60.92 19.49
CA ALA B 368 -28.90 -59.86 18.55
C ALA B 368 -29.84 -60.33 17.46
N PHE B 369 -29.52 -61.47 16.84
CA PHE B 369 -30.35 -62.00 15.77
C PHE B 369 -31.66 -62.55 16.34
N GLY B 370 -31.63 -62.95 17.60
CA GLY B 370 -32.83 -63.41 18.29
C GLY B 370 -33.85 -62.29 18.41
N ALA B 371 -33.41 -61.16 18.95
CA ALA B 371 -34.29 -60.00 19.12
C ALA B 371 -34.74 -59.41 17.78
N SER B 372 -33.97 -59.69 16.73
CA SER B 372 -34.21 -59.11 15.42
C SER B 372 -35.11 -60.00 14.58
N GLY B 373 -35.37 -61.22 15.07
CA GLY B 373 -36.19 -62.17 14.35
C GLY B 373 -35.59 -62.61 13.04
N ALA B 374 -34.29 -62.92 13.07
CA ALA B 374 -33.59 -63.32 11.85
C ALA B 374 -32.77 -64.60 12.06
N SER B 375 -32.56 -65.33 10.96
CA SER B 375 -31.76 -66.55 10.97
C SER B 375 -30.27 -66.22 10.95
N LEU B 376 -29.49 -66.91 11.77
CA LEU B 376 -28.04 -66.69 11.78
C LEU B 376 -27.27 -68.00 11.58
N ARG B 377 -26.32 -67.99 10.64
CA ARG B 377 -25.45 -69.15 10.40
C ARG B 377 -23.99 -68.79 10.61
N LEU B 378 -23.30 -69.53 11.45
CA LEU B 378 -21.89 -69.27 11.73
C LEU B 378 -20.95 -70.30 11.10
N HIS B 379 -20.11 -69.86 10.18
CA HIS B 379 -19.11 -70.72 9.57
C HIS B 379 -17.77 -70.49 10.22
N THR B 380 -16.84 -71.42 10.01
CA THR B 380 -15.48 -71.26 10.49
C THR B 380 -14.50 -71.61 9.38
N LEU B 381 -13.68 -70.66 8.98
CA LEU B 381 -12.66 -70.93 7.98
C LEU B 381 -11.54 -71.74 8.61
N HIS B 382 -11.42 -72.98 8.18
CA HIS B 382 -10.28 -73.78 8.56
C HIS B 382 -9.17 -73.70 7.53
N ALA B 383 -8.57 -72.54 7.42
CA ALA B 383 -7.41 -72.33 6.56
C ALA B 383 -6.56 -71.18 7.08
N HIS B 384 -5.33 -71.11 6.59
CA HIS B 384 -4.40 -70.07 7.00
C HIS B 384 -3.83 -69.42 5.75
N PRO B 385 -3.72 -68.09 5.73
CA PRO B 385 -3.21 -67.33 4.58
C PRO B 385 -1.87 -67.86 4.04
N SER B 386 -1.15 -68.62 4.87
CA SER B 386 0.08 -69.24 4.44
C SER B 386 -0.17 -70.42 3.50
N GLN B 387 -1.43 -70.81 3.34
CA GLN B 387 -1.79 -72.00 2.57
C GLN B 387 -2.19 -71.70 1.12
N GLY B 388 -1.96 -70.48 0.67
CA GLY B 388 -2.21 -70.10 -0.71
C GLY B 388 -3.59 -70.39 -1.27
N LEU B 389 -3.63 -71.22 -2.32
CA LEU B 389 -4.86 -71.49 -3.05
C LEU B 389 -5.88 -72.29 -2.27
N ALA B 390 -5.44 -73.04 -1.26
CA ALA B 390 -6.37 -73.74 -0.40
C ALA B 390 -7.22 -72.71 0.34
N PHE B 391 -6.55 -71.64 0.74
CA PHE B 391 -7.19 -70.53 1.43
C PHE B 391 -8.21 -69.82 0.54
N ARG B 392 -7.76 -69.44 -0.66
CA ARG B 392 -8.62 -68.79 -1.64
C ARG B 392 -9.84 -69.65 -2.00
N GLU B 393 -9.62 -70.95 -2.13
CA GLU B 393 -10.70 -71.87 -2.47
C GLU B 393 -11.68 -71.99 -1.32
N ALA B 394 -11.18 -71.97 -0.09
CA ALA B 394 -12.05 -72.05 1.08
C ALA B 394 -12.87 -70.77 1.20
N LEU B 395 -12.27 -69.65 0.81
CA LEU B 395 -12.98 -68.37 0.75
C LEU B 395 -14.10 -68.39 -0.29
N ARG B 396 -13.76 -68.80 -1.50
CA ARG B 396 -14.72 -68.93 -2.60
C ARG B 396 -15.86 -69.85 -2.16
N LYS B 397 -15.49 -70.93 -1.46
CA LYS B 397 -16.42 -71.92 -0.94
C LYS B 397 -17.39 -71.30 0.07
N ALA B 398 -16.84 -70.44 0.92
CA ALA B 398 -17.65 -69.71 1.89
C ALA B 398 -18.63 -68.80 1.16
N LYS B 399 -18.14 -68.14 0.11
CA LYS B 399 -18.96 -67.27 -0.71
C LYS B 399 -20.09 -68.07 -1.36
N GLU B 400 -19.80 -69.34 -1.66
CA GLU B 400 -20.80 -70.25 -2.20
C GLU B 400 -21.87 -70.63 -1.18
N GLU B 401 -21.43 -70.94 0.05
CA GLU B 401 -22.36 -71.39 1.08
C GLU B 401 -23.18 -70.24 1.67
N GLY B 402 -22.93 -69.03 1.18
CA GLY B 402 -23.74 -67.89 1.56
C GLY B 402 -23.10 -66.96 2.57
N VAL B 403 -21.79 -67.10 2.77
CA VAL B 403 -21.09 -66.24 3.73
C VAL B 403 -21.00 -64.82 3.17
N GLN B 404 -21.48 -63.87 3.96
CA GLN B 404 -21.57 -62.49 3.53
C GLN B 404 -20.44 -61.60 4.06
N ALA B 405 -19.87 -62.02 5.18
CA ALA B 405 -18.82 -61.24 5.83
C ALA B 405 -17.99 -62.11 6.75
N VAL B 406 -16.74 -61.69 6.99
CA VAL B 406 -15.84 -62.46 7.83
C VAL B 406 -15.30 -61.65 9.01
N LEU B 407 -15.28 -62.28 10.18
CA LEU B 407 -14.63 -61.71 11.35
C LEU B 407 -13.24 -62.31 11.51
N VAL B 408 -12.23 -61.45 11.57
CA VAL B 408 -10.85 -61.90 11.69
C VAL B 408 -10.28 -61.65 13.09
N LEU B 409 -10.12 -62.73 13.85
CA LEU B 409 -9.46 -62.62 15.15
C LEU B 409 -7.95 -62.72 14.94
N THR B 410 -7.23 -61.63 15.19
CA THR B 410 -5.80 -61.62 14.91
C THR B 410 -5.03 -60.82 15.95
N PRO B 411 -3.75 -61.17 16.17
CA PRO B 411 -2.90 -60.23 16.91
C PRO B 411 -2.81 -58.95 16.12
N PRO B 412 -2.50 -57.82 16.77
CA PRO B 412 -2.32 -56.55 16.05
C PRO B 412 -1.49 -56.75 14.79
N MET B 413 -2.06 -56.42 13.64
CA MET B 413 -1.37 -56.62 12.37
C MET B 413 -0.56 -55.39 12.00
N ALA B 414 0.54 -55.59 11.31
CA ALA B 414 1.24 -54.47 10.70
C ALA B 414 0.34 -53.97 9.59
N TRP B 415 0.34 -52.65 9.39
CA TRP B 415 -0.61 -52.02 8.48
C TRP B 415 -0.63 -52.65 7.08
N GLU B 416 0.54 -52.89 6.52
CA GLU B 416 0.63 -53.45 5.16
C GLU B 416 0.02 -54.86 5.07
N ASP B 417 0.30 -55.70 6.06
CA ASP B 417 -0.24 -57.05 6.10
C ASP B 417 -1.75 -56.99 6.27
N ARG B 418 -2.19 -56.05 7.12
CA ARG B 418 -3.61 -55.75 7.33
C ARG B 418 -4.30 -55.49 5.98
N ASN B 419 -3.74 -54.54 5.24
CA ASN B 419 -4.30 -54.12 3.97
C ASN B 419 -4.30 -55.27 2.97
N ARG B 420 -3.26 -56.08 3.04
CA ARG B 420 -3.14 -57.25 2.18
C ARG B 420 -4.26 -58.26 2.43
N LEU B 421 -4.45 -58.65 3.68
CA LEU B 421 -5.50 -59.61 4.02
C LEU B 421 -6.89 -59.05 3.70
N LYS B 422 -7.09 -57.77 4.02
CA LYS B 422 -8.36 -57.08 3.78
C LYS B 422 -8.67 -57.10 2.28
N ALA B 423 -7.68 -56.75 1.48
CA ALA B 423 -7.82 -56.70 0.03
C ALA B 423 -8.11 -58.09 -0.53
N LEU B 424 -7.41 -59.09 -0.01
CA LEU B 424 -7.57 -60.48 -0.46
C LEU B 424 -8.98 -61.02 -0.19
N LEU B 425 -9.50 -60.79 1.01
CA LEU B 425 -10.86 -61.21 1.33
C LEU B 425 -11.85 -60.42 0.47
N LEU B 426 -11.55 -59.15 0.25
CA LEU B 426 -12.41 -58.27 -0.53
C LEU B 426 -12.55 -58.74 -1.97
N ARG B 427 -11.44 -59.16 -2.56
CA ARG B 427 -11.44 -59.63 -3.94
C ARG B 427 -12.26 -60.90 -4.10
N GLU B 428 -12.46 -61.62 -3.00
CA GLU B 428 -13.27 -62.83 -3.01
C GLU B 428 -14.72 -62.54 -2.64
N GLY B 429 -15.08 -61.25 -2.67
CA GLY B 429 -16.44 -60.84 -2.43
C GLY B 429 -16.82 -60.92 -0.97
N LEU B 430 -15.80 -60.90 -0.10
CA LEU B 430 -16.03 -61.02 1.33
C LEU B 430 -15.46 -59.84 2.12
N PRO B 431 -16.34 -58.93 2.56
CA PRO B 431 -15.96 -57.85 3.48
C PRO B 431 -15.45 -58.40 4.81
N SER B 432 -14.57 -57.65 5.47
CA SER B 432 -13.92 -58.17 6.67
C SER B 432 -13.87 -57.19 7.84
N GLN B 433 -14.07 -57.74 9.04
CA GLN B 433 -13.96 -56.97 10.27
C GLN B 433 -12.82 -57.51 11.12
N ILE B 434 -11.82 -56.68 11.37
CA ILE B 434 -10.69 -57.12 12.17
C ILE B 434 -10.93 -56.88 13.66
N LEU B 435 -10.51 -57.84 14.47
CA LEU B 435 -10.63 -57.78 15.93
C LEU B 435 -9.37 -58.37 16.57
N ASN B 436 -8.71 -57.57 17.41
CA ASN B 436 -7.41 -57.95 17.96
C ASN B 436 -7.59 -58.99 19.07
N VAL B 437 -6.69 -59.98 19.13
CA VAL B 437 -6.90 -61.13 20.02
C VAL B 437 -6.30 -61.11 21.42
N PRO B 438 -5.58 -60.11 21.82
CA PRO B 438 -5.38 -60.08 23.25
C PRO B 438 -6.64 -59.38 23.77
N LEU B 439 -7.72 -60.15 23.83
CA LEU B 439 -9.08 -59.64 24.00
C LEU B 439 -9.88 -60.32 25.10
N ARG B 440 -10.48 -59.51 25.95
CA ARG B 440 -11.29 -59.99 27.06
C ARG B 440 -12.73 -59.49 26.96
N GLU B 441 -13.67 -60.28 27.48
CA GLU B 441 -15.10 -59.97 27.40
C GLU B 441 -15.49 -58.63 28.04
N GLU B 442 -14.76 -58.22 29.08
CA GLU B 442 -15.10 -56.97 29.76
C GLU B 442 -14.77 -55.78 28.85
N GLU B 443 -13.98 -56.04 27.81
CA GLU B 443 -13.70 -55.01 26.80
C GLU B 443 -14.89 -54.87 25.86
N ARG B 444 -16.06 -54.69 26.47
CA ARG B 444 -17.33 -54.63 25.78
C ARG B 444 -17.35 -53.66 24.61
N HIS B 445 -16.76 -52.49 24.80
CA HIS B 445 -16.85 -51.42 23.81
C HIS B 445 -16.14 -51.77 22.50
N ARG B 446 -14.92 -52.30 22.63
CA ARG B 446 -14.13 -52.68 21.48
C ARG B 446 -14.81 -53.79 20.64
N TRP B 447 -15.20 -54.89 21.28
CA TRP B 447 -15.72 -56.00 20.47
C TRP B 447 -17.17 -55.76 20.06
N GLU B 448 -17.92 -54.97 20.83
CA GLU B 448 -19.27 -54.61 20.37
C GLU B 448 -19.18 -53.73 19.13
N ASN B 449 -18.18 -52.85 19.09
CA ASN B 449 -17.97 -52.06 17.88
C ASN B 449 -17.51 -52.96 16.72
N ALA B 450 -16.65 -53.92 17.04
CA ALA B 450 -16.24 -54.91 16.04
C ALA B 450 -17.47 -55.56 15.43
N LEU B 451 -18.40 -55.98 16.29
CA LEU B 451 -19.63 -56.65 15.85
C LEU B 451 -20.53 -55.74 15.02
N LEU B 452 -20.68 -54.49 15.44
CA LEU B 452 -21.49 -53.54 14.67
C LEU B 452 -20.94 -53.36 13.26
N GLY B 453 -19.61 -53.27 13.18
CA GLY B 453 -18.93 -53.17 11.90
C GLY B 453 -19.18 -54.40 11.06
N LEU B 454 -19.00 -55.57 11.67
CA LEU B 454 -19.19 -56.85 11.01
C LEU B 454 -20.59 -56.96 10.39
N LEU B 455 -21.60 -56.57 11.16
CA LEU B 455 -22.98 -56.66 10.72
C LEU B 455 -23.31 -55.62 9.64
N ALA B 456 -22.74 -54.42 9.76
CA ALA B 456 -22.89 -53.41 8.72
C ALA B 456 -22.25 -53.86 7.41
N LYS B 457 -21.13 -54.58 7.51
CA LYS B 457 -20.40 -55.04 6.35
C LYS B 457 -21.13 -56.21 5.69
N ALA B 458 -21.98 -56.87 6.46
CA ALA B 458 -22.77 -57.98 5.95
C ALA B 458 -24.04 -57.47 5.25
N GLY B 459 -24.23 -56.16 5.28
CA GLY B 459 -25.37 -55.53 4.61
C GLY B 459 -26.57 -55.26 5.48
N LEU B 460 -26.47 -55.59 6.77
CA LEU B 460 -27.57 -55.34 7.69
C LEU B 460 -27.66 -53.86 8.04
N GLN B 461 -28.87 -53.37 8.25
CA GLN B 461 -29.06 -51.99 8.69
C GLN B 461 -29.47 -51.99 10.17
N VAL B 462 -28.55 -51.60 11.03
CA VAL B 462 -28.75 -51.73 12.47
C VAL B 462 -29.67 -50.65 13.03
N VAL B 463 -29.58 -49.43 12.50
CA VAL B 463 -30.48 -48.37 12.95
C VAL B 463 -31.01 -47.53 11.79
N ALA B 464 -32.05 -46.77 12.09
CA ALA B 464 -32.63 -45.80 11.16
C ALA B 464 -33.30 -44.68 11.96
N LEU B 465 -33.61 -43.59 11.29
CA LEU B 465 -34.36 -42.52 11.91
C LEU B 465 -35.86 -42.73 11.71
N SER B 466 -36.65 -42.47 12.74
CA SER B 466 -38.09 -42.45 12.58
C SER B 466 -38.52 -41.00 12.43
N GLY B 467 -39.31 -40.72 11.41
CA GLY B 467 -39.82 -39.38 11.20
C GLY B 467 -39.80 -38.95 9.75
N ALA B 468 -40.34 -37.77 9.50
CA ALA B 468 -40.46 -37.23 8.15
C ALA B 468 -39.34 -36.24 7.85
N TYR B 469 -38.66 -36.44 6.73
CA TYR B 469 -37.64 -35.52 6.27
C TYR B 469 -37.93 -35.11 4.84
N PRO B 470 -37.67 -33.84 4.50
CA PRO B 470 -37.91 -33.32 3.15
C PRO B 470 -37.32 -34.21 2.06
N ALA B 471 -36.03 -34.52 2.15
CA ALA B 471 -35.37 -35.36 1.17
C ALA B 471 -35.31 -36.82 1.63
N GLU B 472 -35.78 -37.73 0.78
CA GLU B 472 -35.78 -39.15 1.10
C GLU B 472 -34.51 -39.86 0.62
N LEU B 473 -33.65 -39.13 -0.08
CA LEU B 473 -32.34 -39.66 -0.43
C LEU B 473 -31.27 -38.61 -0.13
N ALA B 474 -30.29 -38.99 0.67
CA ALA B 474 -29.21 -38.08 1.01
C ALA B 474 -27.89 -38.66 0.57
N VAL B 475 -27.19 -37.94 -0.29
CA VAL B 475 -25.95 -38.47 -0.82
C VAL B 475 -24.79 -37.52 -0.53
N GLY B 476 -23.70 -38.08 -0.05
CA GLY B 476 -22.50 -37.33 0.24
C GLY B 476 -21.42 -37.71 -0.75
N PHE B 477 -20.77 -36.70 -1.30
CA PHE B 477 -19.71 -36.89 -2.29
C PHE B 477 -18.39 -36.53 -1.66
N ASP B 478 -17.38 -37.36 -1.91
CA ASP B 478 -16.07 -37.11 -1.36
C ASP B 478 -15.02 -37.26 -2.45
N ALA B 479 -14.26 -36.18 -2.65
CA ALA B 479 -13.09 -36.23 -3.50
C ALA B 479 -11.99 -36.38 -2.47
N GLY B 480 -10.76 -36.64 -2.88
CA GLY B 480 -9.69 -36.91 -1.93
C GLY B 480 -9.35 -35.77 -0.99
N GLY B 481 -10.31 -34.88 -0.76
CA GLY B 481 -10.07 -33.62 -0.09
C GLY B 481 -9.51 -32.69 -1.15
N ARG B 482 -9.36 -33.25 -2.36
CA ARG B 482 -8.72 -32.59 -3.50
C ARG B 482 -9.52 -31.40 -3.98
N GLU B 483 -8.89 -30.59 -4.83
CA GLU B 483 -9.46 -29.34 -5.27
C GLU B 483 -10.52 -29.56 -6.33
N SER B 484 -10.61 -30.79 -6.83
CA SER B 484 -11.58 -31.13 -7.86
C SER B 484 -11.86 -32.63 -7.90
N PHE B 485 -12.96 -33.01 -8.54
CA PHE B 485 -13.30 -34.41 -8.74
C PHE B 485 -12.62 -35.00 -9.98
N ARG B 486 -11.72 -34.22 -10.58
CA ARG B 486 -11.05 -34.61 -11.82
C ARG B 486 -10.26 -35.91 -11.68
N PHE B 487 -9.84 -36.24 -10.47
CA PHE B 487 -9.11 -37.47 -10.25
C PHE B 487 -10.03 -38.53 -9.68
N GLY B 488 -11.33 -38.33 -9.86
CA GLY B 488 -12.29 -39.30 -9.34
C GLY B 488 -12.76 -38.90 -7.96
N GLY B 489 -13.52 -39.80 -7.34
CA GLY B 489 -14.12 -39.54 -6.04
C GLY B 489 -15.04 -40.69 -5.70
N ALA B 490 -15.91 -40.50 -4.71
CA ALA B 490 -16.79 -41.57 -4.29
C ALA B 490 -18.05 -40.99 -3.69
N ALA B 491 -19.06 -41.83 -3.49
CA ALA B 491 -20.27 -41.32 -2.84
C ALA B 491 -20.89 -42.35 -1.89
N CYS B 492 -21.66 -41.86 -0.93
CA CYS B 492 -22.45 -42.74 -0.08
C CYS B 492 -23.81 -42.13 0.15
N ALA B 493 -24.81 -42.94 0.48
CA ALA B 493 -26.17 -42.42 0.56
C ALA B 493 -27.06 -43.14 1.58
N VAL B 494 -28.03 -42.37 2.08
CA VAL B 494 -29.06 -42.88 2.98
C VAL B 494 -30.47 -42.62 2.43
N HIS B 500 -32.10 -47.76 3.85
CA HIS B 500 -30.96 -48.34 3.15
C HIS B 500 -29.72 -47.44 3.20
N LEU B 501 -28.55 -48.05 3.40
CA LEU B 501 -27.28 -47.36 3.29
C LEU B 501 -26.54 -47.93 2.09
N LEU B 502 -25.98 -47.07 1.23
CA LEU B 502 -25.26 -47.60 0.08
C LEU B 502 -24.02 -46.81 -0.30
N TRP B 503 -23.06 -47.49 -0.89
CA TRP B 503 -21.83 -46.88 -1.36
C TRP B 503 -21.77 -46.98 -2.87
N THR B 504 -21.14 -45.98 -3.51
CA THR B 504 -20.98 -46.02 -4.96
C THR B 504 -19.56 -45.58 -5.31
N LEU B 505 -18.89 -46.46 -6.05
CA LEU B 505 -17.57 -46.19 -6.60
C LEU B 505 -17.60 -45.99 -8.10
N PRO B 506 -16.62 -45.25 -8.63
CA PRO B 506 -16.40 -45.34 -10.07
C PRO B 506 -15.07 -46.05 -10.33
N GLU B 507 -15.08 -47.01 -11.24
CA GLU B 507 -13.85 -47.64 -11.70
C GLU B 507 -13.85 -47.50 -13.20
N ALA B 508 -14.63 -46.52 -13.65
CA ALA B 508 -14.87 -46.27 -15.06
C ALA B 508 -13.60 -45.83 -15.80
N GLN B 509 -12.87 -44.92 -15.18
CA GLN B 509 -11.71 -44.28 -15.82
C GLN B 509 -10.43 -44.45 -15.01
N ALA B 510 -9.30 -44.38 -15.69
CA ALA B 510 -7.99 -44.47 -15.05
C ALA B 510 -7.38 -43.09 -14.90
N GLY B 511 -7.75 -42.17 -15.79
CA GLY B 511 -7.13 -40.85 -15.84
C GLY B 511 -8.02 -39.67 -15.56
N GLU B 512 -7.56 -38.49 -15.96
CA GLU B 512 -8.28 -37.25 -15.72
C GLU B 512 -9.57 -37.17 -16.54
N ARG B 513 -10.66 -36.85 -15.85
CA ARG B 513 -11.96 -36.69 -16.49
C ARG B 513 -12.49 -35.28 -16.31
N ILE B 514 -13.61 -34.99 -16.96
CA ILE B 514 -14.36 -33.78 -16.69
C ILE B 514 -15.06 -33.95 -15.35
N PRO B 515 -14.77 -33.05 -14.40
CA PRO B 515 -15.26 -33.13 -13.01
C PRO B 515 -16.78 -33.27 -12.90
N GLN B 516 -17.51 -32.45 -13.65
CA GLN B 516 -18.96 -32.45 -13.63
C GLN B 516 -19.50 -33.86 -13.98
N GLU B 517 -18.77 -34.54 -14.86
CA GLU B 517 -19.16 -35.88 -15.29
C GLU B 517 -18.82 -36.93 -14.23
N VAL B 518 -17.73 -36.73 -13.48
CA VAL B 518 -17.41 -37.60 -12.35
C VAL B 518 -18.50 -37.52 -11.30
N VAL B 519 -18.88 -36.29 -10.95
CA VAL B 519 -19.95 -36.06 -9.99
C VAL B 519 -21.26 -36.70 -10.48
N TRP B 520 -21.64 -36.40 -11.73
CA TRP B 520 -22.88 -36.97 -12.25
C TRP B 520 -22.86 -38.50 -12.30
N ASP B 521 -21.74 -39.10 -12.67
CA ASP B 521 -21.64 -40.56 -12.72
C ASP B 521 -21.86 -41.17 -11.33
N LEU B 522 -21.22 -40.57 -10.33
CA LEU B 522 -21.45 -40.98 -8.94
C LEU B 522 -22.94 -40.92 -8.56
N LEU B 523 -23.56 -39.76 -8.80
CA LEU B 523 -24.96 -39.58 -8.42
C LEU B 523 -25.87 -40.56 -9.19
N GLU B 524 -25.57 -40.74 -10.47
CA GLU B 524 -26.34 -41.61 -11.35
C GLU B 524 -26.32 -43.05 -10.86
N GLU B 525 -25.13 -43.55 -10.53
CA GLU B 525 -25.02 -44.90 -10.00
C GLU B 525 -25.78 -45.02 -8.68
N THR B 526 -25.70 -43.99 -7.84
CA THR B 526 -26.48 -44.00 -6.59
C THR B 526 -27.98 -44.12 -6.86
N LEU B 527 -28.49 -43.30 -7.78
CA LEU B 527 -29.89 -43.35 -8.17
C LEU B 527 -30.27 -44.73 -8.72
N TRP B 528 -29.35 -45.33 -9.45
CA TRP B 528 -29.57 -46.64 -10.07
C TRP B 528 -29.79 -47.69 -9.00
N ALA B 529 -28.90 -47.71 -8.01
CA ALA B 529 -29.05 -48.64 -6.89
C ALA B 529 -30.37 -48.36 -6.17
N PHE B 530 -30.65 -47.08 -5.95
CA PHE B 530 -31.86 -46.68 -5.24
C PHE B 530 -33.15 -47.18 -5.90
N ARG B 531 -33.36 -46.85 -7.17
CA ARG B 531 -34.58 -47.29 -7.87
C ARG B 531 -34.60 -48.80 -8.07
N ARG B 532 -33.45 -49.43 -8.21
CA ARG B 532 -33.47 -50.89 -8.27
C ARG B 532 -34.02 -51.45 -6.96
N LYS B 533 -33.72 -50.80 -5.83
CA LYS B 533 -34.24 -51.31 -4.55
C LYS B 533 -35.70 -50.88 -4.29
N ALA B 534 -36.07 -49.69 -4.75
CA ALA B 534 -37.40 -49.13 -4.50
C ALA B 534 -38.08 -48.84 -5.83
N GLY B 535 -39.34 -49.24 -5.98
CA GLY B 535 -40.03 -49.12 -7.26
C GLY B 535 -40.03 -47.80 -8.00
N ARG B 536 -39.25 -46.83 -7.54
CA ARG B 536 -39.13 -45.55 -8.23
C ARG B 536 -37.92 -44.74 -7.78
N LEU B 537 -37.81 -43.56 -8.39
CA LEU B 537 -36.82 -42.54 -8.05
C LEU B 537 -37.26 -41.78 -6.81
N PRO B 538 -36.31 -41.15 -6.10
CA PRO B 538 -36.70 -40.34 -4.94
C PRO B 538 -37.45 -39.09 -5.37
N SER B 539 -38.38 -38.62 -4.53
CA SER B 539 -39.09 -37.39 -4.85
C SER B 539 -38.13 -36.22 -4.74
N ARG B 540 -37.15 -36.38 -3.84
CA ARG B 540 -36.26 -35.28 -3.49
C ARG B 540 -34.92 -35.79 -2.95
N VAL B 541 -33.82 -35.17 -3.39
CA VAL B 541 -32.52 -35.54 -2.86
C VAL B 541 -31.85 -34.37 -2.17
N LEU B 542 -31.06 -34.71 -1.16
CA LEU B 542 -30.21 -33.76 -0.45
C LEU B 542 -28.78 -34.09 -0.85
N LEU B 543 -28.11 -33.11 -1.44
CA LEU B 543 -26.75 -33.28 -1.93
C LEU B 543 -25.74 -32.63 -0.97
N LEU B 544 -24.84 -33.45 -0.43
CA LEU B 544 -23.84 -32.97 0.53
C LEU B 544 -22.41 -33.14 0.00
N ARG B 545 -21.63 -32.07 0.10
CA ARG B 545 -20.22 -32.02 -0.33
C ARG B 545 -19.34 -31.34 0.73
N ASP B 546 -18.02 -31.45 0.62
CA ASP B 546 -17.13 -30.70 1.52
C ASP B 546 -16.99 -29.26 1.03
N GLY B 547 -15.99 -28.55 1.54
CA GLY B 547 -15.85 -27.14 1.25
C GLY B 547 -14.77 -26.75 0.26
N ARG B 548 -14.13 -27.75 -0.35
CA ARG B 548 -12.94 -27.48 -1.16
C ARG B 548 -13.22 -27.30 -2.66
N VAL B 549 -13.89 -28.27 -3.30
CA VAL B 549 -14.10 -28.22 -4.75
C VAL B 549 -15.03 -27.08 -5.13
N PRO B 550 -14.89 -26.54 -6.35
CA PRO B 550 -15.80 -25.47 -6.80
C PRO B 550 -17.26 -25.90 -6.97
N GLN B 551 -18.19 -25.04 -6.56
CA GLN B 551 -19.62 -25.31 -6.64
C GLN B 551 -20.09 -25.72 -8.05
N ASP B 552 -19.44 -25.16 -9.08
CA ASP B 552 -19.87 -25.39 -10.45
C ASP B 552 -19.69 -26.84 -10.91
N GLU B 553 -18.85 -27.59 -10.20
CA GLU B 553 -18.66 -29.01 -10.51
C GLU B 553 -19.92 -29.84 -10.29
N PHE B 554 -20.94 -29.22 -9.72
CA PHE B 554 -22.21 -29.90 -9.46
C PHE B 554 -23.34 -29.47 -10.40
N ALA B 555 -23.05 -28.56 -11.31
CA ALA B 555 -24.07 -27.99 -12.21
C ALA B 555 -24.71 -29.06 -13.10
N LEU B 556 -23.89 -29.92 -13.70
CA LEU B 556 -24.37 -30.99 -14.58
C LEU B 556 -25.31 -31.96 -13.84
N ALA B 557 -24.92 -32.36 -12.62
CA ALA B 557 -25.72 -33.27 -11.82
C ALA B 557 -27.06 -32.64 -11.48
N LEU B 558 -27.01 -31.35 -11.16
CA LEU B 558 -28.20 -30.58 -10.89
C LEU B 558 -29.12 -30.59 -12.11
N GLU B 559 -28.54 -30.36 -13.30
CA GLU B 559 -29.34 -30.33 -14.52
C GLU B 559 -29.97 -31.69 -14.82
N ALA B 560 -29.22 -32.75 -14.60
CA ALA B 560 -29.72 -34.09 -14.83
C ALA B 560 -30.86 -34.41 -13.85
N LEU B 561 -30.75 -33.90 -12.62
CA LEU B 561 -31.83 -34.05 -11.66
C LEU B 561 -33.06 -33.25 -12.08
N ALA B 562 -32.84 -32.07 -12.63
CA ALA B 562 -33.93 -31.20 -13.08
C ALA B 562 -34.71 -31.86 -14.23
N ARG B 563 -33.98 -32.42 -15.20
CA ARG B 563 -34.60 -33.12 -16.33
C ARG B 563 -35.53 -34.23 -15.86
N GLU B 564 -35.15 -34.88 -14.77
CA GLU B 564 -35.93 -35.98 -14.23
C GLU B 564 -37.06 -35.49 -13.35
N GLY B 565 -37.12 -34.17 -13.13
CA GLY B 565 -38.13 -33.58 -12.28
C GLY B 565 -37.91 -33.84 -10.79
N ILE B 566 -36.74 -34.37 -10.45
CA ILE B 566 -36.37 -34.61 -9.05
C ILE B 566 -35.86 -33.33 -8.40
N ALA B 567 -36.44 -32.95 -7.26
CA ALA B 567 -35.98 -31.74 -6.60
C ALA B 567 -34.76 -32.02 -5.74
N TYR B 568 -34.03 -30.96 -5.39
CA TYR B 568 -32.75 -31.13 -4.72
C TYR B 568 -32.34 -29.93 -3.85
N ASP B 569 -31.39 -30.20 -2.96
CA ASP B 569 -30.65 -29.16 -2.26
C ASP B 569 -29.16 -29.47 -2.26
N LEU B 570 -28.35 -28.43 -2.45
CA LEU B 570 -26.89 -28.55 -2.38
C LEU B 570 -26.43 -27.85 -1.14
N VAL B 571 -25.80 -28.58 -0.22
CA VAL B 571 -25.24 -27.95 0.97
C VAL B 571 -23.76 -28.25 1.07
N SER B 572 -22.97 -27.20 1.20
CA SER B 572 -21.55 -27.36 1.41
C SER B 572 -21.30 -27.48 2.92
N VAL B 573 -20.56 -28.50 3.33
CA VAL B 573 -20.31 -28.73 4.74
C VAL B 573 -18.81 -28.69 5.02
N ARG B 574 -18.39 -27.62 5.69
CA ARG B 574 -16.98 -27.38 5.99
C ARG B 574 -16.61 -27.78 7.42
N LYS B 575 -15.60 -28.64 7.53
CA LYS B 575 -15.13 -29.13 8.82
C LYS B 575 -14.37 -28.05 9.58
N SER B 576 -13.84 -27.09 8.85
CA SER B 576 -13.05 -26.03 9.47
C SER B 576 -13.58 -24.69 9.01
N GLY B 577 -13.28 -23.64 9.79
CA GLY B 577 -13.70 -22.30 9.47
C GLY B 577 -15.00 -21.91 10.17
N GLY B 578 -15.53 -22.83 10.98
CA GLY B 578 -16.76 -22.58 11.72
C GLY B 578 -16.54 -21.81 13.02
N GLY B 579 -15.28 -21.61 13.40
CA GLY B 579 -14.98 -20.92 14.65
C GLY B 579 -15.48 -21.70 15.86
N ARG B 580 -15.94 -20.99 16.87
CA ARG B 580 -16.41 -21.63 18.09
C ARG B 580 -17.75 -21.05 18.52
N VAL B 581 -18.50 -21.83 19.27
CA VAL B 581 -19.81 -21.42 19.72
C VAL B 581 -19.91 -21.74 21.22
N TYR B 582 -20.27 -20.73 22.02
CA TYR B 582 -20.39 -20.87 23.47
C TYR B 582 -21.77 -20.47 23.94
N PRO B 583 -22.27 -21.12 24.99
CA PRO B 583 -23.57 -20.68 25.53
C PRO B 583 -23.44 -19.31 26.20
N VAL B 584 -24.49 -18.51 26.17
CA VAL B 584 -24.49 -17.24 26.89
C VAL B 584 -24.48 -17.57 28.39
N GLN B 585 -25.42 -18.41 28.80
CA GLN B 585 -25.47 -18.94 30.15
C GLN B 585 -25.84 -20.41 30.12
N GLY B 586 -25.48 -21.15 31.16
CA GLY B 586 -25.87 -22.54 31.25
C GLY B 586 -24.89 -23.48 30.59
N ARG B 587 -25.36 -24.68 30.28
CA ARG B 587 -24.51 -25.73 29.74
C ARG B 587 -24.52 -25.73 28.21
N LEU B 588 -23.45 -26.29 27.64
CA LEU B 588 -23.32 -26.43 26.19
C LEU B 588 -23.97 -27.71 25.70
N ALA B 589 -24.88 -27.59 24.75
CA ALA B 589 -25.60 -28.76 24.28
C ALA B 589 -25.50 -28.96 22.76
N ASP B 590 -25.74 -30.20 22.35
CA ASP B 590 -25.75 -30.60 20.95
C ASP B 590 -26.92 -30.05 20.16
N GLY B 591 -26.86 -30.26 18.85
CA GLY B 591 -27.95 -29.90 17.97
C GLY B 591 -28.21 -28.41 18.01
N LEU B 592 -27.15 -27.63 17.84
CA LEU B 592 -27.32 -26.17 17.83
C LEU B 592 -27.23 -25.67 16.40
N TYR B 593 -28.25 -24.92 15.99
CA TYR B 593 -28.31 -24.37 14.65
C TYR B 593 -28.17 -22.85 14.75
N VAL B 594 -27.14 -22.30 14.10
CA VAL B 594 -26.80 -20.90 14.26
C VAL B 594 -26.74 -20.14 12.93
N PRO B 595 -27.84 -19.49 12.56
CA PRO B 595 -27.87 -18.74 11.29
C PRO B 595 -26.86 -17.58 11.28
N LEU B 596 -26.13 -17.45 10.18
CA LEU B 596 -25.20 -16.34 10.02
C LEU B 596 -25.64 -15.50 8.83
N GLU B 597 -24.69 -15.01 8.03
CA GLU B 597 -25.05 -14.24 6.85
C GLU B 597 -25.86 -15.12 5.88
N ASP B 598 -26.37 -14.52 4.84
CA ASP B 598 -27.38 -15.14 4.00
C ASP B 598 -26.95 -16.51 3.48
N LYS B 599 -27.86 -17.46 3.58
CA LYS B 599 -27.67 -18.84 3.12
C LYS B 599 -26.57 -19.62 3.84
N THR B 600 -25.95 -19.02 4.85
CA THR B 600 -24.91 -19.71 5.59
C THR B 600 -25.29 -19.85 7.06
N PHE B 601 -24.93 -20.98 7.66
CA PHE B 601 -25.18 -21.17 9.08
C PHE B 601 -24.16 -22.09 9.71
N LEU B 602 -24.12 -22.11 11.04
CA LEU B 602 -23.27 -23.01 11.79
C LEU B 602 -24.12 -24.16 12.34
N LEU B 603 -23.51 -25.32 12.52
CA LEU B 603 -24.23 -26.44 13.11
C LEU B 603 -23.34 -27.20 14.09
N LEU B 604 -23.69 -27.14 15.36
CA LEU B 604 -23.02 -27.89 16.40
C LEU B 604 -23.72 -29.23 16.55
N THR B 605 -23.07 -30.27 16.05
CA THR B 605 -23.69 -31.57 15.90
C THR B 605 -23.32 -32.50 17.04
N VAL B 606 -22.07 -32.45 17.49
CA VAL B 606 -21.62 -33.32 18.58
C VAL B 606 -20.85 -32.56 19.65
N HIS B 607 -21.08 -32.95 20.90
CA HIS B 607 -20.31 -32.43 22.02
C HIS B 607 -20.34 -33.39 23.21
N ARG B 608 -19.21 -33.46 23.90
CA ARG B 608 -19.12 -34.24 25.13
C ARG B 608 -18.23 -33.51 26.12
N ASP B 609 -18.69 -33.43 27.37
CA ASP B 609 -17.95 -32.69 28.39
C ASP B 609 -16.52 -33.20 28.58
N PHE B 610 -16.33 -34.52 28.55
CA PHE B 610 -14.99 -35.09 28.77
C PHE B 610 -14.07 -34.78 27.61
N ARG B 611 -14.63 -34.19 26.56
CA ARG B 611 -13.90 -33.94 25.35
C ARG B 611 -13.58 -32.45 25.38
N GLY B 612 -12.87 -31.94 24.37
CA GLY B 612 -12.47 -30.55 24.39
C GLY B 612 -13.62 -29.59 24.13
N THR B 613 -13.33 -28.56 23.36
CA THR B 613 -14.34 -27.61 22.96
C THR B 613 -14.74 -28.04 21.56
N PRO B 614 -16.04 -28.12 21.30
CA PRO B 614 -16.50 -28.60 19.99
C PRO B 614 -16.10 -27.65 18.87
N ARG B 615 -15.96 -28.22 17.67
CA ARG B 615 -15.72 -27.46 16.46
C ARG B 615 -16.95 -27.55 15.56
N PRO B 616 -17.79 -26.51 15.57
CA PRO B 616 -19.02 -26.49 14.78
C PRO B 616 -18.74 -26.58 13.28
N LEU B 617 -19.56 -27.34 12.58
CA LEU B 617 -19.47 -27.37 11.14
C LEU B 617 -19.99 -26.05 10.60
N LYS B 618 -19.42 -25.59 9.49
CA LYS B 618 -19.97 -24.43 8.81
C LYS B 618 -20.65 -24.85 7.50
N LEU B 619 -21.90 -24.47 7.32
CA LEU B 619 -22.70 -24.94 6.18
C LEU B 619 -23.18 -23.81 5.29
N VAL B 620 -23.22 -24.08 3.98
CA VAL B 620 -23.76 -23.12 3.02
C VAL B 620 -24.80 -23.76 2.10
N HIS B 621 -26.01 -23.20 2.13
CA HIS B 621 -27.08 -23.63 1.24
C HIS B 621 -26.86 -23.00 -0.13
N GLU B 622 -26.38 -23.82 -1.07
CA GLU B 622 -25.96 -23.32 -2.36
C GLU B 622 -27.05 -23.39 -3.42
N ALA B 623 -27.93 -24.38 -3.29
CA ALA B 623 -29.01 -24.55 -4.25
C ALA B 623 -30.17 -25.30 -3.61
N GLY B 624 -31.36 -25.01 -4.12
CA GLY B 624 -32.57 -25.59 -3.59
C GLY B 624 -33.39 -24.56 -2.85
N ASP B 625 -34.61 -24.94 -2.46
CA ASP B 625 -35.52 -24.03 -1.81
C ASP B 625 -36.06 -24.57 -0.48
N THR B 626 -35.41 -25.59 0.07
CA THR B 626 -35.73 -26.04 1.41
C THR B 626 -35.24 -24.99 2.41
N PRO B 627 -36.07 -24.63 3.40
CA PRO B 627 -35.67 -23.69 4.46
C PRO B 627 -34.43 -24.15 5.23
N LEU B 628 -33.58 -23.22 5.68
CA LEU B 628 -32.34 -23.58 6.37
C LEU B 628 -32.57 -24.48 7.58
N GLU B 629 -33.61 -24.17 8.35
CA GLU B 629 -33.92 -24.94 9.55
C GLU B 629 -34.18 -26.40 9.22
N ALA B 630 -34.93 -26.65 8.16
CA ALA B 630 -35.26 -28.02 7.77
C ALA B 630 -34.01 -28.78 7.31
N LEU B 631 -33.16 -28.08 6.56
CA LEU B 631 -31.86 -28.62 6.16
C LEU B 631 -30.98 -29.00 7.36
N ALA B 632 -30.82 -28.06 8.27
CA ALA B 632 -29.98 -28.26 9.45
C ALA B 632 -30.52 -29.39 10.29
N HIS B 633 -31.85 -29.44 10.41
CA HIS B 633 -32.52 -30.49 11.14
C HIS B 633 -32.19 -31.85 10.51
N GLN B 634 -32.37 -31.96 9.20
CA GLN B 634 -32.09 -33.24 8.55
C GLN B 634 -30.62 -33.65 8.64
N ILE B 635 -29.72 -32.71 8.44
CA ILE B 635 -28.29 -33.00 8.47
C ILE B 635 -27.85 -33.45 9.88
N PHE B 636 -28.28 -32.68 10.87
CA PHE B 636 -27.98 -33.02 12.26
C PHE B 636 -28.50 -34.42 12.58
N HIS B 637 -29.73 -34.69 12.20
CA HIS B 637 -30.30 -36.01 12.45
C HIS B 637 -29.50 -37.08 11.72
N LEU B 638 -29.01 -36.73 10.54
CA LEU B 638 -28.19 -37.66 9.76
C LEU B 638 -26.88 -38.02 10.47
N THR B 639 -26.37 -37.14 11.34
CA THR B 639 -25.15 -37.53 12.10
C THR B 639 -25.32 -38.76 13.00
N ARG B 640 -26.55 -39.08 13.42
CA ARG B 640 -26.71 -40.19 14.37
C ARG B 640 -26.91 -41.55 13.69
N LEU B 641 -26.81 -41.58 12.37
CA LEU B 641 -27.13 -42.79 11.60
C LEU B 641 -25.94 -43.74 11.37
N TYR B 642 -24.73 -43.31 11.72
CA TYR B 642 -23.56 -44.14 11.46
C TYR B 642 -23.60 -45.44 12.26
N PRO B 643 -23.67 -46.58 11.56
CA PRO B 643 -23.87 -47.89 12.19
C PRO B 643 -22.61 -48.51 12.81
N ALA B 644 -21.45 -47.97 12.48
CA ALA B 644 -20.19 -48.58 12.91
C ALA B 644 -19.59 -47.90 14.13
N SER B 645 -20.28 -46.97 14.76
CA SER B 645 -19.69 -46.37 15.94
C SER B 645 -20.32 -46.88 17.23
N GLY B 646 -21.64 -46.90 17.34
CA GLY B 646 -22.25 -47.52 18.51
C GLY B 646 -22.21 -46.86 19.88
N PHE B 647 -21.24 -45.98 20.15
CA PHE B 647 -21.17 -45.31 21.46
C PHE B 647 -20.91 -43.82 21.32
N ALA B 648 -20.54 -43.39 20.14
CA ALA B 648 -20.27 -41.97 19.91
C ALA B 648 -20.66 -41.61 18.48
N PHE B 649 -21.45 -40.55 18.35
CA PHE B 649 -21.91 -40.10 17.05
C PHE B 649 -20.84 -39.29 16.34
N PRO B 650 -20.73 -39.48 15.01
CA PRO B 650 -19.83 -38.66 14.20
C PRO B 650 -20.29 -37.22 14.10
N ARG B 651 -19.32 -36.33 13.97
CA ARG B 651 -19.56 -34.92 13.71
C ARG B 651 -20.24 -34.68 12.37
N LEU B 652 -19.81 -35.39 11.34
CA LEU B 652 -20.36 -35.23 10.00
C LEU B 652 -21.67 -36.00 9.82
N PRO B 653 -22.55 -35.49 8.95
CA PRO B 653 -23.71 -36.30 8.60
C PRO B 653 -23.26 -37.62 7.96
N ALA B 654 -23.95 -38.70 8.29
CA ALA B 654 -23.51 -40.05 7.92
C ALA B 654 -23.08 -40.27 6.45
N PRO B 655 -23.79 -39.68 5.46
CA PRO B 655 -23.31 -39.93 4.09
C PRO B 655 -21.88 -39.40 3.83
N LEU B 656 -21.54 -38.24 4.40
CA LEU B 656 -20.18 -37.71 4.25
C LEU B 656 -19.16 -38.50 5.08
N HIS B 657 -19.54 -38.92 6.28
CA HIS B 657 -18.65 -39.73 7.10
C HIS B 657 -18.30 -41.05 6.39
N LEU B 658 -19.34 -41.70 5.88
CA LEU B 658 -19.21 -42.92 5.07
C LEU B 658 -18.35 -42.68 3.84
N ALA B 659 -18.64 -41.62 3.09
CA ALA B 659 -17.87 -41.31 1.88
C ALA B 659 -16.38 -41.13 2.18
N ASP B 660 -16.10 -40.45 3.28
CA ASP B 660 -14.73 -40.28 3.74
C ASP B 660 -14.02 -41.60 4.01
N ARG B 661 -14.63 -42.43 4.88
CA ARG B 661 -14.00 -43.70 5.23
C ARG B 661 -13.85 -44.61 3.99
N LEU B 662 -14.81 -44.52 3.08
CA LEU B 662 -14.78 -45.28 1.84
C LEU B 662 -13.59 -44.87 1.00
N VAL B 663 -13.41 -43.56 0.79
CA VAL B 663 -12.27 -43.07 0.01
C VAL B 663 -10.95 -43.50 0.65
N LYS B 664 -10.86 -43.37 1.97
CA LYS B 664 -9.66 -43.83 2.68
C LYS B 664 -9.35 -45.29 2.38
N GLU B 665 -10.36 -46.15 2.48
CA GLU B 665 -10.12 -47.57 2.28
C GLU B 665 -9.83 -47.90 0.83
N VAL B 666 -10.42 -47.14 -0.09
CA VAL B 666 -10.12 -47.28 -1.52
C VAL B 666 -8.64 -46.99 -1.77
N GLY B 667 -8.15 -45.93 -1.12
CA GLY B 667 -6.74 -45.58 -1.23
C GLY B 667 -5.83 -46.63 -0.64
N ARG B 668 -6.28 -47.24 0.46
CA ARG B 668 -5.47 -48.22 1.16
C ARG B 668 -5.51 -49.63 0.56
N LEU B 669 -6.54 -49.91 -0.26
CA LEU B 669 -6.76 -51.26 -0.78
C LEU B 669 -6.64 -51.40 -2.30
N GLY B 670 -6.71 -50.29 -3.02
CA GLY B 670 -6.64 -50.33 -4.47
C GLY B 670 -8.03 -50.54 -5.03
N ILE B 671 -8.42 -49.69 -5.97
CA ILE B 671 -9.80 -49.59 -6.43
C ILE B 671 -10.18 -50.59 -7.52
N VAL B 677 -19.06 -57.36 -4.41
CA VAL B 677 -19.54 -56.77 -3.17
C VAL B 677 -20.87 -56.04 -3.36
N ASP B 678 -21.90 -56.53 -2.68
CA ASP B 678 -23.21 -55.86 -2.70
C ASP B 678 -23.05 -54.41 -2.27
N ARG B 679 -23.85 -53.53 -2.85
CA ARG B 679 -23.69 -52.10 -2.62
C ARG B 679 -24.30 -51.64 -1.30
N GLU B 680 -24.98 -52.54 -0.61
CA GLU B 680 -25.47 -52.25 0.73
C GLU B 680 -24.49 -52.76 1.79
N LYS B 681 -23.44 -53.44 1.34
CA LYS B 681 -22.41 -53.93 2.24
C LYS B 681 -21.33 -52.88 2.50
N LEU B 682 -21.36 -52.28 3.68
CA LEU B 682 -20.45 -51.19 4.05
C LEU B 682 -19.08 -51.73 4.44
N PHE B 683 -18.35 -52.27 3.47
CA PHE B 683 -17.10 -53.00 3.70
C PHE B 683 -15.95 -52.17 4.29
N PHE B 684 -16.06 -50.85 4.17
CA PHE B 684 -14.97 -49.93 4.47
C PHE B 684 -15.00 -49.31 5.88
N VAL B 685 -15.98 -49.67 6.69
CA VAL B 685 -16.14 -49.01 7.97
C VAL B 685 -15.20 -49.61 9.00
#